data_8YD8
#
_entry.id   8YD8
#
_cell.length_a   113.170
_cell.length_b   149.680
_cell.length_c   175.683
_cell.angle_alpha   90.000
_cell.angle_beta   90.000
_cell.angle_gamma   90.000
#
_symmetry.space_group_name_H-M   'P 21 21 21'
#
loop_
_entity.id
_entity.type
_entity.pdbx_description
1 polymer 'CASP8 and FADD-like apoptosis regulator subunit p43'
2 polymer Caspase-8
3 polymer 'FAS-associated death domain protein'
#
loop_
_entity_poly.entity_id
_entity_poly.type
_entity_poly.pdbx_seq_one_letter_code
_entity_poly.pdbx_strand_id
1 'polypeptide(L)'
;MSAEVIGQVEEALDTDEKEMLLFLCRDVAIDVVPPNVRDLLDILRERGKLSVGDLAELLYRVRRFDLLKRILKMDRKAVE
THLLRNPHLVSDYRVLMAEIGEDLDKSDVSSLIFLMKDYMGRGKISKEKSFLDLVVELEKLNLVAPDQLDLLEKCLKNIH
RIDLKTKIQKYKQSVQGAGTS
;
I,H,J,K
2 'polypeptide(L)'
;MDFSRNLYDIGEQLDSEDLASLKFLSLDYIPQRKQEPIKDALMLFQRLQEKRMLEESNLSFLKELLFRINRLDLLITYLN
TRKEEMERELQTPGRAQISAYRVMLYQISEEVSRSELRSFKGGLQEEISKCKLDDDMNLLDIFIEMEKRVILGEGKLDIL
KRVCAQINKSLLKIINDYEEFSKER
;
D,C,B,E,A
3 'polypeptide(L)'
;MDPFLVLLGSVSSSLSSSELTELKFLCLGRVGKRKLERVQSGLDLFSMLLEQNDLEPGHTELLRELLASLRRHDLLRRVD
DFEAGAAAGAAPGEEDLCAAFNVICDNVGKDWRRLARQLKVSDTKIDSIEDRYPRNLTERVRESLRIWKNTEKENATVAH
LVGALRSCQMNLVADLVQEVQQARDLQNRSGAMSPMSWNSDASTSEASLEHHHHHH
;
L
#
# COMPACT_ATOMS: atom_id res chain seq x y z
N MET A 1 45.58 -19.66 -26.83
CA MET A 1 46.97 -19.97 -26.51
C MET A 1 47.16 -21.47 -26.31
N SER A 2 46.08 -22.15 -25.95
CA SER A 2 46.10 -23.59 -25.72
C SER A 2 44.64 -24.05 -25.65
N ALA A 3 44.44 -25.33 -25.30
CA ALA A 3 43.09 -25.83 -25.08
C ALA A 3 42.57 -25.43 -23.70
N GLU A 4 43.48 -25.24 -22.73
CA GLU A 4 43.08 -24.76 -21.42
C GLU A 4 42.47 -23.36 -21.51
N VAL A 5 42.98 -22.54 -22.43
CA VAL A 5 42.43 -21.20 -22.60
C VAL A 5 41.01 -21.29 -23.13
N ILE A 6 40.76 -22.18 -24.10
CA ILE A 6 39.42 -22.34 -24.64
C ILE A 6 38.48 -22.86 -23.55
N GLY A 7 38.95 -23.81 -22.74
CA GLY A 7 38.13 -24.31 -21.66
C GLY A 7 37.78 -23.25 -20.63
N GLN A 8 38.77 -22.42 -20.25
CA GLN A 8 38.51 -21.35 -19.30
C GLN A 8 37.51 -20.34 -19.87
N VAL A 9 37.67 -19.97 -21.14
CA VAL A 9 36.73 -19.02 -21.75
C VAL A 9 35.33 -19.61 -21.79
N GLU A 10 35.21 -20.87 -22.18
CA GLU A 10 33.88 -21.49 -22.26
C GLU A 10 33.24 -21.63 -20.89
N GLU A 11 34.05 -21.88 -19.85
CA GLU A 11 33.50 -22.06 -18.51
C GLU A 11 33.15 -20.74 -17.85
N ALA A 12 33.86 -19.65 -18.18
CA ALA A 12 33.65 -18.37 -17.52
C ALA A 12 32.59 -17.51 -18.20
N LEU A 13 32.29 -17.76 -19.46
CA LEU A 13 31.28 -16.97 -20.17
C LEU A 13 29.89 -17.22 -19.62
N ASP A 14 29.04 -16.20 -19.72
CA ASP A 14 27.65 -16.29 -19.30
C ASP A 14 26.81 -16.79 -20.47
N THR A 15 25.55 -17.16 -20.18
CA THR A 15 24.70 -17.75 -21.21
C THR A 15 24.40 -16.74 -22.30
N ASP A 16 24.00 -15.51 -21.91
CA ASP A 16 23.74 -14.47 -22.89
C ASP A 16 25.02 -14.12 -23.64
N GLU A 17 26.14 -14.10 -22.92
CA GLU A 17 27.43 -13.83 -23.56
C GLU A 17 27.80 -14.91 -24.56
N LYS A 18 27.53 -16.18 -24.22
CA LYS A 18 27.78 -17.28 -25.15
C LYS A 18 26.92 -17.14 -26.41
N GLU A 19 25.64 -16.86 -26.23
CA GLU A 19 24.75 -16.69 -27.39
C GLU A 19 25.18 -15.52 -28.25
N MET A 20 25.60 -14.42 -27.62
CA MET A 20 26.07 -13.27 -28.38
C MET A 20 27.36 -13.60 -29.13
N LEU A 21 28.26 -14.35 -28.52
CA LEU A 21 29.49 -14.75 -29.20
C LEU A 21 29.18 -15.62 -30.42
N LEU A 22 28.23 -16.55 -30.29
CA LEU A 22 27.83 -17.36 -31.43
C LEU A 22 27.22 -16.50 -32.52
N PHE A 23 26.40 -15.52 -32.15
CA PHE A 23 25.80 -14.65 -33.16
C PHE A 23 26.88 -13.84 -33.87
N LEU A 24 27.85 -13.32 -33.12
CA LEU A 24 28.90 -12.51 -33.73
C LEU A 24 29.79 -13.34 -34.64
N CYS A 25 29.96 -14.62 -34.33
CA CYS A 25 30.77 -15.50 -35.17
C CYS A 25 29.94 -16.26 -36.19
N ARG A 26 28.66 -15.92 -36.34
CA ARG A 26 27.83 -16.55 -37.36
C ARG A 26 28.32 -16.29 -38.78
N ASP A 27 29.06 -15.21 -38.99
CA ASP A 27 29.55 -14.83 -40.32
C ASP A 27 30.94 -15.37 -40.63
N VAL A 28 31.60 -16.05 -39.70
CA VAL A 28 32.93 -16.58 -39.97
C VAL A 28 32.84 -17.96 -40.62
N ALA A 29 32.30 -18.93 -39.89
CA ALA A 29 32.15 -20.29 -40.39
C ALA A 29 30.69 -20.52 -40.74
N ILE A 30 30.37 -20.52 -42.03
CA ILE A 30 29.03 -20.85 -42.50
C ILE A 30 28.96 -22.27 -43.06
N ASP A 31 30.10 -22.93 -43.26
CA ASP A 31 30.07 -24.35 -43.60
C ASP A 31 29.37 -25.16 -42.51
N VAL A 32 29.76 -24.93 -41.26
CA VAL A 32 29.13 -25.54 -40.10
C VAL A 32 28.49 -24.44 -39.25
N VAL A 33 27.34 -24.75 -38.65
CA VAL A 33 26.70 -23.85 -37.69
C VAL A 33 27.00 -24.43 -36.32
N PRO A 34 27.93 -23.83 -35.56
CA PRO A 34 28.36 -24.43 -34.28
C PRO A 34 27.22 -24.46 -33.28
N PRO A 35 27.05 -25.57 -32.57
CA PRO A 35 25.97 -25.65 -31.58
C PRO A 35 26.25 -24.84 -30.33
N ASN A 36 27.49 -24.84 -29.84
CA ASN A 36 27.85 -24.14 -28.62
C ASN A 36 29.18 -23.43 -28.81
N VAL A 37 29.64 -22.79 -27.74
CA VAL A 37 30.84 -21.95 -27.82
C VAL A 37 32.10 -22.80 -27.85
N ARG A 38 32.13 -23.91 -27.11
CA ARG A 38 33.32 -24.76 -27.10
C ARG A 38 33.61 -25.30 -28.50
N ASP A 39 32.58 -25.80 -29.19
CA ASP A 39 32.76 -26.30 -30.54
C ASP A 39 33.15 -25.18 -31.50
N LEU A 40 32.56 -23.99 -31.31
CA LEU A 40 32.91 -22.86 -32.17
C LEU A 40 34.38 -22.49 -32.03
N LEU A 41 34.87 -22.42 -30.78
CA LEU A 41 36.27 -22.07 -30.55
C LEU A 41 37.20 -23.16 -31.06
N ASP A 42 36.81 -24.44 -30.90
CA ASP A 42 37.61 -25.52 -31.44
C ASP A 42 37.69 -25.44 -32.96
N ILE A 43 36.58 -25.14 -33.62
CA ILE A 43 36.58 -24.99 -35.08
C ILE A 43 37.46 -23.82 -35.50
N LEU A 44 37.38 -22.71 -34.77
CA LEU A 44 38.21 -21.56 -35.11
C LEU A 44 39.69 -21.89 -34.94
N ARG A 45 40.04 -22.61 -33.87
CA ARG A 45 41.43 -22.99 -33.65
C ARG A 45 41.91 -23.94 -34.73
N GLU A 46 41.06 -24.88 -35.17
CA GLU A 46 41.45 -25.81 -36.21
C GLU A 46 41.65 -25.10 -37.54
N ARG A 47 40.74 -24.17 -37.87
CA ARG A 47 40.84 -23.42 -39.12
C ARG A 47 41.87 -22.29 -39.06
N GLY A 48 42.54 -22.09 -37.92
CA GLY A 48 43.55 -21.07 -37.81
C GLY A 48 43.05 -19.66 -37.60
N LYS A 49 41.76 -19.49 -37.26
CA LYS A 49 41.16 -18.18 -37.06
C LYS A 49 41.04 -17.79 -35.59
N LEU A 50 41.73 -18.49 -34.69
CA LEU A 50 41.70 -18.17 -33.26
C LEU A 50 43.12 -17.87 -32.79
N SER A 51 43.60 -16.69 -33.15
CA SER A 51 44.88 -16.17 -32.66
C SER A 51 44.65 -15.47 -31.31
N VAL A 52 45.69 -14.78 -30.83
CA VAL A 52 45.51 -13.94 -29.64
C VAL A 52 44.62 -12.75 -29.97
N GLY A 53 44.83 -12.14 -31.14
CA GLY A 53 44.03 -10.98 -31.51
C GLY A 53 42.58 -11.32 -31.78
N ASP A 54 42.32 -12.50 -32.35
CA ASP A 54 40.94 -12.90 -32.61
C ASP A 54 40.17 -13.14 -31.32
N LEU A 55 40.77 -13.87 -30.37
CA LEU A 55 40.12 -14.08 -29.09
C LEU A 55 39.99 -12.77 -28.32
N ALA A 56 40.96 -11.87 -28.45
CA ALA A 56 40.87 -10.57 -27.80
C ALA A 56 39.70 -9.76 -28.36
N GLU A 57 39.54 -9.75 -29.69
CA GLU A 57 38.41 -9.06 -30.27
C GLU A 57 37.09 -9.68 -29.84
N LEU A 58 37.04 -11.03 -29.78
CA LEU A 58 35.82 -11.69 -29.34
C LEU A 58 35.44 -11.30 -27.93
N LEU A 59 36.41 -11.36 -27.00
CA LEU A 59 36.13 -10.96 -25.62
C LEU A 59 35.80 -9.48 -25.51
N TYR A 60 36.39 -8.65 -26.36
CA TYR A 60 36.09 -7.22 -26.35
C TYR A 60 34.67 -6.93 -26.81
N ARG A 61 34.19 -7.66 -27.82
CA ARG A 61 32.85 -7.41 -28.34
C ARG A 61 31.77 -7.86 -27.36
N VAL A 62 32.04 -8.86 -26.54
CA VAL A 62 31.08 -9.32 -25.54
C VAL A 62 31.27 -8.54 -24.25
N ARG A 63 32.06 -7.46 -24.32
CA ARG A 63 32.22 -6.53 -23.20
C ARG A 63 32.67 -7.26 -21.93
N ARG A 64 33.68 -8.11 -22.08
CA ARG A 64 34.19 -8.96 -21.00
C ARG A 64 35.67 -8.65 -20.80
N PHE A 65 35.94 -7.45 -20.31
CA PHE A 65 37.32 -6.97 -20.18
C PHE A 65 38.08 -7.69 -19.07
N ASP A 66 37.37 -8.15 -18.03
CA ASP A 66 38.03 -8.90 -16.97
C ASP A 66 38.71 -10.15 -17.53
N LEU A 67 38.06 -10.82 -18.49
CA LEU A 67 38.67 -12.00 -19.10
C LEU A 67 39.85 -11.61 -19.98
N LEU A 68 39.76 -10.48 -20.68
CA LEU A 68 40.90 -9.99 -21.44
C LEU A 68 42.11 -9.82 -20.56
N LYS A 69 41.93 -9.17 -19.40
CA LYS A 69 43.06 -8.93 -18.51
C LYS A 69 43.56 -10.23 -17.88
N ARG A 70 42.64 -11.11 -17.49
CA ARG A 70 43.04 -12.30 -16.75
C ARG A 70 43.74 -13.31 -17.65
N ILE A 71 43.26 -13.48 -18.88
CA ILE A 71 43.73 -14.54 -19.76
C ILE A 71 44.71 -14.04 -20.82
N LEU A 72 44.40 -12.93 -21.49
CA LEU A 72 45.24 -12.43 -22.56
C LEU A 72 46.17 -11.29 -22.14
N LYS A 73 46.06 -10.82 -20.89
CA LYS A 73 46.90 -9.74 -20.37
C LYS A 73 46.83 -8.52 -21.28
N MET A 74 45.61 -8.10 -21.59
CA MET A 74 45.37 -6.95 -22.44
C MET A 74 44.28 -6.09 -21.83
N ASP A 75 44.32 -4.80 -22.16
CA ASP A 75 43.31 -3.85 -21.71
C ASP A 75 42.47 -3.39 -22.91
N ARG A 76 41.58 -2.43 -22.66
CA ARG A 76 40.74 -1.91 -23.73
C ARG A 76 41.58 -1.19 -24.78
N LYS A 77 42.59 -0.44 -24.34
CA LYS A 77 43.41 0.34 -25.27
C LYS A 77 44.15 -0.56 -26.25
N ALA A 78 44.67 -1.69 -25.77
CA ALA A 78 45.42 -2.60 -26.62
C ALA A 78 44.52 -3.20 -27.70
N VAL A 79 43.34 -3.68 -27.31
CA VAL A 79 42.42 -4.28 -28.28
C VAL A 79 41.90 -3.23 -29.25
N GLU A 80 41.69 -2.00 -28.78
CA GLU A 80 41.24 -0.95 -29.68
C GLU A 80 42.32 -0.59 -30.70
N THR A 81 43.57 -0.51 -30.26
CA THR A 81 44.66 -0.24 -31.20
C THR A 81 44.82 -1.40 -32.19
N HIS A 82 44.64 -2.64 -31.72
CA HIS A 82 44.67 -3.78 -32.63
C HIS A 82 43.57 -3.70 -33.66
N LEU A 83 42.35 -3.33 -33.24
CA LEU A 83 41.24 -3.22 -34.19
C LEU A 83 41.46 -2.06 -35.16
N LEU A 84 42.13 -1.00 -34.72
CA LEU A 84 42.43 0.10 -35.64
C LEU A 84 43.54 -0.27 -36.60
N ARG A 85 44.45 -1.15 -36.20
CA ARG A 85 45.61 -1.50 -37.01
C ARG A 85 45.37 -2.68 -37.93
N ASN A 86 44.65 -3.69 -37.46
CA ASN A 86 44.50 -4.96 -38.16
C ASN A 86 43.05 -5.19 -38.57
N PRO A 87 42.80 -6.03 -39.57
CA PRO A 87 41.42 -6.31 -39.99
C PRO A 87 40.62 -7.03 -38.90
N HIS A 88 39.31 -6.76 -38.89
CA HIS A 88 38.41 -7.27 -37.87
C HIS A 88 37.91 -8.67 -38.22
N LEU A 89 37.64 -9.46 -37.17
CA LEU A 89 37.01 -10.76 -37.37
C LEU A 89 35.49 -10.64 -37.46
N VAL A 90 34.90 -9.71 -36.72
CA VAL A 90 33.46 -9.52 -36.66
C VAL A 90 33.12 -8.18 -37.31
N SER A 91 32.22 -8.20 -38.29
CA SER A 91 31.86 -7.00 -39.01
C SER A 91 31.09 -6.04 -38.10
N ASP A 92 31.08 -4.77 -38.49
CA ASP A 92 30.34 -3.76 -37.74
C ASP A 92 28.85 -4.00 -37.77
N TYR A 93 28.35 -4.73 -38.77
CA TYR A 93 26.93 -5.05 -38.83
C TYR A 93 26.52 -5.95 -37.67
N ARG A 94 27.34 -6.98 -37.39
CA ARG A 94 27.03 -7.86 -36.26
C ARG A 94 27.10 -7.10 -34.93
N VAL A 95 28.06 -6.18 -34.81
CA VAL A 95 28.18 -5.38 -33.59
C VAL A 95 26.96 -4.48 -33.44
N LEU A 96 26.48 -3.90 -34.54
CA LEU A 96 25.28 -3.08 -34.49
C LEU A 96 24.07 -3.89 -34.06
N MET A 97 23.92 -5.09 -34.62
CA MET A 97 22.81 -5.96 -34.24
C MET A 97 22.88 -6.32 -32.76
N ALA A 98 24.09 -6.63 -32.26
CA ALA A 98 24.23 -6.98 -30.85
C ALA A 98 23.92 -5.79 -29.95
N GLU A 99 24.34 -4.59 -30.35
CA GLU A 99 24.04 -3.40 -29.56
C GLU A 99 22.54 -3.13 -29.52
N ILE A 100 21.87 -3.23 -30.67
CA ILE A 100 20.42 -3.04 -30.70
C ILE A 100 19.74 -4.07 -29.81
N GLY A 101 20.23 -5.31 -29.84
CA GLY A 101 19.65 -6.33 -28.97
C GLY A 101 19.85 -6.02 -27.50
N GLU A 102 21.02 -5.47 -27.15
CA GLU A 102 21.28 -5.15 -25.75
C GLU A 102 20.41 -4.00 -25.25
N ASP A 103 19.97 -3.12 -26.15
CA ASP A 103 19.13 -1.99 -25.79
C ASP A 103 17.65 -2.27 -26.01
N LEU A 104 17.26 -3.55 -26.04
CA LEU A 104 15.87 -3.94 -26.21
C LEU A 104 15.49 -4.91 -25.10
N ASP A 105 14.39 -4.62 -24.42
CA ASP A 105 13.85 -5.52 -23.40
C ASP A 105 12.93 -6.55 -24.05
N LYS A 106 12.36 -7.42 -23.22
CA LYS A 106 11.56 -8.53 -23.75
C LYS A 106 10.26 -8.04 -24.40
N SER A 107 9.64 -7.01 -23.82
CA SER A 107 8.43 -6.46 -24.41
C SER A 107 8.74 -5.77 -25.74
N ASP A 108 9.86 -5.07 -25.83
CA ASP A 108 10.25 -4.44 -27.07
C ASP A 108 10.47 -5.48 -28.17
N VAL A 109 11.16 -6.57 -27.84
CA VAL A 109 11.40 -7.63 -28.82
C VAL A 109 10.09 -8.30 -29.20
N SER A 110 9.17 -8.45 -28.25
CA SER A 110 7.87 -9.05 -28.54
C SER A 110 7.09 -8.20 -29.55
N SER A 111 7.01 -6.89 -29.30
CA SER A 111 6.30 -6.02 -30.24
C SER A 111 7.01 -5.97 -31.59
N LEU A 112 8.34 -6.03 -31.58
CA LEU A 112 9.08 -6.01 -32.84
C LEU A 112 8.82 -7.29 -33.64
N ILE A 113 8.77 -8.43 -32.96
CA ILE A 113 8.43 -9.68 -33.64
C ILE A 113 7.00 -9.64 -34.17
N PHE A 114 6.09 -9.05 -33.40
CA PHE A 114 4.71 -8.93 -33.88
C PHE A 114 4.63 -8.10 -35.15
N LEU A 115 5.45 -7.04 -35.23
CA LEU A 115 5.44 -6.24 -36.46
C LEU A 115 6.13 -6.95 -37.60
N MET A 116 7.18 -7.72 -37.31
CA MET A 116 7.97 -8.37 -38.35
C MET A 116 7.33 -9.64 -38.91
N LYS A 117 6.45 -10.31 -38.15
CA LYS A 117 5.92 -11.59 -38.59
C LYS A 117 5.04 -11.51 -39.84
N ASP A 118 4.61 -10.30 -40.24
CA ASP A 118 3.88 -10.17 -41.49
C ASP A 118 4.79 -10.36 -42.69
N TYR A 119 6.07 -10.01 -42.56
CA TYR A 119 7.03 -10.06 -43.64
C TYR A 119 7.77 -11.40 -43.70
N MET A 120 7.48 -12.31 -42.77
CA MET A 120 8.11 -13.62 -42.72
C MET A 120 7.04 -14.69 -42.54
N GLY A 121 7.47 -15.94 -42.45
CA GLY A 121 6.56 -17.05 -42.28
C GLY A 121 5.95 -17.51 -43.59
N GLU A 128 9.09 -17.29 -26.97
CA GLU A 128 9.94 -16.19 -26.51
C GLU A 128 11.34 -16.27 -27.12
N LYS A 129 11.51 -15.61 -28.26
CA LYS A 129 12.80 -15.57 -28.93
C LYS A 129 13.51 -14.26 -28.60
N SER A 130 14.84 -14.31 -28.60
CA SER A 130 15.61 -13.10 -28.36
C SER A 130 15.69 -12.27 -29.63
N PHE A 131 16.29 -11.07 -29.50
CA PHE A 131 16.47 -10.23 -30.67
C PHE A 131 17.48 -10.84 -31.64
N LEU A 132 18.50 -11.51 -31.13
CA LEU A 132 19.51 -12.12 -32.00
C LEU A 132 18.91 -13.27 -32.81
N ASP A 133 18.01 -14.04 -32.20
CA ASP A 133 17.33 -15.09 -32.95
C ASP A 133 16.45 -14.50 -34.04
N LEU A 134 15.77 -13.39 -33.75
CA LEU A 134 14.98 -12.72 -34.77
C LEU A 134 15.86 -12.21 -35.91
N VAL A 135 17.03 -11.67 -35.58
CA VAL A 135 17.95 -11.20 -36.61
C VAL A 135 18.44 -12.37 -37.45
N VAL A 136 18.72 -13.51 -36.82
CA VAL A 136 19.18 -14.69 -37.55
C VAL A 136 18.10 -15.16 -38.52
N GLU A 137 16.85 -15.22 -38.06
CA GLU A 137 15.76 -15.61 -38.95
C GLU A 137 15.57 -14.62 -40.09
N LEU A 138 15.66 -13.31 -39.79
CA LEU A 138 15.50 -12.30 -40.82
C LEU A 138 16.61 -12.39 -41.86
N GLU A 139 17.84 -12.72 -41.42
CA GLU A 139 18.93 -12.93 -42.36
C GLU A 139 18.68 -14.16 -43.22
N LYS A 140 18.24 -15.26 -42.60
CA LYS A 140 17.91 -16.46 -43.36
C LYS A 140 16.75 -16.24 -44.32
N LEU A 141 15.98 -15.17 -44.14
CA LEU A 141 14.89 -14.83 -45.05
C LEU A 141 15.20 -13.62 -45.91
N ASN A 142 16.47 -13.18 -45.94
CA ASN A 142 16.92 -12.04 -46.75
C ASN A 142 16.11 -10.77 -46.44
N LEU A 143 15.86 -10.55 -45.15
CA LEU A 143 15.12 -9.37 -44.71
C LEU A 143 15.98 -8.32 -44.03
N VAL A 144 17.18 -8.69 -43.57
CA VAL A 144 18.12 -7.73 -43.00
C VAL A 144 19.51 -8.08 -43.52
N ALA A 145 20.33 -7.06 -43.75
CA ALA A 145 21.67 -7.24 -44.30
C ALA A 145 22.42 -5.93 -44.09
N PRO A 146 23.76 -5.96 -44.14
CA PRO A 146 24.52 -4.70 -44.02
C PRO A 146 24.12 -3.65 -45.04
N ASP A 147 23.65 -4.06 -46.21
CA ASP A 147 23.15 -3.14 -47.22
C ASP A 147 21.63 -3.13 -47.29
N GLN A 148 20.95 -3.72 -46.29
CA GLN A 148 19.49 -3.84 -46.28
C GLN A 148 19.02 -3.70 -44.84
N LEU A 149 18.88 -2.45 -44.40
CA LEU A 149 18.44 -2.16 -43.04
C LEU A 149 17.18 -1.30 -42.98
N ASP A 150 16.57 -0.98 -44.11
CA ASP A 150 15.43 -0.08 -44.12
C ASP A 150 14.24 -0.66 -43.35
N LEU A 151 14.03 -1.98 -43.48
CA LEU A 151 12.89 -2.62 -42.81
C LEU A 151 13.08 -2.60 -41.30
N LEU A 152 14.25 -3.01 -40.82
CA LEU A 152 14.52 -2.99 -39.38
C LEU A 152 14.50 -1.56 -38.85
N GLU A 153 15.02 -0.62 -39.63
CA GLU A 153 15.02 0.78 -39.19
C GLU A 153 13.60 1.31 -39.04
N LYS A 154 12.73 1.05 -40.02
CA LYS A 154 11.36 1.52 -39.92
C LYS A 154 10.60 0.81 -38.80
N CYS A 155 10.89 -0.49 -38.58
CA CYS A 155 10.24 -1.20 -37.50
C CYS A 155 10.66 -0.65 -36.14
N LEU A 156 11.93 -0.28 -36.00
CA LEU A 156 12.39 0.35 -34.76
C LEU A 156 11.79 1.74 -34.60
N LYS A 157 11.57 2.44 -35.72
CA LYS A 157 10.88 3.73 -35.65
C LYS A 157 9.44 3.57 -35.18
N ASN A 158 8.79 2.47 -35.58
CA ASN A 158 7.40 2.24 -35.21
C ASN A 158 7.24 1.80 -33.75
N ILE A 159 8.28 1.28 -33.12
CA ILE A 159 8.22 0.89 -31.71
C ILE A 159 8.72 2.06 -30.87
N HIS A 160 8.77 3.24 -31.48
CA HIS A 160 9.15 4.47 -30.80
C HIS A 160 10.56 4.37 -30.21
N ARG A 161 11.44 3.64 -30.90
CA ARG A 161 12.83 3.50 -30.50
C ARG A 161 13.70 4.25 -31.51
N ILE A 162 13.62 5.58 -31.47
CA ILE A 162 14.33 6.41 -32.43
C ILE A 162 15.83 6.39 -32.17
N ASP A 163 16.25 6.10 -30.93
CA ASP A 163 17.67 6.01 -30.64
C ASP A 163 18.33 4.88 -31.43
N LEU A 164 17.65 3.73 -31.55
CA LEU A 164 18.18 2.65 -32.36
C LEU A 164 18.14 2.98 -33.84
N LYS A 165 17.13 3.72 -34.28
CA LYS A 165 17.10 4.22 -35.65
C LYS A 165 18.32 5.10 -35.93
N THR A 166 18.69 5.94 -34.97
CA THR A 166 19.88 6.78 -35.15
C THR A 166 21.16 5.96 -35.10
N LYS A 167 21.20 4.91 -34.28
CA LYS A 167 22.34 3.99 -34.33
C LYS A 167 22.50 3.37 -35.71
N ILE A 168 21.39 2.95 -36.31
CA ILE A 168 21.43 2.39 -37.66
C ILE A 168 21.89 3.46 -38.66
N GLN A 169 21.43 4.70 -38.49
CA GLN A 169 21.86 5.79 -39.35
C GLN A 169 23.36 6.06 -39.21
N LYS A 170 23.88 5.96 -37.99
CA LYS A 170 25.30 6.12 -37.76
C LYS A 170 26.09 5.01 -38.46
N TYR A 171 25.60 3.77 -38.40
CA TYR A 171 26.26 2.69 -39.14
C TYR A 171 26.25 2.97 -40.64
N LYS A 172 25.11 3.44 -41.17
CA LYS A 172 25.02 3.73 -42.59
C LYS A 172 26.00 4.83 -42.99
N GLN A 173 26.15 5.85 -42.14
CA GLN A 173 27.15 6.88 -42.39
C GLN A 173 28.57 6.34 -42.25
N SER A 174 28.76 5.34 -41.38
CA SER A 174 30.07 4.70 -41.21
C SER A 174 30.42 3.82 -42.41
N VAL A 175 29.44 3.46 -43.22
CA VAL A 175 29.72 2.67 -44.42
C VAL A 175 30.08 3.56 -45.59
N GLN A 176 29.30 4.62 -45.82
CA GLN A 176 29.66 5.65 -46.79
C GLN A 176 28.78 6.89 -46.61
N MET B 1 -18.96 -8.63 35.68
CA MET B 1 -18.23 -7.40 35.38
C MET B 1 -17.47 -7.51 34.07
N ASP B 2 -17.90 -6.75 33.07
CA ASP B 2 -17.18 -6.66 31.80
C ASP B 2 -16.29 -5.43 31.86
N PHE B 3 -14.98 -5.65 31.96
CA PHE B 3 -14.03 -4.55 32.09
C PHE B 3 -14.06 -3.64 30.87
N SER B 4 -14.06 -4.24 29.68
CA SER B 4 -14.08 -3.45 28.45
C SER B 4 -15.37 -2.65 28.32
N ARG B 5 -16.51 -3.26 28.62
CA ARG B 5 -17.77 -2.54 28.51
C ARG B 5 -17.90 -1.45 29.58
N ASN B 6 -17.35 -1.69 30.77
CA ASN B 6 -17.34 -0.66 31.80
C ASN B 6 -16.51 0.54 31.34
N LEU B 7 -15.32 0.27 30.79
CA LEU B 7 -14.51 1.35 30.25
C LEU B 7 -15.23 2.08 29.12
N TYR B 8 -15.96 1.33 28.28
CA TYR B 8 -16.70 1.95 27.19
C TYR B 8 -17.79 2.88 27.71
N ASP B 9 -18.50 2.47 28.77
CA ASP B 9 -19.53 3.33 29.33
C ASP B 9 -18.92 4.59 29.95
N ILE B 10 -17.82 4.43 30.68
CA ILE B 10 -17.13 5.59 31.25
C ILE B 10 -16.71 6.55 30.15
N GLY B 11 -16.18 6.01 29.05
CA GLY B 11 -15.81 6.86 27.93
C GLY B 11 -17.01 7.52 27.29
N GLU B 12 -18.14 6.81 27.24
CA GLU B 12 -19.36 7.38 26.67
C GLU B 12 -19.86 8.55 27.51
N GLN B 13 -19.53 8.57 28.80
CA GLN B 13 -19.94 9.71 29.63
C GLN B 13 -18.91 10.84 29.66
N LEU B 14 -17.92 10.85 28.77
CA LEU B 14 -16.88 11.87 28.76
C LEU B 14 -16.91 12.66 27.45
N ASP B 15 -16.93 13.98 27.54
CA ASP B 15 -16.90 14.85 26.37
C ASP B 15 -15.45 15.21 26.05
N SER B 16 -15.26 16.11 25.09
CA SER B 16 -13.91 16.46 24.65
C SER B 16 -13.15 17.28 25.69
N GLU B 17 -13.84 18.09 26.48
CA GLU B 17 -13.16 18.87 27.52
C GLU B 17 -12.56 17.97 28.59
N ASP B 18 -13.34 17.01 29.10
CA ASP B 18 -12.80 16.06 30.06
C ASP B 18 -11.68 15.24 29.44
N LEU B 19 -11.79 14.91 28.15
CA LEU B 19 -10.74 14.16 27.48
C LEU B 19 -9.44 14.96 27.40
N ALA B 20 -9.54 16.25 27.07
CA ALA B 20 -8.34 17.09 27.05
C ALA B 20 -7.73 17.20 28.43
N SER B 21 -8.57 17.33 29.46
CA SER B 21 -8.05 17.38 30.83
C SER B 21 -7.33 16.09 31.18
N LEU B 22 -7.90 14.94 30.83
CA LEU B 22 -7.27 13.65 31.12
C LEU B 22 -5.96 13.49 30.35
N LYS B 23 -5.93 13.93 29.10
CA LYS B 23 -4.71 13.87 28.32
C LYS B 23 -3.62 14.74 28.94
N PHE B 24 -4.00 15.91 29.44
CA PHE B 24 -3.02 16.76 30.12
C PHE B 24 -2.51 16.10 31.39
N LEU B 25 -3.41 15.51 32.19
CA LEU B 25 -3.00 14.86 33.42
C LEU B 25 -2.19 13.59 33.18
N SER B 26 -2.20 13.06 31.97
CA SER B 26 -1.45 11.86 31.63
C SER B 26 -0.20 12.17 30.82
N LEU B 27 0.23 13.43 30.80
CA LEU B 27 1.38 13.81 29.99
C LEU B 27 2.66 13.15 30.50
N ASP B 28 2.78 12.95 31.80
CA ASP B 28 3.98 12.34 32.38
C ASP B 28 4.11 10.86 32.05
N TYR B 29 3.10 10.26 31.42
CA TYR B 29 3.14 8.84 31.09
C TYR B 29 2.90 8.54 29.62
N ILE B 30 2.28 9.44 28.85
CA ILE B 30 2.00 9.25 27.44
C ILE B 30 2.63 10.39 26.66
N PRO B 31 3.60 10.13 25.79
CA PRO B 31 4.29 11.23 25.10
C PRO B 31 3.39 11.92 24.09
N GLN B 32 3.92 13.01 23.52
CA GLN B 32 3.13 13.86 22.63
C GLN B 32 2.69 13.11 21.38
N ARG B 33 3.57 12.30 20.80
CA ARG B 33 3.23 11.58 19.57
C ARG B 33 2.10 10.59 19.82
N LYS B 34 2.12 9.90 20.96
CA LYS B 34 1.04 8.98 21.28
C LYS B 34 -0.23 9.70 21.72
N GLN B 35 -0.11 10.95 22.19
CA GLN B 35 -1.28 11.70 22.63
C GLN B 35 -2.00 12.39 21.48
N GLU B 36 -1.28 12.74 20.42
CA GLU B 36 -1.89 13.49 19.31
C GLU B 36 -3.11 12.80 18.73
N PRO B 37 -3.11 11.49 18.43
CA PRO B 37 -4.31 10.88 17.86
C PRO B 37 -5.41 10.59 18.87
N ILE B 38 -5.18 10.85 20.16
CA ILE B 38 -6.19 10.57 21.17
C ILE B 38 -7.33 11.56 21.04
N LYS B 39 -8.41 11.15 20.38
CA LYS B 39 -9.60 11.97 20.20
C LYS B 39 -10.81 11.37 20.89
N ASP B 40 -10.61 10.34 21.70
CA ASP B 40 -11.68 9.73 22.48
C ASP B 40 -11.07 9.11 23.73
N ALA B 41 -11.94 8.85 24.71
CA ALA B 41 -11.46 8.30 25.98
C ALA B 41 -10.92 6.88 25.79
N LEU B 42 -11.60 6.07 24.98
CA LEU B 42 -11.23 4.67 24.80
C LEU B 42 -9.76 4.53 24.43
N MET B 43 -9.33 5.22 23.37
CA MET B 43 -7.93 5.15 22.96
C MET B 43 -7.00 5.45 24.12
N LEU B 44 -7.32 6.50 24.90
CA LEU B 44 -6.52 6.81 26.08
C LEU B 44 -6.37 5.59 26.98
N PHE B 45 -7.50 4.97 27.32
CA PHE B 45 -7.46 3.75 28.14
C PHE B 45 -6.53 2.73 27.53
N GLN B 46 -6.61 2.53 26.21
CA GLN B 46 -5.77 1.56 25.53
C GLN B 46 -4.30 1.82 25.84
N ARG B 47 -3.86 3.08 25.69
CA ARG B 47 -2.47 3.40 25.98
C ARG B 47 -2.11 3.05 27.41
N LEU B 48 -3.01 3.37 28.35
CA LEU B 48 -2.76 3.03 29.75
C LEU B 48 -2.70 1.52 29.92
N GLN B 49 -3.53 0.78 29.18
CA GLN B 49 -3.47 -0.67 29.27
C GLN B 49 -2.15 -1.21 28.73
N GLU B 50 -1.49 -0.48 27.83
CA GLU B 50 -0.20 -0.92 27.30
C GLU B 50 0.93 -0.69 28.29
N LYS B 51 0.78 0.26 29.21
CA LYS B 51 1.76 0.54 30.24
C LYS B 51 1.45 -0.17 31.55
N ARG B 52 0.48 -1.09 31.55
CA ARG B 52 0.06 -1.85 32.73
C ARG B 52 -0.43 -0.94 33.85
N MET B 53 -0.85 0.28 33.50
CA MET B 53 -1.43 1.21 34.47
C MET B 53 -2.93 1.13 34.57
N LEU B 54 -3.59 0.37 33.68
CA LEU B 54 -5.03 0.19 33.73
C LEU B 54 -5.35 -1.26 33.36
N GLU B 55 -5.79 -2.04 34.33
CA GLU B 55 -6.22 -3.41 34.12
C GLU B 55 -7.38 -3.70 35.05
N GLU B 56 -7.95 -4.90 34.94
CA GLU B 56 -9.12 -5.25 35.75
C GLU B 56 -8.78 -5.26 37.24
N SER B 57 -7.52 -5.52 37.59
CA SER B 57 -7.11 -5.58 38.99
C SER B 57 -6.50 -4.27 39.49
N ASN B 58 -6.12 -3.36 38.60
CA ASN B 58 -5.51 -2.10 38.98
C ASN B 58 -6.35 -0.96 38.40
N LEU B 59 -7.28 -0.46 39.21
CA LEU B 59 -8.10 0.68 38.83
C LEU B 59 -7.63 1.97 39.49
N SER B 60 -6.47 1.93 40.15
CA SER B 60 -6.02 3.07 40.95
C SER B 60 -5.83 4.32 40.10
N PHE B 61 -5.18 4.19 38.94
CA PHE B 61 -4.91 5.37 38.12
C PHE B 61 -6.18 5.91 37.49
N LEU B 62 -7.11 5.03 37.09
CA LEU B 62 -8.38 5.50 36.55
C LEU B 62 -9.18 6.26 37.60
N LYS B 63 -9.23 5.73 38.83
CA LYS B 63 -9.90 6.43 39.91
C LYS B 63 -9.25 7.77 40.19
N GLU B 64 -7.91 7.81 40.20
CA GLU B 64 -7.20 9.07 40.42
C GLU B 64 -7.51 10.09 39.33
N LEU B 65 -7.51 9.65 38.06
CA LEU B 65 -7.84 10.53 36.95
C LEU B 65 -9.25 11.08 37.08
N LEU B 66 -10.23 10.21 37.28
CA LEU B 66 -11.62 10.66 37.38
C LEU B 66 -11.85 11.51 38.63
N PHE B 67 -11.03 11.34 39.66
CA PHE B 67 -11.16 12.18 40.86
C PHE B 67 -10.58 13.57 40.63
N ARG B 68 -9.47 13.66 39.90
CA ARG B 68 -8.84 14.96 39.70
C ARG B 68 -9.65 15.86 38.77
N ILE B 69 -10.45 15.27 37.87
CA ILE B 69 -11.27 16.06 36.98
C ILE B 69 -12.65 16.29 37.59
N ASN B 70 -12.80 15.92 38.86
CA ASN B 70 -14.03 16.16 39.63
C ASN B 70 -15.24 15.46 39.01
N ARG B 71 -15.02 14.27 38.46
CA ARG B 71 -16.10 13.43 37.96
C ARG B 71 -16.50 12.39 39.01
N LEU B 72 -16.97 12.90 40.16
CA LEU B 72 -17.33 12.02 41.26
C LEU B 72 -18.51 11.12 40.90
N ASP B 73 -19.37 11.58 39.98
CA ASP B 73 -20.48 10.75 39.53
C ASP B 73 -19.98 9.46 38.88
N LEU B 74 -18.97 9.58 38.00
CA LEU B 74 -18.42 8.40 37.35
C LEU B 74 -17.75 7.48 38.38
N LEU B 75 -17.02 8.06 39.32
CA LEU B 75 -16.39 7.28 40.39
C LEU B 75 -17.43 6.46 41.16
N ILE B 76 -18.49 7.10 41.62
CA ILE B 76 -19.47 6.38 42.43
C ILE B 76 -20.27 5.39 41.58
N THR B 77 -20.53 5.71 40.32
CA THR B 77 -21.41 4.88 39.52
C THR B 77 -20.70 3.65 38.98
N TYR B 78 -19.56 3.84 38.32
CA TYR B 78 -18.90 2.75 37.62
C TYR B 78 -17.72 2.14 38.37
N LEU B 79 -17.08 2.89 39.25
CA LEU B 79 -15.92 2.38 39.99
C LEU B 79 -16.22 2.11 41.46
N ASN B 80 -17.43 2.41 41.93
CA ASN B 80 -17.83 2.13 43.32
C ASN B 80 -16.87 2.78 44.31
N THR B 81 -16.56 4.04 44.07
CA THR B 81 -15.63 4.80 44.89
C THR B 81 -16.24 6.16 45.21
N ARG B 82 -16.29 6.49 46.50
CA ARG B 82 -16.86 7.75 46.93
C ARG B 82 -15.77 8.81 47.06
N LYS B 83 -16.20 10.05 47.37
CA LYS B 83 -15.28 11.18 47.39
C LYS B 83 -14.26 11.06 48.51
N GLU B 84 -14.72 10.69 49.72
CA GLU B 84 -13.82 10.65 50.87
C GLU B 84 -12.72 9.61 50.68
N GLU B 85 -13.07 8.41 50.19
CA GLU B 85 -12.11 7.33 50.04
C GLU B 85 -10.88 7.78 49.28
N MET B 86 -11.08 8.32 48.07
CA MET B 86 -9.95 8.77 47.26
C MET B 86 -9.09 9.74 48.03
N GLU B 87 -9.72 10.69 48.74
CA GLU B 87 -8.96 11.64 49.52
C GLU B 87 -7.99 10.93 50.45
N ARG B 88 -8.48 9.98 51.25
CA ARG B 88 -7.60 9.25 52.14
C ARG B 88 -6.52 8.52 51.35
N GLU B 89 -6.90 7.88 50.24
CA GLU B 89 -5.92 7.16 49.43
C GLU B 89 -4.87 8.11 48.88
N LEU B 90 -5.24 9.36 48.64
CA LEU B 90 -4.28 10.33 48.12
C LEU B 90 -3.52 11.05 49.22
N GLN B 91 -3.90 10.87 50.49
CA GLN B 91 -3.10 11.45 51.57
C GLN B 91 -1.91 10.58 51.91
N THR B 92 -1.96 9.29 51.62
CA THR B 92 -0.82 8.43 51.85
C THR B 92 0.30 8.79 50.87
N PRO B 93 1.54 8.88 51.35
CA PRO B 93 2.65 9.22 50.45
C PRO B 93 2.94 8.07 49.49
N GLY B 94 3.23 8.42 48.24
CA GLY B 94 3.60 7.47 47.23
C GLY B 94 2.46 6.84 46.46
N ARG B 95 1.26 6.81 47.03
CA ARG B 95 0.11 6.23 46.34
C ARG B 95 -0.44 7.13 45.23
N ALA B 96 0.01 8.37 45.15
CA ALA B 96 -0.42 9.29 44.10
C ALA B 96 0.44 9.08 42.86
N GLN B 97 -0.20 8.71 41.75
CA GLN B 97 0.52 8.48 40.50
C GLN B 97 0.62 9.72 39.64
N ILE B 98 -0.30 10.67 39.79
CA ILE B 98 -0.21 11.96 39.11
C ILE B 98 0.63 12.88 39.99
N SER B 99 1.64 13.52 39.38
CA SER B 99 2.53 14.38 40.15
C SER B 99 1.76 15.58 40.70
N ALA B 100 2.20 16.04 41.87
CA ALA B 100 1.57 17.22 42.47
C ALA B 100 1.80 18.46 41.62
N TYR B 101 2.89 18.50 40.86
CA TYR B 101 3.12 19.61 39.95
C TYR B 101 2.05 19.66 38.86
N ARG B 102 1.69 18.49 38.31
CA ARG B 102 0.67 18.45 37.26
C ARG B 102 -0.67 18.93 37.78
N VAL B 103 -1.16 18.30 38.87
CA VAL B 103 -2.46 18.66 39.42
C VAL B 103 -2.55 20.16 39.67
N MET B 104 -1.52 20.71 40.32
CA MET B 104 -1.46 22.15 40.57
C MET B 104 -1.74 22.92 39.28
N LEU B 105 -1.01 22.62 38.21
CA LEU B 105 -1.22 23.30 36.95
C LEU B 105 -2.68 23.18 36.51
N TYR B 106 -3.23 21.97 36.54
CA TYR B 106 -4.62 21.78 36.16
C TYR B 106 -5.53 22.60 37.05
N GLN B 107 -5.23 22.65 38.35
CA GLN B 107 -6.05 23.42 39.27
C GLN B 107 -6.03 24.90 38.92
N ILE B 108 -4.88 25.39 38.43
CA ILE B 108 -4.83 26.77 37.93
C ILE B 108 -5.84 26.94 36.80
N SER B 109 -5.88 25.98 35.88
CA SER B 109 -6.85 26.04 34.78
C SER B 109 -8.27 26.00 35.29
N GLU B 110 -8.49 25.51 36.52
CA GLU B 110 -9.83 25.49 37.09
C GLU B 110 -10.30 26.87 37.52
N GLU B 111 -9.39 27.82 37.71
CA GLU B 111 -9.73 29.14 38.23
C GLU B 111 -9.58 30.27 37.21
N VAL B 112 -9.33 29.95 35.94
CA VAL B 112 -9.17 30.95 34.90
C VAL B 112 -10.40 30.95 34.01
N SER B 113 -10.90 32.14 33.70
CA SER B 113 -12.06 32.33 32.84
C SER B 113 -11.60 32.66 31.41
N ARG B 114 -12.54 33.13 30.59
CA ARG B 114 -12.25 33.39 29.19
C ARG B 114 -11.40 34.65 29.03
N SER B 115 -11.86 35.77 29.58
CA SER B 115 -11.08 36.99 29.55
C SER B 115 -9.77 36.84 30.32
N GLU B 116 -9.81 36.08 31.42
CA GLU B 116 -8.59 35.80 32.16
C GLU B 116 -7.61 34.98 31.32
N LEU B 117 -8.11 34.07 30.49
CA LEU B 117 -7.24 33.34 29.58
C LEU B 117 -6.66 34.26 28.53
N ARG B 118 -7.45 35.18 28.00
CA ARG B 118 -6.94 36.16 27.04
C ARG B 118 -5.84 37.01 27.67
N SER B 119 -6.01 37.41 28.93
CA SER B 119 -4.99 38.20 29.62
C SER B 119 -3.75 37.36 29.89
N PHE B 120 -3.93 36.08 30.22
CA PHE B 120 -2.79 35.18 30.39
C PHE B 120 -1.99 35.07 29.11
N LYS B 121 -2.68 34.98 27.96
CA LYS B 121 -1.98 34.93 26.68
C LYS B 121 -1.27 36.25 26.39
N GLY B 122 -1.92 37.38 26.68
CA GLY B 122 -1.28 38.67 26.49
C GLY B 122 -0.06 38.86 27.37
N GLY B 123 -0.04 38.21 28.53
CA GLY B 123 1.10 38.30 29.43
C GLY B 123 2.31 37.51 28.99
N LEU B 124 2.19 36.71 27.92
CA LEU B 124 3.28 35.87 27.44
C LEU B 124 3.69 36.24 26.02
N GLN B 125 3.57 37.53 25.68
CA GLN B 125 3.92 37.95 24.32
C GLN B 125 5.43 37.93 24.09
N GLU B 126 6.22 38.23 25.11
CA GLU B 126 7.67 38.32 24.98
C GLU B 126 8.38 37.02 25.29
N GLU B 127 7.65 35.93 25.57
CA GLU B 127 8.26 34.65 25.89
C GLU B 127 7.81 33.50 24.99
N ILE B 128 6.70 33.64 24.28
CA ILE B 128 6.13 32.58 23.46
C ILE B 128 5.74 33.16 22.11
N SER B 129 5.98 32.41 21.05
CA SER B 129 5.64 32.86 19.71
C SER B 129 4.13 33.00 19.56
N LYS B 130 3.73 33.85 18.61
CA LYS B 130 2.31 34.16 18.45
C LYS B 130 1.51 32.98 17.92
N CYS B 131 2.15 32.08 17.17
CA CYS B 131 1.45 30.91 16.65
C CYS B 131 0.92 30.03 17.76
N LYS B 132 1.60 30.02 18.91
CA LYS B 132 1.15 29.29 20.09
C LYS B 132 0.30 30.14 21.01
N LEU B 133 0.12 31.43 20.72
CA LEU B 133 -0.74 32.29 21.52
C LEU B 133 -2.06 32.60 20.81
N ASP B 134 -2.55 31.66 20.00
CA ASP B 134 -3.80 31.85 19.29
C ASP B 134 -4.98 31.69 20.25
N ASP B 135 -6.14 32.22 19.82
CA ASP B 135 -7.33 32.17 20.65
C ASP B 135 -7.89 30.75 20.79
N ASP B 136 -7.50 29.82 19.91
CA ASP B 136 -7.94 28.44 20.03
C ASP B 136 -7.19 27.68 21.11
N MET B 137 -6.07 28.21 21.61
CA MET B 137 -5.31 27.56 22.66
C MET B 137 -6.00 27.74 24.00
N ASN B 138 -6.06 26.67 24.78
CA ASN B 138 -6.52 26.74 26.16
C ASN B 138 -5.32 26.87 27.08
N LEU B 139 -5.59 26.98 28.39
CA LEU B 139 -4.51 27.22 29.35
C LEU B 139 -3.57 26.03 29.45
N LEU B 140 -4.08 24.81 29.28
CA LEU B 140 -3.22 23.64 29.36
C LEU B 140 -2.25 23.60 28.18
N ASP B 141 -2.71 23.98 27.00
CA ASP B 141 -1.81 24.07 25.86
C ASP B 141 -0.73 25.13 26.08
N ILE B 142 -1.09 26.23 26.74
CA ILE B 142 -0.11 27.25 27.07
C ILE B 142 0.92 26.71 28.06
N PHE B 143 0.45 25.95 29.06
CA PHE B 143 1.37 25.29 29.98
C PHE B 143 2.32 24.35 29.25
N ILE B 144 1.79 23.60 28.28
CA ILE B 144 2.61 22.67 27.51
C ILE B 144 3.67 23.42 26.72
N GLU B 145 3.29 24.53 26.08
CA GLU B 145 4.26 25.31 25.33
C GLU B 145 5.33 25.92 26.25
N MET B 146 4.92 26.37 27.44
CA MET B 146 5.89 26.89 28.39
C MET B 146 6.87 25.80 28.83
N GLU B 147 6.37 24.59 29.06
CA GLU B 147 7.26 23.48 29.40
C GLU B 147 8.20 23.17 28.24
N LYS B 148 7.70 23.25 27.01
CA LYS B 148 8.56 23.04 25.84
C LYS B 148 9.68 24.07 25.78
N ARG B 149 9.38 25.32 26.13
CA ARG B 149 10.37 26.39 26.09
C ARG B 149 11.13 26.54 27.40
N VAL B 150 11.08 25.53 28.28
CA VAL B 150 11.75 25.52 29.58
C VAL B 150 11.45 26.84 30.29
N ILE B 151 10.19 27.25 30.26
CA ILE B 151 9.72 28.39 31.04
C ILE B 151 8.85 27.96 32.21
N LEU B 152 8.21 26.80 32.14
CA LEU B 152 7.41 26.25 33.22
C LEU B 152 7.97 24.89 33.61
N GLY B 153 8.04 24.64 34.91
CA GLY B 153 8.54 23.36 35.38
C GLY B 153 8.50 23.31 36.90
N GLU B 154 8.96 22.17 37.42
CA GLU B 154 8.98 21.99 38.87
C GLU B 154 9.99 22.92 39.54
N GLY B 155 11.08 23.25 38.86
CA GLY B 155 12.09 24.16 39.36
C GLY B 155 12.06 25.54 38.75
N LYS B 156 11.06 25.85 37.93
CA LYS B 156 10.93 27.17 37.31
C LYS B 156 9.45 27.58 37.38
N LEU B 157 9.08 28.24 38.48
CA LEU B 157 7.74 28.77 38.66
C LEU B 157 7.71 30.30 38.62
N ASP B 158 8.82 30.92 38.22
CA ASP B 158 8.93 32.37 38.31
C ASP B 158 7.96 33.07 37.36
N ILE B 159 7.97 32.68 36.08
CA ILE B 159 7.09 33.32 35.12
C ILE B 159 5.64 32.98 35.39
N LEU B 160 5.38 31.75 35.85
CA LEU B 160 4.02 31.39 36.27
C LEU B 160 3.55 32.27 37.41
N LYS B 161 4.41 32.46 38.42
CA LYS B 161 4.07 33.35 39.53
C LYS B 161 3.80 34.77 39.05
N ARG B 162 4.63 35.27 38.13
CA ARG B 162 4.47 36.63 37.64
C ARG B 162 3.14 36.80 36.91
N VAL B 163 2.82 35.88 36.00
CA VAL B 163 1.61 36.01 35.21
C VAL B 163 0.38 35.81 36.09
N CYS B 164 0.45 34.90 37.07
CA CYS B 164 -0.68 34.71 37.96
C CYS B 164 -0.89 35.92 38.86
N ALA B 165 0.20 36.58 39.28
CA ALA B 165 0.10 37.76 40.13
C ALA B 165 -0.57 38.94 39.42
N GLN B 166 -0.82 38.82 38.12
CA GLN B 166 -1.41 39.91 37.36
C GLN B 166 -2.93 39.83 37.28
N ILE B 167 -3.52 38.67 37.55
CA ILE B 167 -4.94 38.43 37.34
C ILE B 167 -5.68 38.15 38.64
N ASN B 168 -5.13 37.26 39.47
CA ASN B 168 -5.80 36.86 40.69
C ASN B 168 -4.75 36.39 41.70
N LYS B 169 -5.11 36.42 42.98
CA LYS B 169 -4.21 36.02 44.05
C LYS B 169 -4.40 34.59 44.53
N SER B 170 -5.57 34.00 44.31
CA SER B 170 -5.78 32.61 44.70
C SER B 170 -4.88 31.68 43.88
N LEU B 171 -4.52 32.11 42.66
CA LEU B 171 -3.60 31.30 41.87
C LEU B 171 -2.22 31.27 42.52
N LEU B 172 -1.74 32.41 43.02
CA LEU B 172 -0.51 32.41 43.80
C LEU B 172 -0.66 31.62 45.08
N LYS B 173 -1.86 31.64 45.69
CA LYS B 173 -2.09 30.82 46.88
C LYS B 173 -1.85 29.35 46.56
N ILE B 174 -2.43 28.86 45.46
CA ILE B 174 -2.25 27.47 45.07
C ILE B 174 -0.78 27.19 44.74
N ILE B 175 -0.14 28.09 44.00
CA ILE B 175 1.25 27.89 43.60
C ILE B 175 2.16 27.80 44.83
N ASN B 176 2.00 28.73 45.77
CA ASN B 176 2.84 28.76 46.96
C ASN B 176 2.51 27.62 47.91
N ASP B 177 1.24 27.18 47.97
CA ASP B 177 0.92 26.03 48.80
C ASP B 177 1.59 24.77 48.26
N TYR B 178 1.54 24.57 46.94
CA TYR B 178 2.26 23.45 46.34
C TYR B 178 3.76 23.58 46.54
N GLU B 179 4.27 24.82 46.49
CA GLU B 179 5.71 25.04 46.62
C GLU B 179 6.19 24.70 48.03
N GLU B 180 5.51 25.22 49.04
CA GLU B 180 5.90 24.94 50.42
C GLU B 180 5.63 23.49 50.79
N PHE B 181 4.66 22.85 50.12
CA PHE B 181 4.42 21.43 50.36
C PHE B 181 5.62 20.59 49.96
N SER B 182 6.44 21.06 49.02
CA SER B 182 7.63 20.35 48.59
C SER B 182 8.69 20.34 49.69
N MET C 1 25.43 1.60 22.20
CA MET C 1 24.53 1.65 23.35
C MET C 1 23.08 1.78 22.91
N ASP C 2 22.31 2.58 23.64
CA ASP C 2 20.91 2.86 23.33
C ASP C 2 20.75 4.15 22.54
N PHE C 3 21.60 4.36 21.52
CA PHE C 3 21.48 5.54 20.68
C PHE C 3 20.14 5.57 19.95
N SER C 4 19.75 4.44 19.36
CA SER C 4 18.45 4.38 18.69
C SER C 4 17.32 4.51 19.68
N ARG C 5 17.50 4.02 20.90
CA ARG C 5 16.48 4.20 21.93
C ARG C 5 16.31 5.68 22.27
N ASN C 6 17.43 6.41 22.36
CA ASN C 6 17.35 7.85 22.62
C ASN C 6 16.67 8.58 21.47
N LEU C 7 17.02 8.24 20.23
CA LEU C 7 16.36 8.85 19.09
C LEU C 7 14.87 8.54 19.06
N TYR C 8 14.49 7.30 19.42
CA TYR C 8 13.09 6.91 19.46
C TYR C 8 12.33 7.69 20.53
N ASP C 9 12.95 7.88 21.70
CA ASP C 9 12.30 8.65 22.76
C ASP C 9 12.15 10.11 22.36
N ILE C 10 13.18 10.69 21.72
CA ILE C 10 13.07 12.06 21.21
C ILE C 10 11.93 12.16 20.20
N GLY C 11 11.83 11.19 19.30
CA GLY C 11 10.78 11.21 18.31
C GLY C 11 9.39 11.04 18.90
N GLU C 12 9.28 10.24 19.97
CA GLU C 12 7.99 10.04 20.62
C GLU C 12 7.48 11.32 21.26
N GLN C 13 8.36 12.25 21.60
CA GLN C 13 7.97 13.52 22.17
C GLN C 13 7.73 14.59 21.11
N LEU C 14 7.64 14.20 19.84
CA LEU C 14 7.45 15.13 18.74
C LEU C 14 6.13 14.81 18.05
N ASP C 15 5.29 15.83 17.88
CA ASP C 15 4.01 15.69 17.20
C ASP C 15 4.21 15.98 15.71
N SER C 16 3.11 16.03 14.97
CA SER C 16 3.20 16.22 13.52
C SER C 16 3.64 17.64 13.17
N GLU C 17 3.28 18.63 13.99
CA GLU C 17 3.70 20.00 13.72
C GLU C 17 5.21 20.14 13.86
N ASP C 18 5.78 19.59 14.93
CA ASP C 18 7.23 19.61 15.08
C ASP C 18 7.91 18.88 13.93
N LEU C 19 7.30 17.78 13.46
CA LEU C 19 7.87 17.04 12.34
C LEU C 19 7.87 17.87 11.07
N ALA C 20 6.77 18.58 10.79
CA ALA C 20 6.72 19.44 9.62
C ALA C 20 7.77 20.56 9.72
N SER C 21 7.92 21.14 10.91
CA SER C 21 8.92 22.18 11.10
C SER C 21 10.32 21.64 10.85
N LEU C 22 10.62 20.44 11.38
CA LEU C 22 11.94 19.86 11.18
C LEU C 22 12.19 19.52 9.71
N LYS C 23 11.17 19.00 9.03
CA LYS C 23 11.31 18.72 7.60
C LYS C 23 11.57 19.99 6.81
N PHE C 24 10.91 21.09 7.18
CA PHE C 24 11.18 22.36 6.52
C PHE C 24 12.61 22.82 6.79
N LEU C 25 13.06 22.71 8.04
CA LEU C 25 14.40 23.15 8.40
C LEU C 25 15.50 22.28 7.79
N SER C 26 15.17 21.11 7.26
CA SER C 26 16.14 20.23 6.63
C SER C 26 16.00 20.23 5.10
N LEU C 27 15.33 21.24 4.55
CA LEU C 27 15.06 21.26 3.11
C LEU C 27 16.34 21.37 2.28
N ASP C 28 17.34 22.10 2.79
CA ASP C 28 18.58 22.28 2.05
C ASP C 28 19.43 21.02 2.00
N TYR C 29 19.04 19.95 2.69
CA TYR C 29 19.81 18.72 2.73
C TYR C 29 19.02 17.49 2.28
N ILE C 30 17.69 17.54 2.29
CA ILE C 30 16.85 16.43 1.91
C ILE C 30 15.92 16.91 0.80
N PRO C 31 16.01 16.36 -0.42
CA PRO C 31 15.18 16.86 -1.52
C PRO C 31 13.72 16.50 -1.33
N GLN C 32 12.89 17.06 -2.22
CA GLN C 32 11.44 16.93 -2.08
C GLN C 32 10.99 15.47 -2.17
N ARG C 33 11.59 14.71 -3.09
CA ARG C 33 11.21 13.32 -3.27
C ARG C 33 11.48 12.51 -2.01
N LYS C 34 12.62 12.77 -1.34
CA LYS C 34 12.91 12.11 -0.09
C LYS C 34 12.08 12.66 1.07
N GLN C 35 11.55 13.88 0.93
CA GLN C 35 10.76 14.48 2.00
C GLN C 35 9.32 13.99 1.99
N GLU C 36 8.79 13.65 0.82
CA GLU C 36 7.38 13.25 0.73
C GLU C 36 7.02 12.08 1.62
N PRO C 37 7.75 10.97 1.66
CA PRO C 37 7.34 9.84 2.51
C PRO C 37 7.66 10.00 4.00
N ILE C 38 8.36 11.05 4.41
CA ILE C 38 8.71 11.23 5.81
C ILE C 38 7.47 11.61 6.59
N LYS C 39 6.85 10.64 7.27
CA LYS C 39 5.65 10.87 8.05
C LYS C 39 5.83 10.65 9.53
N ASP C 40 7.07 10.46 10.00
CA ASP C 40 7.36 10.36 11.42
C ASP C 40 8.80 10.80 11.64
N ALA C 41 9.14 11.08 12.89
CA ALA C 41 10.46 11.63 13.20
C ALA C 41 11.57 10.64 12.84
N LEU C 42 11.38 9.36 13.17
CA LEU C 42 12.41 8.36 12.93
C LEU C 42 12.87 8.37 11.48
N MET C 43 11.91 8.35 10.54
CA MET C 43 12.25 8.43 9.12
C MET C 43 13.19 9.58 8.84
N LEU C 44 12.87 10.77 9.33
CA LEU C 44 13.74 11.92 9.14
C LEU C 44 15.15 11.61 9.62
N PHE C 45 15.26 11.10 10.86
CA PHE C 45 16.57 10.72 11.39
C PHE C 45 17.31 9.82 10.42
N GLN C 46 16.61 8.84 9.85
CA GLN C 46 17.23 7.90 8.92
C GLN C 46 17.91 8.65 7.78
N ARG C 47 17.18 9.59 7.16
CA ARG C 47 17.78 10.35 6.06
C ARG C 47 19.03 11.08 6.53
N LEU C 48 18.97 11.69 7.72
CA LEU C 48 20.14 12.39 8.23
C LEU C 48 21.29 11.42 8.46
N GLN C 49 20.98 10.21 8.95
CA GLN C 49 22.02 9.22 9.15
C GLN C 49 22.66 8.82 7.83
N GLU C 50 21.92 8.94 6.73
CA GLU C 50 22.49 8.60 5.42
C GLU C 50 23.43 9.68 4.91
N LYS C 51 23.27 10.93 5.37
CA LYS C 51 24.19 12.00 5.01
C LYS C 51 25.24 12.28 6.06
N ARG C 52 25.38 11.37 7.04
CA ARG C 52 26.34 11.50 8.14
C ARG C 52 26.12 12.76 8.97
N MET C 53 24.90 13.30 8.95
CA MET C 53 24.55 14.45 9.77
C MET C 53 23.95 14.06 11.10
N LEU C 54 23.69 12.77 11.32
CA LEU C 54 23.19 12.27 12.59
C LEU C 54 23.92 10.97 12.88
N GLU C 55 24.78 10.99 13.90
CA GLU C 55 25.53 9.82 14.33
C GLU C 55 25.61 9.83 15.85
N GLU C 56 26.11 8.73 16.40
CA GLU C 56 26.40 8.70 17.83
C GLU C 56 27.48 9.71 18.20
N SER C 57 28.27 10.15 17.23
CA SER C 57 29.33 11.13 17.46
C SER C 57 29.00 12.52 16.94
N ASN C 58 27.98 12.65 16.09
CA ASN C 58 27.61 13.94 15.50
C ASN C 58 26.15 14.24 15.84
N LEU C 59 25.92 14.95 16.93
CA LEU C 59 24.59 15.42 17.31
C LEU C 59 24.39 16.91 17.01
N SER C 60 25.35 17.54 16.33
CA SER C 60 25.31 18.99 16.16
C SER C 60 24.07 19.42 15.39
N PHE C 61 23.77 18.74 14.28
CA PHE C 61 22.62 19.13 13.48
C PHE C 61 21.32 18.81 14.19
N LEU C 62 21.27 17.70 14.94
CA LEU C 62 20.08 17.39 15.71
C LEU C 62 19.85 18.43 16.80
N LYS C 63 20.92 18.85 17.48
CA LYS C 63 20.81 19.90 18.48
C LYS C 63 20.33 21.20 17.84
N GLU C 64 20.89 21.55 16.68
CA GLU C 64 20.47 22.77 15.99
C GLU C 64 18.99 22.71 15.62
N LEU C 65 18.54 21.56 15.09
CA LEU C 65 17.13 21.40 14.75
C LEU C 65 16.24 21.55 15.97
N LEU C 66 16.56 20.83 17.05
CA LEU C 66 15.72 20.89 18.25
C LEU C 66 15.75 22.27 18.90
N PHE C 67 16.83 23.04 18.68
CA PHE C 67 16.88 24.39 19.20
C PHE C 67 16.05 25.36 18.36
N ARG C 68 16.08 25.19 17.04
CA ARG C 68 15.36 26.12 16.17
C ARG C 68 13.85 25.96 16.27
N ILE C 69 13.36 24.78 16.61
CA ILE C 69 11.92 24.57 16.76
C ILE C 69 11.53 24.87 18.19
N ASN C 70 12.47 25.41 18.96
CA ASN C 70 12.23 25.82 20.35
C ASN C 70 11.81 24.66 21.23
N ARG C 71 12.36 23.48 20.96
CA ARG C 71 12.17 22.31 21.81
C ARG C 71 13.35 22.16 22.77
N LEU C 72 13.52 23.21 23.59
CA LEU C 72 14.64 23.26 24.52
C LEU C 72 14.53 22.19 25.59
N ASP C 73 13.30 21.76 25.91
CA ASP C 73 13.11 20.69 26.88
C ASP C 73 13.79 19.40 26.43
N LEU C 74 13.59 19.05 25.15
CA LEU C 74 14.23 17.84 24.62
C LEU C 74 15.75 17.98 24.62
N LEU C 75 16.26 19.16 24.26
CA LEU C 75 17.69 19.41 24.32
C LEU C 75 18.24 19.15 25.71
N ILE C 76 17.61 19.72 26.73
CA ILE C 76 18.12 19.60 28.09
C ILE C 76 17.96 18.17 28.60
N THR C 77 16.87 17.48 28.21
CA THR C 77 16.58 16.18 28.78
C THR C 77 17.39 15.07 28.12
N TYR C 78 17.34 14.98 26.79
CA TYR C 78 17.92 13.83 26.09
C TYR C 78 19.29 14.13 25.49
N LEU C 79 19.60 15.37 25.17
CA LEU C 79 20.88 15.74 24.59
C LEU C 79 21.82 16.44 25.56
N ASN C 80 21.34 16.73 26.78
CA ASN C 80 22.16 17.35 27.82
C ASN C 80 22.76 18.67 27.34
N THR C 81 21.92 19.48 26.71
CA THR C 81 22.33 20.77 26.15
C THR C 81 21.33 21.83 26.56
N ARG C 82 21.79 22.83 27.30
CA ARG C 82 20.91 23.91 27.71
C ARG C 82 20.85 24.98 26.62
N LYS C 83 19.93 25.93 26.81
CA LYS C 83 19.67 26.94 25.78
C LYS C 83 20.90 27.81 25.52
N GLU C 84 21.60 28.23 26.58
CA GLU C 84 22.71 29.15 26.42
C GLU C 84 23.80 28.55 25.54
N GLU C 85 24.19 27.31 25.81
CA GLU C 85 25.24 26.65 25.03
C GLU C 85 24.94 26.73 23.53
N MET C 86 23.74 26.28 23.14
CA MET C 86 23.36 26.33 21.74
C MET C 86 23.52 27.73 21.16
N GLU C 87 23.08 28.75 21.90
CA GLU C 87 23.23 30.12 21.42
C GLU C 87 24.69 30.38 21.08
N ARG C 88 25.59 30.13 22.02
CA ARG C 88 27.01 30.30 21.76
C ARG C 88 27.43 29.54 20.52
N GLU C 89 27.02 28.27 20.43
CA GLU C 89 27.45 27.45 19.30
C GLU C 89 26.95 28.01 17.97
N LEU C 90 25.81 28.68 17.98
CA LEU C 90 25.28 29.24 16.74
C LEU C 90 25.80 30.64 16.45
N GLN C 91 26.50 31.26 17.40
CA GLN C 91 27.12 32.56 17.13
C GLN C 91 28.45 32.43 16.40
N THR C 92 29.13 31.31 16.52
CA THR C 92 30.39 31.12 15.80
C THR C 92 30.11 31.04 14.30
N PRO C 93 30.88 31.74 13.46
CA PRO C 93 30.67 31.67 12.01
C PRO C 93 31.08 30.32 11.46
N GLY C 94 30.17 29.64 10.79
CA GLY C 94 30.44 28.38 10.13
C GLY C 94 29.88 27.17 10.83
N ARG C 95 29.60 27.26 12.13
CA ARG C 95 29.05 26.12 12.86
C ARG C 95 27.56 25.95 12.65
N ALA C 96 26.85 26.98 12.19
CA ALA C 96 25.43 26.86 11.91
C ALA C 96 25.24 26.08 10.60
N GLN C 97 24.57 24.93 10.69
CA GLN C 97 24.34 24.10 9.52
C GLN C 97 23.04 24.46 8.82
N ILE C 98 22.08 25.02 9.53
CA ILE C 98 20.86 25.54 8.94
C ILE C 98 21.15 26.98 8.51
N SER C 99 20.84 27.30 7.26
CA SER C 99 21.15 28.62 6.73
C SER C 99 20.36 29.70 7.47
N ALA C 100 20.97 30.88 7.59
CA ALA C 100 20.28 32.00 8.23
C ALA C 100 19.04 32.41 7.43
N TYR C 101 19.05 32.18 6.12
CA TYR C 101 17.87 32.44 5.31
C TYR C 101 16.72 31.52 5.70
N ARG C 102 17.01 30.24 5.92
CA ARG C 102 15.98 29.28 6.30
C ARG C 102 15.37 29.62 7.65
N VAL C 103 16.22 29.75 8.68
CA VAL C 103 15.74 30.00 10.04
C VAL C 103 14.81 31.21 10.06
N MET C 104 15.23 32.30 9.43
CA MET C 104 14.40 33.50 9.36
C MET C 104 13.00 33.17 8.91
N LEU C 105 12.87 32.45 7.78
CA LEU C 105 11.55 32.09 7.26
C LEU C 105 10.73 31.39 8.33
N TYR C 106 11.33 30.39 8.99
CA TYR C 106 10.58 29.65 10.01
C TYR C 106 10.10 30.59 11.11
N GLN C 107 10.94 31.55 11.50
CA GLN C 107 10.54 32.47 12.56
C GLN C 107 9.34 33.32 12.14
N ILE C 108 9.24 33.65 10.85
CA ILE C 108 8.04 34.33 10.37
C ILE C 108 6.81 33.47 10.63
N SER C 109 6.92 32.17 10.35
CA SER C 109 5.81 31.26 10.61
C SER C 109 5.46 31.21 12.10
N GLU C 110 6.38 31.60 12.97
CA GLU C 110 6.10 31.62 14.40
C GLU C 110 5.19 32.78 14.79
N GLU C 111 5.11 33.84 13.98
CA GLU C 111 4.38 35.04 14.34
C GLU C 111 3.12 35.27 13.51
N VAL C 112 2.71 34.31 12.69
CA VAL C 112 1.54 34.46 11.84
C VAL C 112 0.43 33.58 12.39
N SER C 113 -0.78 34.15 12.48
CA SER C 113 -1.96 33.45 12.94
C SER C 113 -2.76 32.94 11.73
N ARG C 114 -4.01 32.52 11.99
CA ARG C 114 -4.83 31.95 10.92
C ARG C 114 -5.30 33.03 9.94
N SER C 115 -5.90 34.10 10.47
CA SER C 115 -6.33 35.20 9.60
C SER C 115 -5.15 35.86 8.90
N GLU C 116 -4.02 35.98 9.60
CA GLU C 116 -2.82 36.50 8.96
C GLU C 116 -2.33 35.59 7.85
N LEU C 117 -2.44 34.27 8.05
CA LEU C 117 -2.05 33.33 7.00
C LEU C 117 -2.98 33.44 5.79
N ARG C 118 -4.28 33.60 6.03
CA ARG C 118 -5.20 33.74 4.90
C ARG C 118 -4.99 35.05 4.17
N SER C 119 -4.64 36.13 4.89
CA SER C 119 -4.30 37.37 4.22
C SER C 119 -3.02 37.23 3.41
N PHE C 120 -2.05 36.47 3.94
CA PHE C 120 -0.83 36.19 3.20
C PHE C 120 -1.14 35.43 1.92
N LYS C 121 -2.06 34.47 1.98
CA LYS C 121 -2.47 33.75 0.78
C LYS C 121 -3.18 34.66 -0.21
N GLY C 122 -4.08 35.52 0.29
CA GLY C 122 -4.75 36.46 -0.59
C GLY C 122 -3.80 37.42 -1.26
N GLY C 123 -2.68 37.72 -0.61
CA GLY C 123 -1.68 38.59 -1.22
C GLY C 123 -0.86 37.97 -2.32
N LEU C 124 -1.00 36.65 -2.53
CA LEU C 124 -0.21 35.92 -3.52
C LEU C 124 -1.08 35.26 -4.58
N GLN C 125 -2.23 35.85 -4.91
CA GLN C 125 -3.12 35.24 -5.89
C GLN C 125 -2.55 35.33 -7.31
N GLU C 126 -1.92 36.46 -7.63
CA GLU C 126 -1.39 36.66 -8.97
C GLU C 126 0.01 36.06 -9.17
N GLU C 127 0.50 35.30 -8.20
CA GLU C 127 1.79 34.62 -8.33
C GLU C 127 1.73 33.12 -8.09
N ILE C 128 0.68 32.61 -7.44
CA ILE C 128 0.57 31.20 -7.11
C ILE C 128 -0.83 30.72 -7.46
N SER C 129 -0.94 29.51 -8.01
CA SER C 129 -2.21 28.95 -8.40
C SER C 129 -3.10 28.69 -7.18
N LYS C 130 -4.39 28.48 -7.44
CA LYS C 130 -5.35 28.25 -6.36
C LYS C 130 -5.12 26.90 -5.70
N CYS C 131 -4.78 25.87 -6.49
CA CYS C 131 -4.56 24.55 -5.92
C CYS C 131 -3.40 24.55 -4.93
N LYS C 132 -2.42 25.44 -5.13
CA LYS C 132 -1.33 25.59 -4.19
C LYS C 132 -1.62 26.63 -3.11
N LEU C 133 -2.73 27.36 -3.24
CA LEU C 133 -3.18 28.31 -2.22
C LEU C 133 -4.44 27.79 -1.51
N ASP C 134 -4.54 26.48 -1.34
CA ASP C 134 -5.71 25.92 -0.70
C ASP C 134 -5.68 26.27 0.79
N ASP C 135 -6.85 26.22 1.43
CA ASP C 135 -6.93 26.62 2.84
C ASP C 135 -6.26 25.62 3.77
N ASP C 136 -5.81 24.47 3.27
CA ASP C 136 -5.11 23.49 4.08
C ASP C 136 -3.59 23.73 4.13
N MET C 137 -3.07 24.59 3.26
CA MET C 137 -1.64 24.87 3.24
C MET C 137 -1.28 25.80 4.39
N ASN C 138 -0.16 25.50 5.05
CA ASN C 138 0.40 26.39 6.06
C ASN C 138 1.44 27.31 5.42
N LEU C 139 2.02 28.20 6.25
CA LEU C 139 2.91 29.22 5.72
C LEU C 139 4.21 28.62 5.15
N LEU C 140 4.67 27.50 5.71
CA LEU C 140 5.90 26.89 5.21
C LEU C 140 5.68 26.32 3.81
N ASP C 141 4.52 25.71 3.57
CA ASP C 141 4.21 25.24 2.22
C ASP C 141 4.12 26.40 1.25
N ILE C 142 3.61 27.55 1.71
CA ILE C 142 3.55 28.74 0.86
C ILE C 142 4.97 29.22 0.52
N PHE C 143 5.86 29.21 1.51
CA PHE C 143 7.26 29.54 1.23
C PHE C 143 7.88 28.58 0.23
N ILE C 144 7.57 27.29 0.35
CA ILE C 144 8.11 26.30 -0.57
C ILE C 144 7.62 26.55 -1.99
N GLU C 145 6.32 26.83 -2.13
CA GLU C 145 5.78 27.12 -3.47
C GLU C 145 6.37 28.40 -4.04
N MET C 146 6.59 29.41 -3.19
CA MET C 146 7.22 30.65 -3.65
C MET C 146 8.63 30.39 -4.14
N GLU C 147 9.38 29.55 -3.42
CA GLU C 147 10.72 29.19 -3.86
C GLU C 147 10.67 28.42 -5.17
N LYS C 148 9.67 27.55 -5.33
CA LYS C 148 9.50 26.82 -6.58
C LYS C 148 9.26 27.78 -7.75
N ARG C 149 8.48 28.84 -7.51
CA ARG C 149 8.19 29.83 -8.54
C ARG C 149 9.19 30.98 -8.56
N VAL C 150 10.36 30.79 -7.94
CA VAL C 150 11.48 31.73 -7.88
C VAL C 150 11.05 33.17 -7.60
N ILE C 151 10.15 33.34 -6.63
CA ILE C 151 9.83 34.67 -6.14
C ILE C 151 10.39 34.92 -4.75
N LEU C 152 10.76 33.87 -4.01
CA LEU C 152 11.40 33.98 -2.71
C LEU C 152 12.76 33.31 -2.76
N GLY C 153 13.76 33.95 -2.14
CA GLY C 153 15.10 33.40 -2.13
C GLY C 153 16.02 34.28 -1.32
N GLU C 154 17.29 33.87 -1.26
CA GLU C 154 18.28 34.64 -0.51
C GLU C 154 18.53 36.00 -1.13
N GLY C 155 18.46 36.10 -2.46
CA GLY C 155 18.65 37.35 -3.15
C GLY C 155 17.38 37.98 -3.68
N LYS C 156 16.21 37.54 -3.22
CA LYS C 156 14.95 38.10 -3.68
C LYS C 156 13.96 38.02 -2.51
N LEU C 157 13.91 39.08 -1.71
CA LEU C 157 12.97 39.19 -0.60
C LEU C 157 11.94 40.28 -0.82
N ASP C 158 11.87 40.84 -2.03
CA ASP C 158 11.00 42.00 -2.27
C ASP C 158 9.53 41.61 -2.13
N ILE C 159 9.11 40.51 -2.77
CA ILE C 159 7.71 40.11 -2.70
C ILE C 159 7.34 39.69 -1.28
N LEU C 160 8.27 39.03 -0.59
CA LEU C 160 8.05 38.69 0.81
C LEU C 160 7.87 39.95 1.65
N LYS C 161 8.75 40.94 1.44
CA LYS C 161 8.61 42.20 2.14
C LYS C 161 7.27 42.86 1.84
N ARG C 162 6.82 42.77 0.59
CA ARG C 162 5.56 43.39 0.22
C ARG C 162 4.39 42.77 0.98
N VAL C 163 4.27 41.44 0.93
CA VAL C 163 3.13 40.81 1.61
C VAL C 163 3.22 40.99 3.12
N CYS C 164 4.43 40.91 3.67
CA CYS C 164 4.57 41.09 5.12
C CYS C 164 4.22 42.51 5.53
N ALA C 165 4.62 43.49 4.72
CA ALA C 165 4.28 44.89 5.02
C ALA C 165 2.78 45.11 4.95
N GLN C 166 2.11 44.44 4.00
CA GLN C 166 0.66 44.51 3.98
C GLN C 166 0.04 43.87 5.22
N ILE C 167 0.72 42.91 5.85
CA ILE C 167 0.17 42.21 7.00
C ILE C 167 0.66 42.79 8.33
N ASN C 168 1.96 42.98 8.50
CA ASN C 168 2.48 43.42 9.80
C ASN C 168 3.85 44.07 9.63
N LYS C 169 4.25 44.84 10.65
CA LYS C 169 5.53 45.53 10.61
C LYS C 169 6.64 44.75 11.32
N SER C 170 6.30 43.90 12.29
CA SER C 170 7.31 43.11 12.97
C SER C 170 7.95 42.10 12.02
N LEU C 171 7.19 41.65 11.01
CA LEU C 171 7.77 40.75 10.01
C LEU C 171 8.83 41.48 9.20
N LEU C 172 8.56 42.76 8.87
CA LEU C 172 9.59 43.56 8.23
C LEU C 172 10.79 43.74 9.14
N LYS C 173 10.56 43.82 10.45
CA LYS C 173 11.70 43.89 11.37
C LYS C 173 12.56 42.62 11.29
N ILE C 174 11.93 41.45 11.27
CA ILE C 174 12.70 40.20 11.18
C ILE C 174 13.48 40.15 9.87
N ILE C 175 12.80 40.51 8.76
CA ILE C 175 13.45 40.48 7.46
C ILE C 175 14.64 41.44 7.43
N ASN C 176 14.45 42.64 7.97
CA ASN C 176 15.53 43.63 7.95
C ASN C 176 16.68 43.24 8.87
N ASP C 177 16.41 42.56 9.98
CA ASP C 177 17.50 42.09 10.82
C ASP C 177 18.32 41.02 10.10
N TYR C 178 17.64 40.08 9.43
CA TYR C 178 18.37 39.08 8.65
C TYR C 178 19.17 39.74 7.54
N GLU C 179 18.61 40.80 6.94
CA GLU C 179 19.31 41.49 5.86
C GLU C 179 20.53 42.23 6.39
N GLU C 180 20.38 42.92 7.52
CA GLU C 180 21.48 43.70 8.08
C GLU C 180 22.63 42.83 8.52
N PHE C 181 22.35 41.60 8.98
CA PHE C 181 23.48 40.71 9.23
C PHE C 181 24.18 40.31 7.94
N SER C 182 23.44 40.19 6.84
CA SER C 182 24.04 39.86 5.55
C SER C 182 24.83 41.05 5.00
N MET D 1 28.27 20.02 -18.23
CA MET D 1 27.62 19.34 -17.13
C MET D 1 27.81 17.83 -17.20
N ASP D 2 27.28 17.14 -16.20
CA ASP D 2 27.16 15.68 -16.22
C ASP D 2 25.69 15.34 -16.36
N PHE D 3 25.32 14.69 -17.47
CA PHE D 3 23.91 14.63 -17.86
C PHE D 3 23.11 13.70 -16.95
N SER D 4 23.62 12.49 -16.69
CA SER D 4 22.88 11.56 -15.84
C SER D 4 22.74 12.09 -14.42
N ARG D 5 23.82 12.64 -13.85
CA ARG D 5 23.73 13.19 -12.50
C ARG D 5 22.76 14.37 -12.46
N ASN D 6 22.76 15.21 -13.49
CA ASN D 6 21.85 16.35 -13.54
C ASN D 6 20.40 15.89 -13.60
N LEU D 7 20.11 14.90 -14.45
CA LEU D 7 18.75 14.36 -14.53
C LEU D 7 18.35 13.72 -13.21
N TYR D 8 19.28 13.02 -12.55
CA TYR D 8 18.97 12.38 -11.27
C TYR D 8 18.64 13.44 -10.21
N ASP D 9 19.40 14.52 -10.17
CA ASP D 9 19.12 15.58 -9.21
C ASP D 9 17.79 16.26 -9.51
N ILE D 10 17.50 16.51 -10.79
CA ILE D 10 16.20 17.07 -11.16
C ILE D 10 15.07 16.15 -10.70
N GLY D 11 15.22 14.85 -10.91
CA GLY D 11 14.18 13.92 -10.47
C GLY D 11 14.04 13.86 -8.97
N GLU D 12 15.16 13.97 -8.25
CA GLU D 12 15.10 13.96 -6.78
C GLU D 12 14.38 15.16 -6.22
N GLN D 13 14.32 16.27 -6.95
CA GLN D 13 13.60 17.45 -6.50
C GLN D 13 12.14 17.45 -6.93
N LEU D 14 11.63 16.33 -7.43
CA LEU D 14 10.26 16.22 -7.90
C LEU D 14 9.52 15.19 -7.07
N ASP D 15 8.37 15.57 -6.53
CA ASP D 15 7.54 14.67 -5.77
C ASP D 15 6.53 14.00 -6.71
N SER D 16 5.58 13.24 -6.16
CA SER D 16 4.65 12.49 -6.99
C SER D 16 3.67 13.39 -7.73
N GLU D 17 3.32 14.54 -7.15
CA GLU D 17 2.40 15.47 -7.82
C GLU D 17 3.03 16.01 -9.10
N ASP D 18 4.28 16.47 -9.01
CA ASP D 18 4.99 16.93 -10.20
C ASP D 18 5.14 15.81 -11.22
N LEU D 19 5.34 14.58 -10.75
CA LEU D 19 5.46 13.45 -11.67
C LEU D 19 4.15 13.20 -12.40
N ALA D 20 3.03 13.26 -11.70
CA ALA D 20 1.73 13.10 -12.36
C ALA D 20 1.50 14.22 -13.37
N SER D 21 1.88 15.45 -13.01
CA SER D 21 1.74 16.56 -13.95
C SER D 21 2.57 16.34 -15.20
N LEU D 22 3.82 15.87 -15.04
CA LEU D 22 4.68 15.62 -16.18
C LEU D 22 4.14 14.49 -17.05
N LYS D 23 3.64 13.43 -16.42
CA LYS D 23 3.06 12.32 -17.17
C LYS D 23 1.84 12.78 -17.96
N PHE D 24 1.02 13.65 -17.37
CA PHE D 24 -0.12 14.20 -18.11
C PHE D 24 0.34 15.06 -19.28
N LEU D 25 1.35 15.92 -19.05
CA LEU D 25 1.84 16.80 -20.09
C LEU D 25 2.58 16.06 -21.19
N SER D 26 2.96 14.80 -20.96
CA SER D 26 3.65 14.00 -21.97
C SER D 26 2.75 12.95 -22.61
N LEU D 27 1.42 13.09 -22.48
CA LEU D 27 0.52 12.08 -23.01
C LEU D 27 0.57 12.01 -24.53
N ASP D 28 0.75 13.15 -25.20
CA ASP D 28 0.79 13.18 -26.65
C ASP D 28 2.04 12.51 -27.22
N TYR D 29 2.99 12.12 -26.37
CA TYR D 29 4.22 11.51 -26.82
C TYR D 29 4.51 10.14 -26.20
N ILE D 30 3.90 9.82 -25.07
CA ILE D 30 4.09 8.55 -24.40
C ILE D 30 2.72 7.91 -24.22
N PRO D 31 2.46 6.75 -24.83
CA PRO D 31 1.11 6.16 -24.75
C PRO D 31 0.79 5.63 -23.37
N GLN D 32 -0.48 5.25 -23.19
CA GLN D 32 -0.98 4.87 -21.88
C GLN D 32 -0.26 3.63 -21.34
N ARG D 33 -0.01 2.65 -22.20
CA ARG D 33 0.62 1.41 -21.76
C ARG D 33 2.02 1.67 -21.21
N LYS D 34 2.79 2.53 -21.88
CA LYS D 34 4.10 2.91 -21.38
C LYS D 34 4.03 3.91 -20.24
N GLN D 35 2.90 4.61 -20.08
CA GLN D 35 2.75 5.57 -18.99
C GLN D 35 2.42 4.89 -17.67
N GLU D 36 1.72 3.75 -17.72
CA GLU D 36 1.30 3.09 -16.48
C GLU D 36 2.44 2.75 -15.54
N PRO D 37 3.55 2.14 -15.98
CA PRO D 37 4.61 1.76 -15.03
C PRO D 37 5.50 2.92 -14.56
N ILE D 38 5.32 4.12 -15.09
CA ILE D 38 6.16 5.26 -14.71
C ILE D 38 5.82 5.68 -13.28
N LYS D 39 6.66 5.29 -12.32
CA LYS D 39 6.46 5.62 -10.92
C LYS D 39 7.52 6.57 -10.38
N ASP D 40 8.40 7.08 -11.24
CA ASP D 40 9.39 8.08 -10.84
C ASP D 40 9.78 8.88 -12.08
N ALA D 41 10.40 10.03 -11.85
CA ALA D 41 10.74 10.93 -12.94
C ALA D 41 11.76 10.31 -13.89
N LEU D 42 12.78 9.65 -13.34
CA LEU D 42 13.85 9.09 -14.18
C LEU D 42 13.29 8.18 -15.26
N MET D 43 12.38 7.27 -14.88
CA MET D 43 11.71 6.42 -15.86
C MET D 43 11.15 7.24 -17.01
N LEU D 44 10.38 8.28 -16.67
CA LEU D 44 9.87 9.20 -17.68
C LEU D 44 10.98 9.69 -18.59
N PHE D 45 12.07 10.20 -17.98
CA PHE D 45 13.20 10.66 -18.76
C PHE D 45 13.67 9.60 -19.75
N GLN D 46 13.79 8.36 -19.28
CA GLN D 46 14.23 7.27 -20.15
C GLN D 46 13.34 7.16 -21.38
N ARG D 47 12.01 7.19 -21.17
CA ARG D 47 11.10 7.10 -22.31
C ARG D 47 11.35 8.25 -23.29
N LEU D 48 11.57 9.46 -22.76
CA LEU D 48 11.86 10.57 -23.64
C LEU D 48 13.16 10.34 -24.39
N GLN D 49 14.15 9.75 -23.71
CA GLN D 49 15.42 9.43 -24.37
C GLN D 49 15.21 8.41 -25.48
N GLU D 50 14.17 7.60 -25.38
CA GLU D 50 13.90 6.63 -26.45
C GLU D 50 13.31 7.30 -27.68
N LYS D 51 12.64 8.44 -27.51
CA LYS D 51 12.11 9.20 -28.63
C LYS D 51 13.01 10.35 -29.03
N ARG D 52 14.21 10.43 -28.47
CA ARG D 52 15.20 11.47 -28.76
C ARG D 52 14.67 12.87 -28.47
N MET D 53 13.68 12.98 -27.59
CA MET D 53 13.18 14.28 -27.17
C MET D 53 13.91 14.83 -25.94
N LEU D 54 14.75 14.01 -25.31
CA LEU D 54 15.57 14.46 -24.18
C LEU D 54 16.93 13.78 -24.31
N GLU D 55 17.95 14.57 -24.65
CA GLU D 55 19.31 14.07 -24.73
C GLU D 55 20.26 15.17 -24.26
N GLU D 56 21.56 14.87 -24.29
CA GLU D 56 22.56 15.82 -23.79
C GLU D 56 22.55 17.12 -24.60
N SER D 57 22.11 17.07 -25.85
CA SER D 57 22.05 18.25 -26.70
C SER D 57 20.63 18.77 -26.90
N ASN D 58 19.61 18.01 -26.51
CA ASN D 58 18.21 18.39 -26.69
C ASN D 58 17.54 18.43 -25.32
N LEU D 59 17.58 19.61 -24.69
CA LEU D 59 16.87 19.84 -23.44
C LEU D 59 15.60 20.66 -23.62
N SER D 60 15.20 20.93 -24.87
CA SER D 60 14.09 21.84 -25.11
C SER D 60 12.80 21.30 -24.51
N PHE D 61 12.52 20.01 -24.69
CA PHE D 61 11.30 19.44 -24.17
C PHE D 61 11.34 19.34 -22.64
N LEU D 62 12.52 19.04 -22.09
CA LEU D 62 12.66 19.02 -20.64
C LEU D 62 12.46 20.40 -20.04
N LYS D 63 13.04 21.43 -20.68
CA LYS D 63 12.84 22.80 -20.23
C LYS D 63 11.37 23.19 -20.31
N GLU D 64 10.69 22.82 -21.40
CA GLU D 64 9.28 23.12 -21.54
C GLU D 64 8.45 22.43 -20.45
N LEU D 65 8.77 21.17 -20.17
CA LEU D 65 8.07 20.44 -19.12
C LEU D 65 8.25 21.12 -17.77
N LEU D 66 9.50 21.41 -17.39
CA LEU D 66 9.75 22.05 -16.10
C LEU D 66 9.19 23.45 -16.03
N PHE D 67 9.01 24.12 -17.18
CA PHE D 67 8.41 25.44 -17.19
C PHE D 67 6.90 25.35 -17.01
N ARG D 68 6.26 24.36 -17.63
CA ARG D 68 4.80 24.25 -17.54
C ARG D 68 4.35 23.84 -16.14
N ILE D 69 5.18 23.11 -15.41
CA ILE D 69 4.82 22.69 -14.05
C ILE D 69 5.31 23.74 -13.06
N ASN D 70 5.79 24.88 -13.59
CA ASN D 70 6.20 26.03 -12.79
C ASN D 70 7.35 25.70 -11.85
N ARG D 71 8.25 24.84 -12.29
CA ARG D 71 9.48 24.54 -11.53
C ARG D 71 10.65 25.37 -12.07
N LEU D 72 10.51 26.68 -11.96
CA LEU D 72 11.54 27.59 -12.45
C LEU D 72 12.83 27.45 -11.67
N ASP D 73 12.75 27.01 -10.42
CA ASP D 73 13.96 26.78 -9.63
C ASP D 73 14.85 25.73 -10.28
N LEU D 74 14.26 24.61 -10.71
CA LEU D 74 15.03 23.58 -11.39
C LEU D 74 15.54 24.08 -12.74
N LEU D 75 14.72 24.86 -13.46
CA LEU D 75 15.16 25.43 -14.72
C LEU D 75 16.43 26.27 -14.54
N ILE D 76 16.41 27.20 -13.59
CA ILE D 76 17.55 28.07 -13.41
C ILE D 76 18.74 27.32 -12.81
N THR D 77 18.49 26.34 -11.95
CA THR D 77 19.58 25.68 -11.23
C THR D 77 20.27 24.63 -12.09
N TYR D 78 19.51 23.71 -12.68
CA TYR D 78 20.09 22.58 -13.39
C TYR D 78 20.11 22.75 -14.90
N LEU D 79 19.20 23.54 -15.47
CA LEU D 79 19.18 23.77 -16.90
C LEU D 79 19.68 25.16 -17.29
N ASN D 80 19.97 26.02 -16.31
CA ASN D 80 20.53 27.34 -16.55
C ASN D 80 19.65 28.15 -17.51
N THR D 81 18.35 28.15 -17.23
CA THR D 81 17.38 28.82 -18.09
C THR D 81 16.46 29.66 -17.21
N ARG D 82 16.34 30.94 -17.56
CA ARG D 82 15.58 31.90 -16.78
C ARG D 82 14.10 31.87 -17.17
N LYS D 83 13.28 32.50 -16.33
CA LYS D 83 11.83 32.47 -16.52
C LYS D 83 11.43 33.19 -17.80
N GLU D 84 11.96 34.40 -18.02
CA GLU D 84 11.61 35.16 -19.21
C GLU D 84 12.08 34.45 -20.47
N GLU D 85 13.29 33.89 -20.44
CA GLU D 85 13.85 33.22 -21.62
C GLU D 85 12.88 32.21 -22.20
N MET D 86 12.41 31.28 -21.38
CA MET D 86 11.47 30.26 -21.84
C MET D 86 10.27 30.91 -22.51
N GLU D 87 9.74 31.97 -21.90
CA GLU D 87 8.61 32.67 -22.48
C GLU D 87 8.89 33.03 -23.94
N ARG D 88 10.01 33.73 -24.17
CA ARG D 88 10.40 34.06 -25.54
C ARG D 88 10.42 32.79 -26.40
N GLU D 89 11.12 31.76 -25.93
CA GLU D 89 11.26 30.54 -26.71
C GLU D 89 9.91 29.89 -26.98
N LEU D 90 8.95 30.07 -26.07
CA LEU D 90 7.64 29.45 -26.26
C LEU D 90 6.68 30.33 -27.04
N GLN D 91 7.03 31.60 -27.29
CA GLN D 91 6.20 32.45 -28.12
C GLN D 91 6.45 32.25 -29.61
N THR D 92 7.62 31.73 -29.98
CA THR D 92 7.91 31.46 -31.38
C THR D 92 6.97 30.38 -31.89
N PRO D 93 6.42 30.51 -33.09
CA PRO D 93 5.50 29.48 -33.59
C PRO D 93 6.22 28.17 -33.84
N GLY D 94 5.55 27.07 -33.48
CA GLY D 94 6.06 25.73 -33.66
C GLY D 94 7.28 25.39 -32.83
N ARG D 95 7.81 26.32 -32.03
CA ARG D 95 8.91 25.98 -31.13
C ARG D 95 8.41 25.21 -29.91
N ALA D 96 7.16 25.46 -29.51
CA ALA D 96 6.57 24.78 -28.35
C ALA D 96 6.21 23.34 -28.72
N GLN D 97 6.74 22.38 -27.96
CA GLN D 97 6.49 20.97 -28.24
C GLN D 97 5.24 20.45 -27.53
N ILE D 98 4.84 21.04 -26.41
CA ILE D 98 3.59 20.67 -25.75
C ILE D 98 2.46 21.47 -26.36
N SER D 99 1.39 20.78 -26.75
CA SER D 99 0.27 21.43 -27.42
C SER D 99 -0.44 22.40 -26.48
N ALA D 100 -0.99 23.46 -27.07
CA ALA D 100 -1.73 24.44 -26.28
C ALA D 100 -2.99 23.83 -25.68
N TYR D 101 -3.56 22.82 -26.34
CA TYR D 101 -4.72 22.12 -25.77
C TYR D 101 -4.35 21.40 -24.48
N ARG D 102 -3.21 20.71 -24.48
CA ARG D 102 -2.78 19.99 -23.28
C ARG D 102 -2.50 20.96 -22.14
N VAL D 103 -1.63 21.95 -22.38
CA VAL D 103 -1.27 22.91 -21.35
C VAL D 103 -2.51 23.52 -20.72
N MET D 104 -3.44 23.97 -21.56
CA MET D 104 -4.70 24.53 -21.09
C MET D 104 -5.33 23.64 -20.04
N LEU D 105 -5.52 22.36 -20.37
CA LEU D 105 -6.13 21.43 -19.42
C LEU D 105 -5.37 21.43 -18.10
N TYR D 106 -4.04 21.33 -18.18
CA TYR D 106 -3.24 21.31 -16.95
C TYR D 106 -3.47 22.57 -16.14
N GLN D 107 -3.57 23.73 -16.81
CA GLN D 107 -3.78 24.97 -16.08
C GLN D 107 -5.11 24.96 -15.35
N ILE D 108 -6.13 24.31 -15.92
CA ILE D 108 -7.40 24.16 -15.22
C ILE D 108 -7.18 23.42 -13.90
N SER D 109 -6.38 22.35 -13.94
CA SER D 109 -6.09 21.61 -12.72
C SER D 109 -5.38 22.47 -11.67
N GLU D 110 -4.70 23.54 -12.09
CA GLU D 110 -4.06 24.43 -11.13
C GLU D 110 -5.05 25.33 -10.42
N GLU D 111 -6.25 25.52 -10.97
CA GLU D 111 -7.21 26.47 -10.43
C GLU D 111 -8.40 25.78 -9.76
N VAL D 112 -8.35 24.47 -9.61
CA VAL D 112 -9.41 23.69 -8.97
C VAL D 112 -8.89 23.21 -7.62
N SER D 113 -9.71 23.35 -6.59
CA SER D 113 -9.36 22.89 -5.25
C SER D 113 -9.95 21.50 -5.04
N ARG D 114 -9.94 21.04 -3.80
CA ARG D 114 -10.42 19.68 -3.50
C ARG D 114 -11.95 19.61 -3.58
N SER D 115 -12.64 20.52 -2.90
CA SER D 115 -14.10 20.54 -2.99
C SER D 115 -14.56 20.87 -4.40
N GLU D 116 -13.82 21.74 -5.10
CA GLU D 116 -14.14 22.02 -6.49
C GLU D 116 -13.95 20.78 -7.36
N LEU D 117 -12.93 19.97 -7.06
CA LEU D 117 -12.74 18.72 -7.79
C LEU D 117 -13.86 17.74 -7.50
N ARG D 118 -14.34 17.70 -6.25
CA ARG D 118 -15.47 16.84 -5.91
C ARG D 118 -16.73 17.26 -6.67
N SER D 119 -16.96 18.58 -6.77
CA SER D 119 -18.10 19.06 -7.53
C SER D 119 -17.94 18.76 -9.02
N PHE D 120 -16.71 18.87 -9.54
CA PHE D 120 -16.44 18.51 -10.92
C PHE D 120 -16.77 17.05 -11.18
N LYS D 121 -16.38 16.17 -10.26
CA LYS D 121 -16.72 14.75 -10.39
C LYS D 121 -18.23 14.53 -10.33
N GLY D 122 -18.91 15.22 -9.41
CA GLY D 122 -20.35 15.13 -9.34
C GLY D 122 -21.04 15.61 -10.60
N GLY D 123 -20.40 16.51 -11.34
CA GLY D 123 -20.99 17.00 -12.57
C GLY D 123 -20.95 16.06 -13.76
N LEU D 124 -20.25 14.92 -13.67
CA LEU D 124 -20.10 13.99 -14.79
C LEU D 124 -20.66 12.60 -14.49
N GLN D 125 -21.71 12.50 -13.67
CA GLN D 125 -22.24 11.18 -13.34
C GLN D 125 -22.97 10.55 -14.52
N GLU D 126 -23.64 11.35 -15.35
CA GLU D 126 -24.40 10.82 -16.47
C GLU D 126 -23.51 10.42 -17.64
N GLU D 127 -22.23 10.83 -17.65
CA GLU D 127 -21.35 10.58 -18.78
C GLU D 127 -20.21 9.63 -18.49
N ILE D 128 -19.84 9.44 -17.22
CA ILE D 128 -18.73 8.58 -16.85
C ILE D 128 -19.18 7.63 -15.74
N SER D 129 -18.73 6.38 -15.83
CA SER D 129 -19.11 5.37 -14.85
C SER D 129 -18.55 5.70 -13.47
N LYS D 130 -19.14 5.06 -12.46
CA LYS D 130 -18.78 5.37 -11.07
C LYS D 130 -17.37 4.87 -10.72
N CYS D 131 -16.94 3.76 -11.32
CA CYS D 131 -15.63 3.22 -11.01
C CYS D 131 -14.51 4.19 -11.40
N LYS D 132 -14.73 5.02 -12.41
CA LYS D 132 -13.75 6.02 -12.82
C LYS D 132 -13.95 7.36 -12.13
N LEU D 133 -15.01 7.54 -11.35
CA LEU D 133 -15.23 8.76 -10.58
C LEU D 133 -15.00 8.55 -9.10
N ASP D 134 -14.06 7.69 -8.74
CA ASP D 134 -13.74 7.44 -7.35
C ASP D 134 -13.01 8.65 -6.76
N ASP D 135 -13.02 8.74 -5.43
CA ASP D 135 -12.38 9.87 -4.76
C ASP D 135 -10.86 9.87 -4.91
N ASP D 136 -10.27 8.80 -5.45
CA ASP D 136 -8.84 8.77 -5.69
C ASP D 136 -8.44 9.54 -6.94
N MET D 137 -9.36 9.74 -7.87
CA MET D 137 -9.04 10.41 -9.12
C MET D 137 -8.78 11.89 -8.92
N ASN D 138 -7.76 12.41 -9.58
CA ASN D 138 -7.54 13.84 -9.66
C ASN D 138 -8.15 14.37 -10.96
N LEU D 139 -8.06 15.69 -11.17
CA LEU D 139 -8.72 16.28 -12.32
C LEU D 139 -8.10 15.82 -13.64
N LEU D 140 -6.79 15.53 -13.65
CA LEU D 140 -6.15 15.09 -14.87
C LEU D 140 -6.64 13.71 -15.29
N ASP D 141 -6.84 12.81 -14.32
CA ASP D 141 -7.41 11.50 -14.64
C ASP D 141 -8.83 11.64 -15.18
N ILE D 142 -9.59 12.59 -14.65
CA ILE D 142 -10.94 12.82 -15.16
C ILE D 142 -10.87 13.34 -16.60
N PHE D 143 -9.93 14.23 -16.89
CA PHE D 143 -9.74 14.68 -18.26
C PHE D 143 -9.38 13.52 -19.18
N ILE D 144 -8.52 12.62 -18.71
CA ILE D 144 -8.12 11.48 -19.53
C ILE D 144 -9.31 10.58 -19.81
N GLU D 145 -10.14 10.32 -18.79
CA GLU D 145 -11.32 9.49 -19.00
C GLU D 145 -12.30 10.17 -19.95
N MET D 146 -12.45 11.49 -19.85
CA MET D 146 -13.31 12.22 -20.77
C MET D 146 -12.79 12.11 -22.21
N GLU D 147 -11.48 12.21 -22.38
CA GLU D 147 -10.89 12.03 -23.71
C GLU D 147 -11.13 10.62 -24.23
N LYS D 148 -11.02 9.62 -23.34
CA LYS D 148 -11.31 8.25 -23.74
C LYS D 148 -12.74 8.10 -24.21
N ARG D 149 -13.68 8.78 -23.55
CA ARG D 149 -15.08 8.71 -23.95
C ARG D 149 -15.45 9.78 -24.99
N VAL D 150 -14.45 10.42 -25.60
CA VAL D 150 -14.61 11.43 -26.64
C VAL D 150 -15.68 12.46 -26.27
N ILE D 151 -15.64 12.94 -25.03
CA ILE D 151 -16.44 14.08 -24.63
C ILE D 151 -15.58 15.32 -24.41
N LEU D 152 -14.27 15.17 -24.24
CA LEU D 152 -13.32 16.27 -24.15
C LEU D 152 -12.32 16.15 -25.29
N GLY D 153 -11.99 17.28 -25.91
CA GLY D 153 -11.06 17.28 -27.02
C GLY D 153 -10.81 18.69 -27.50
N GLU D 154 -9.96 18.77 -28.54
CA GLU D 154 -9.62 20.09 -29.09
C GLU D 154 -10.81 20.76 -29.74
N GLY D 155 -11.71 19.98 -30.34
CA GLY D 155 -12.90 20.54 -30.95
C GLY D 155 -14.14 20.29 -30.12
N LYS D 156 -13.99 19.49 -29.07
CA LYS D 156 -15.10 19.08 -28.20
C LYS D 156 -14.86 19.65 -26.81
N LEU D 157 -15.14 20.94 -26.63
CA LEU D 157 -15.01 21.60 -25.34
C LEU D 157 -16.36 21.93 -24.73
N ASP D 158 -17.46 21.44 -25.31
CA ASP D 158 -18.79 21.83 -24.85
C ASP D 158 -19.04 21.32 -23.43
N ILE D 159 -18.79 20.04 -23.18
CA ILE D 159 -19.01 19.48 -21.86
C ILE D 159 -18.03 20.07 -20.86
N LEU D 160 -16.80 20.35 -21.30
CA LEU D 160 -15.83 21.00 -20.44
C LEU D 160 -16.33 22.37 -19.98
N LYS D 161 -16.80 23.19 -20.93
CA LYS D 161 -17.35 24.49 -20.57
C LYS D 161 -18.55 24.34 -19.65
N ARG D 162 -19.42 23.37 -19.94
CA ARG D 162 -20.62 23.16 -19.13
C ARG D 162 -20.26 22.85 -17.69
N VAL D 163 -19.30 21.94 -17.48
CA VAL D 163 -18.95 21.55 -16.12
C VAL D 163 -18.17 22.65 -15.41
N CYS D 164 -17.32 23.38 -16.15
CA CYS D 164 -16.56 24.46 -15.54
C CYS D 164 -17.45 25.62 -15.13
N ALA D 165 -18.49 25.91 -15.92
CA ALA D 165 -19.39 27.03 -15.63
C ALA D 165 -20.16 26.88 -14.33
N GLN D 166 -20.08 25.72 -13.66
CA GLN D 166 -20.83 25.50 -12.44
C GLN D 166 -19.95 25.53 -11.18
N ILE D 167 -18.64 25.47 -11.33
CA ILE D 167 -17.72 25.50 -10.19
C ILE D 167 -17.00 26.84 -10.08
N ASN D 168 -16.53 27.38 -11.19
CA ASN D 168 -15.77 28.63 -11.19
C ASN D 168 -15.92 29.32 -12.53
N LYS D 169 -15.70 30.63 -12.54
CA LYS D 169 -15.86 31.41 -13.76
C LYS D 169 -14.54 31.70 -14.48
N SER D 170 -13.41 31.70 -13.78
CA SER D 170 -12.13 31.94 -14.43
C SER D 170 -11.74 30.81 -15.36
N LEU D 171 -12.22 29.59 -15.09
CA LEU D 171 -11.93 28.46 -15.96
C LEU D 171 -12.53 28.66 -17.33
N LEU D 172 -13.75 29.23 -17.39
CA LEU D 172 -14.34 29.57 -18.68
C LEU D 172 -13.48 30.59 -19.43
N LYS D 173 -12.87 31.52 -18.69
CA LYS D 173 -11.97 32.49 -19.32
C LYS D 173 -10.76 31.79 -19.92
N ILE D 174 -10.16 30.85 -19.18
CA ILE D 174 -9.02 30.11 -19.71
C ILE D 174 -9.41 29.34 -20.96
N ILE D 175 -10.56 28.67 -20.92
CA ILE D 175 -11.03 27.89 -22.06
C ILE D 175 -11.24 28.79 -23.27
N ASN D 176 -11.89 29.94 -23.07
CA ASN D 176 -12.16 30.83 -24.20
C ASN D 176 -10.88 31.47 -24.73
N ASP D 177 -9.91 31.74 -23.87
CA ASP D 177 -8.63 32.27 -24.34
C ASP D 177 -7.91 31.24 -25.21
N TYR D 178 -7.88 29.99 -24.77
CA TYR D 178 -7.30 28.94 -25.62
C TYR D 178 -8.09 28.78 -26.91
N GLU D 179 -9.42 28.91 -26.84
CA GLU D 179 -10.28 28.68 -27.99
C GLU D 179 -10.08 29.75 -29.06
N GLU D 180 -9.98 31.02 -28.65
CA GLU D 180 -9.86 32.10 -29.62
C GLU D 180 -8.59 32.02 -30.45
N PHE D 181 -7.55 31.34 -29.95
CA PHE D 181 -6.32 31.20 -30.72
C PHE D 181 -6.46 30.22 -31.89
N SER D 182 -7.48 29.36 -31.86
CA SER D 182 -7.69 28.40 -32.93
C SER D 182 -8.11 29.07 -34.23
N ASP E 2 -41.65 11.44 3.01
CA ASP E 2 -42.86 11.50 3.81
C ASP E 2 -42.54 11.67 5.29
N PHE E 3 -41.96 10.63 5.89
CA PHE E 3 -41.61 10.67 7.31
C PHE E 3 -40.24 11.29 7.54
N SER E 4 -39.23 10.86 6.78
CA SER E 4 -37.90 11.45 6.92
C SER E 4 -37.91 12.92 6.51
N ARG E 5 -38.64 13.25 5.45
CA ARG E 5 -38.81 14.65 5.06
C ARG E 5 -39.50 15.44 6.16
N ASN E 6 -40.49 14.83 6.82
CA ASN E 6 -41.17 15.50 7.93
C ASN E 6 -40.21 15.78 9.09
N LEU E 7 -39.38 14.79 9.44
CA LEU E 7 -38.38 15.01 10.48
C LEU E 7 -37.40 16.11 10.08
N TYR E 8 -37.00 16.14 8.80
CA TYR E 8 -36.09 17.19 8.34
C TYR E 8 -36.73 18.56 8.46
N ASP E 9 -38.02 18.67 8.11
CA ASP E 9 -38.71 19.95 8.22
C ASP E 9 -38.86 20.37 9.69
N ILE E 10 -39.18 19.43 10.58
CA ILE E 10 -39.25 19.75 12.00
C ILE E 10 -37.91 20.25 12.51
N GLY E 11 -36.82 19.59 12.09
CA GLY E 11 -35.51 20.04 12.53
C GLY E 11 -35.13 21.40 11.98
N GLU E 12 -35.53 21.68 10.74
CA GLU E 12 -35.24 22.98 10.13
C GLU E 12 -36.00 24.11 10.81
N GLN E 13 -37.11 23.82 11.47
CA GLN E 13 -37.90 24.82 12.18
C GLN E 13 -37.48 25.01 13.63
N LEU E 14 -36.32 24.48 14.02
CA LEU E 14 -35.85 24.55 15.40
C LEU E 14 -34.53 25.33 15.44
N ASP E 15 -34.46 26.31 16.34
CA ASP E 15 -33.27 27.13 16.48
C ASP E 15 -32.31 26.50 17.50
N SER E 16 -31.22 27.22 17.82
CA SER E 16 -30.20 26.68 18.71
C SER E 16 -30.68 26.60 20.16
N GLU E 17 -31.52 27.55 20.59
CA GLU E 17 -32.04 27.51 21.95
C GLU E 17 -32.93 26.29 22.15
N ASP E 18 -33.84 26.04 21.20
CA ASP E 18 -34.67 24.84 21.25
C ASP E 18 -33.81 23.59 21.20
N LEU E 19 -32.73 23.62 20.42
CA LEU E 19 -31.85 22.45 20.34
C LEU E 19 -31.17 22.18 21.68
N ALA E 20 -30.69 23.22 22.35
CA ALA E 20 -30.10 23.04 23.67
C ALA E 20 -31.12 22.51 24.67
N SER E 21 -32.34 23.03 24.63
CA SER E 21 -33.39 22.54 25.53
C SER E 21 -33.68 21.06 25.27
N LEU E 22 -33.79 20.67 24.00
CA LEU E 22 -34.07 19.27 23.68
C LEU E 22 -32.91 18.36 24.10
N LYS E 23 -31.68 18.81 23.88
CA LYS E 23 -30.52 18.01 24.28
C LYS E 23 -30.50 17.83 25.80
N PHE E 24 -30.85 18.87 26.56
CA PHE E 24 -30.94 18.70 28.00
C PHE E 24 -32.06 17.73 28.37
N LEU E 25 -33.22 17.86 27.73
CA LEU E 25 -34.35 16.99 28.03
C LEU E 25 -34.12 15.55 27.61
N SER E 26 -33.10 15.28 26.78
CA SER E 26 -32.79 13.92 26.36
C SER E 26 -31.54 13.36 27.05
N LEU E 27 -31.12 13.97 28.17
CA LEU E 27 -29.88 13.54 28.84
C LEU E 27 -30.00 12.14 29.42
N ASP E 28 -31.19 11.76 29.89
CA ASP E 28 -31.33 10.45 30.53
C ASP E 28 -31.20 9.29 29.55
N TYR E 29 -31.09 9.55 28.26
CA TYR E 29 -30.96 8.49 27.27
C TYR E 29 -29.77 8.64 26.33
N ILE E 30 -29.19 9.83 26.19
CA ILE E 30 -28.05 10.07 25.31
C ILE E 30 -26.93 10.65 26.14
N PRO E 31 -25.78 9.98 26.25
CA PRO E 31 -24.70 10.47 27.11
C PRO E 31 -24.02 11.72 26.55
N GLN E 32 -23.12 12.27 27.35
CA GLN E 32 -22.48 13.54 27.02
C GLN E 32 -21.66 13.44 25.74
N ARG E 33 -20.91 12.34 25.57
CA ARG E 33 -20.05 12.19 24.40
C ARG E 33 -20.89 12.13 23.12
N LYS E 34 -22.02 11.44 23.15
CA LYS E 34 -22.89 11.38 21.99
C LYS E 34 -23.66 12.67 21.79
N GLN E 35 -23.80 13.49 22.84
CA GLN E 35 -24.50 14.76 22.71
C GLN E 35 -23.60 15.86 22.15
N GLU E 36 -22.30 15.77 22.39
CA GLU E 36 -21.38 16.83 21.96
C GLU E 36 -21.45 17.11 20.46
N PRO E 37 -21.41 16.13 19.55
CA PRO E 37 -21.46 16.47 18.12
C PRO E 37 -22.85 16.82 17.60
N ILE E 38 -23.89 16.69 18.41
CA ILE E 38 -25.24 17.02 17.99
C ILE E 38 -25.35 18.54 17.93
N LYS E 39 -25.25 19.10 16.73
CA LYS E 39 -25.30 20.55 16.55
C LYS E 39 -26.52 20.99 15.74
N ASP E 40 -27.47 20.09 15.49
CA ASP E 40 -28.74 20.45 14.89
C ASP E 40 -29.77 19.45 15.37
N ALA E 41 -31.04 19.82 15.23
CA ALA E 41 -32.11 18.98 15.76
C ALA E 41 -32.17 17.64 15.05
N LEU E 42 -32.03 17.65 13.72
CA LEU E 42 -32.13 16.42 12.94
C LEU E 42 -31.18 15.35 13.47
N MET E 43 -29.92 15.73 13.68
CA MET E 43 -28.93 14.80 14.23
C MET E 43 -29.44 14.18 15.53
N LEU E 44 -29.98 15.01 16.43
CA LEU E 44 -30.58 14.49 17.66
C LEU E 44 -31.60 13.41 17.34
N PHE E 45 -32.53 13.71 16.43
CA PHE E 45 -33.53 12.73 16.02
C PHE E 45 -32.86 11.43 15.61
N GLN E 46 -31.78 11.52 14.84
CA GLN E 46 -31.08 10.31 14.39
C GLN E 46 -30.70 9.43 15.57
N ARG E 47 -30.10 10.03 16.60
CA ARG E 47 -29.73 9.24 17.78
C ARG E 47 -30.94 8.58 18.40
N LEU E 48 -32.06 9.32 18.48
CA LEU E 48 -33.28 8.74 19.03
C LEU E 48 -33.76 7.56 18.18
N GLN E 49 -33.59 7.65 16.86
CA GLN E 49 -33.96 6.54 16.00
C GLN E 49 -33.09 5.31 16.27
N GLU E 50 -31.85 5.52 16.74
CA GLU E 50 -30.97 4.40 17.02
C GLU E 50 -31.31 3.69 18.32
N LYS E 51 -31.95 4.38 19.26
CA LYS E 51 -32.37 3.78 20.52
C LYS E 51 -33.83 3.34 20.49
N ARG E 52 -34.44 3.30 19.30
CA ARG E 52 -35.82 2.86 19.10
C ARG E 52 -36.83 3.70 19.87
N MET E 53 -36.47 4.93 20.25
CA MET E 53 -37.42 5.83 20.90
C MET E 53 -38.14 6.75 19.93
N LEU E 54 -37.73 6.78 18.66
CA LEU E 54 -38.40 7.58 17.64
C LEU E 54 -38.43 6.78 16.34
N GLU E 55 -39.61 6.36 15.92
CA GLU E 55 -39.79 5.67 14.65
C GLU E 55 -41.11 6.12 14.05
N GLU E 56 -41.37 5.67 12.80
CA GLU E 56 -42.56 6.11 12.11
C GLU E 56 -43.83 5.63 12.80
N SER E 57 -43.76 4.51 13.52
CA SER E 57 -44.92 4.02 14.25
C SER E 57 -44.96 4.50 15.70
N ASN E 58 -43.85 5.00 16.23
CA ASN E 58 -43.77 5.48 17.61
C ASN E 58 -43.27 6.93 17.57
N LEU E 59 -44.20 7.88 17.56
CA LEU E 59 -43.88 9.30 17.61
C LEU E 59 -44.05 9.88 19.00
N SER E 60 -44.28 9.04 20.01
CA SER E 60 -44.64 9.52 21.34
C SER E 60 -43.55 10.40 21.95
N PHE E 61 -42.28 9.97 21.85
CA PHE E 61 -41.21 10.74 22.50
C PHE E 61 -40.97 12.07 21.80
N LEU E 62 -41.10 12.10 20.47
CA LEU E 62 -40.96 13.37 19.76
C LEU E 62 -42.07 14.34 20.15
N LYS E 63 -43.30 13.83 20.26
CA LYS E 63 -44.41 14.66 20.71
C LYS E 63 -44.17 15.17 22.13
N GLU E 64 -43.66 14.31 23.01
CA GLU E 64 -43.37 14.73 24.38
C GLU E 64 -42.31 15.82 24.41
N LEU E 65 -41.24 15.66 23.62
CA LEU E 65 -40.20 16.67 23.55
C LEU E 65 -40.77 18.00 23.05
N LEU E 66 -41.47 17.98 21.92
CA LEU E 66 -41.99 19.24 21.37
C LEU E 66 -43.05 19.87 22.26
N PHE E 67 -43.75 19.08 23.08
CA PHE E 67 -44.72 19.66 24.01
C PHE E 67 -44.03 20.27 25.23
N ARG E 68 -42.99 19.60 25.74
CA ARG E 68 -42.30 20.10 26.92
C ARG E 68 -41.52 21.37 26.62
N ILE E 69 -41.13 21.56 25.37
CA ILE E 69 -40.38 22.74 24.96
C ILE E 69 -41.34 23.84 24.52
N ASN E 70 -42.64 23.58 24.71
CA ASN E 70 -43.70 24.55 24.41
C ASN E 70 -43.68 25.00 22.96
N ARG E 71 -43.30 24.10 22.05
CA ARG E 71 -43.36 24.35 20.62
C ARG E 71 -44.60 23.72 20.01
N LEU E 72 -45.77 24.19 20.48
CA LEU E 72 -47.04 23.61 20.05
C LEU E 72 -47.30 23.85 18.56
N ASP E 73 -46.71 24.90 17.99
CA ASP E 73 -46.89 25.17 16.56
C ASP E 73 -46.39 24.00 15.72
N LEU E 74 -45.19 23.50 16.03
CA LEU E 74 -44.66 22.36 15.28
C LEU E 74 -45.51 21.12 15.48
N LEU E 75 -45.99 20.89 16.71
CA LEU E 75 -46.89 19.77 16.98
C LEU E 75 -48.13 19.84 16.07
N ILE E 76 -48.76 21.01 16.03
CA ILE E 76 -49.99 21.14 15.25
C ILE E 76 -49.70 21.07 13.76
N THR E 77 -48.55 21.58 13.32
CA THR E 77 -48.28 21.68 11.89
C THR E 77 -47.83 20.34 11.30
N TYR E 78 -46.81 19.71 11.90
CA TYR E 78 -46.21 18.54 11.30
C TYR E 78 -46.67 17.22 11.90
N LEU E 79 -47.10 17.22 13.17
CA LEU E 79 -47.55 16.00 13.82
C LEU E 79 -49.06 15.93 14.02
N ASN E 80 -49.79 17.00 13.70
CA ASN E 80 -51.25 17.01 13.80
C ASN E 80 -51.71 16.65 15.21
N THR E 81 -51.09 17.28 16.21
CA THR E 81 -51.38 17.02 17.61
C THR E 81 -51.59 18.33 18.33
N ARG E 82 -52.65 18.40 19.14
CA ARG E 82 -53.04 19.62 19.83
C ARG E 82 -52.51 19.61 21.26
N LYS E 83 -52.83 20.68 22.00
CA LYS E 83 -52.36 20.83 23.37
C LYS E 83 -53.13 19.93 24.33
N GLU E 84 -54.46 19.90 24.20
CA GLU E 84 -55.28 19.07 25.08
C GLU E 84 -54.93 17.59 24.91
N GLU E 85 -54.71 17.15 23.67
CA GLU E 85 -54.31 15.78 23.41
C GLU E 85 -53.07 15.41 24.21
N MET E 86 -52.02 16.22 24.10
CA MET E 86 -50.79 15.99 24.84
C MET E 86 -51.03 15.99 26.35
N GLU E 87 -51.83 16.95 26.85
CA GLU E 87 -52.16 16.96 28.26
C GLU E 87 -52.76 15.63 28.70
N ARG E 88 -53.73 15.12 27.93
CA ARG E 88 -54.35 13.84 28.23
C ARG E 88 -53.33 12.72 28.18
N GLU E 89 -52.40 12.78 27.23
CA GLU E 89 -51.41 11.72 27.07
C GLU E 89 -50.41 11.70 28.22
N LEU E 90 -50.10 12.88 28.77
CA LEU E 90 -49.17 12.99 29.89
C LEU E 90 -49.84 12.92 31.25
N GLN E 91 -51.18 12.90 31.30
CA GLN E 91 -51.87 12.74 32.57
C GLN E 91 -51.88 11.29 33.04
N THR E 92 -51.71 10.34 32.12
CA THR E 92 -51.64 8.93 32.47
C THR E 92 -50.38 8.65 33.30
N PRO E 93 -50.47 7.74 34.27
CA PRO E 93 -49.27 7.44 35.08
C PRO E 93 -48.16 6.86 34.24
N GLY E 94 -48.51 6.14 33.17
CA GLY E 94 -47.55 5.68 32.21
C GLY E 94 -47.39 6.74 31.12
N ARG E 95 -46.90 6.30 29.96
CA ARG E 95 -46.76 7.14 28.78
C ARG E 95 -45.87 8.36 29.00
N ALA E 96 -45.18 8.45 30.14
CA ALA E 96 -44.22 9.51 30.37
C ALA E 96 -42.83 8.91 30.23
N GLN E 97 -42.09 9.34 29.22
CA GLN E 97 -40.74 8.84 28.96
C GLN E 97 -39.63 9.69 29.57
N ILE E 98 -39.87 10.99 29.76
CA ILE E 98 -38.92 11.87 30.43
C ILE E 98 -39.21 11.83 31.92
N SER E 99 -38.16 11.63 32.72
CA SER E 99 -38.33 11.54 34.17
C SER E 99 -38.84 12.85 34.73
N ALA E 100 -39.64 12.74 35.81
CA ALA E 100 -40.17 13.94 36.46
C ALA E 100 -39.06 14.80 37.05
N TYR E 101 -37.93 14.19 37.43
CA TYR E 101 -36.80 14.97 37.93
C TYR E 101 -36.24 15.88 36.85
N ARG E 102 -36.12 15.36 35.62
CA ARG E 102 -35.59 16.17 34.52
C ARG E 102 -36.50 17.36 34.22
N VAL E 103 -37.77 17.09 33.94
CA VAL E 103 -38.71 18.16 33.58
C VAL E 103 -38.69 19.26 34.62
N MET E 104 -38.82 18.88 35.90
CA MET E 104 -38.76 19.84 36.99
C MET E 104 -37.55 20.75 36.84
N LEU E 105 -36.36 20.15 36.71
CA LEU E 105 -35.14 20.94 36.56
C LEU E 105 -35.26 21.90 35.39
N TYR E 106 -35.72 21.39 34.24
CA TYR E 106 -35.87 22.25 33.07
C TYR E 106 -36.84 23.38 33.37
N GLN E 107 -37.92 23.09 34.08
CA GLN E 107 -38.90 24.12 34.41
C GLN E 107 -38.27 25.20 35.27
N ILE E 108 -37.34 24.83 36.15
CA ILE E 108 -36.63 25.85 36.93
C ILE E 108 -35.89 26.79 36.00
N SER E 109 -35.21 26.25 34.98
CA SER E 109 -34.53 27.10 34.02
C SER E 109 -35.50 28.00 33.27
N GLU E 110 -36.77 27.61 33.19
CA GLU E 110 -37.77 28.44 32.53
C GLU E 110 -38.20 29.63 33.37
N GLU E 111 -37.95 29.60 34.68
CA GLU E 111 -38.45 30.63 35.58
C GLU E 111 -37.36 31.54 36.15
N VAL E 112 -36.13 31.43 35.65
CA VAL E 112 -35.01 32.25 36.12
C VAL E 112 -34.64 33.27 35.05
N SER E 113 -34.36 34.50 35.48
CA SER E 113 -33.96 35.58 34.60
C SER E 113 -32.44 35.67 34.57
N ARG E 114 -31.93 36.77 34.00
CA ARG E 114 -30.49 36.92 33.83
C ARG E 114 -29.79 37.23 35.15
N SER E 115 -30.28 38.25 35.87
CA SER E 115 -29.72 38.56 37.18
C SER E 115 -29.93 37.41 38.15
N GLU E 116 -31.06 36.70 38.03
CA GLU E 116 -31.28 35.52 38.85
C GLU E 116 -30.26 34.44 38.51
N LEU E 117 -29.89 34.33 37.24
CA LEU E 117 -28.84 33.38 36.86
C LEU E 117 -27.49 33.80 37.44
N ARG E 118 -27.22 35.10 37.46
CA ARG E 118 -25.99 35.61 38.08
C ARG E 118 -25.95 35.25 39.56
N SER E 119 -27.07 35.43 40.25
CA SER E 119 -27.13 35.10 41.67
C SER E 119 -26.98 33.60 41.89
N PHE E 120 -27.57 32.79 41.01
CA PHE E 120 -27.41 31.34 41.10
C PHE E 120 -25.95 30.95 40.94
N LYS E 121 -25.26 31.56 39.97
CA LYS E 121 -23.83 31.31 39.78
C LYS E 121 -23.04 31.68 41.02
N GLY E 122 -23.29 32.88 41.56
CA GLY E 122 -22.57 33.32 42.74
C GLY E 122 -22.84 32.46 43.97
N GLY E 123 -24.02 31.84 44.02
CA GLY E 123 -24.36 31.01 45.16
C GLY E 123 -23.69 29.65 45.19
N LEU E 124 -22.97 29.27 44.13
CA LEU E 124 -22.33 27.95 44.08
C LEU E 124 -20.82 28.03 43.97
N GLN E 125 -20.21 29.11 44.43
CA GLN E 125 -18.76 29.23 44.38
C GLN E 125 -18.06 28.38 45.43
N GLU E 126 -18.80 27.78 46.35
CA GLU E 126 -18.22 26.95 47.41
C GLU E 126 -17.98 25.52 46.98
N GLU E 127 -18.71 25.02 45.98
CA GLU E 127 -18.58 23.64 45.53
C GLU E 127 -18.16 23.50 44.08
N ILE E 128 -18.25 24.56 43.28
CA ILE E 128 -17.93 24.51 41.86
C ILE E 128 -16.91 25.60 41.54
N SER E 129 -15.93 25.26 40.69
CA SER E 129 -14.90 26.20 40.29
C SER E 129 -15.50 27.33 39.45
N LYS E 130 -14.68 28.35 39.20
CA LYS E 130 -15.13 29.51 38.44
C LYS E 130 -15.23 29.21 36.95
N CYS E 131 -14.42 28.29 36.44
CA CYS E 131 -14.46 27.98 35.02
C CYS E 131 -15.80 27.38 34.60
N LYS E 132 -16.47 26.66 35.51
CA LYS E 132 -17.79 26.12 35.22
C LYS E 132 -18.92 27.06 35.62
N LEU E 133 -18.61 28.16 36.32
CA LEU E 133 -19.56 29.19 36.68
C LEU E 133 -19.32 30.47 35.88
N ASP E 134 -18.93 30.32 34.62
CA ASP E 134 -18.61 31.45 33.77
C ASP E 134 -19.87 32.23 33.41
N ASP E 135 -19.66 33.47 32.95
CA ASP E 135 -20.73 34.40 32.61
C ASP E 135 -21.53 33.98 31.39
N ASP E 136 -21.15 32.91 30.69
CA ASP E 136 -21.87 32.44 29.52
C ASP E 136 -22.60 31.12 29.76
N MET E 137 -22.53 30.57 30.97
CA MET E 137 -23.23 29.33 31.28
C MET E 137 -24.68 29.62 31.64
N ASN E 138 -25.58 28.79 31.12
CA ASN E 138 -26.98 28.87 31.51
C ASN E 138 -27.25 27.89 32.65
N LEU E 139 -28.49 27.88 33.13
CA LEU E 139 -28.82 27.10 34.32
C LEU E 139 -28.71 25.60 34.08
N LEU E 140 -28.96 25.14 32.85
CA LEU E 140 -28.88 23.72 32.57
C LEU E 140 -27.44 23.20 32.67
N ASP E 141 -26.47 23.99 32.18
CA ASP E 141 -25.07 23.59 32.32
C ASP E 141 -24.65 23.57 33.79
N ILE E 142 -25.18 24.49 34.59
CA ILE E 142 -24.89 24.49 36.02
C ILE E 142 -25.49 23.26 36.68
N PHE E 143 -26.71 22.88 36.28
CA PHE E 143 -27.30 21.64 36.79
C PHE E 143 -26.44 20.43 36.43
N ILE E 144 -25.93 20.40 35.20
CA ILE E 144 -25.10 19.27 34.77
C ILE E 144 -23.81 19.22 35.58
N GLU E 145 -23.19 20.37 35.82
CA GLU E 145 -21.96 20.39 36.62
C GLU E 145 -22.23 19.98 38.06
N MET E 146 -23.39 20.39 38.60
CA MET E 146 -23.76 19.98 39.95
C MET E 146 -23.94 18.46 40.02
N GLU E 147 -24.56 17.88 39.00
CA GLU E 147 -24.70 16.43 38.96
C GLU E 147 -23.34 15.76 38.85
N LYS E 148 -22.42 16.35 38.08
CA LYS E 148 -21.07 15.81 37.96
C LYS E 148 -20.35 15.80 39.30
N ARG E 149 -20.55 16.85 40.11
CA ARG E 149 -19.91 16.95 41.41
C ARG E 149 -20.76 16.33 42.53
N VAL E 150 -21.73 15.49 42.17
CA VAL E 150 -22.64 14.76 43.06
C VAL E 150 -23.18 15.64 44.18
N ILE E 151 -23.59 16.86 43.83
CA ILE E 151 -24.31 17.72 44.76
C ILE E 151 -25.78 17.88 44.38
N LEU E 152 -26.14 17.61 43.13
CA LEU E 152 -27.53 17.63 42.68
C LEU E 152 -27.91 16.27 42.14
N GLY E 153 -29.10 15.81 42.48
CA GLY E 153 -29.58 14.52 42.02
C GLY E 153 -30.98 14.26 42.53
N GLU E 154 -31.50 13.09 42.17
CA GLU E 154 -32.85 12.71 42.61
C GLU E 154 -32.91 12.53 44.11
N GLY E 155 -31.82 12.08 44.73
CA GLY E 155 -31.77 11.88 46.16
C GLY E 155 -31.00 12.93 46.94
N LYS E 156 -30.44 13.93 46.25
CA LYS E 156 -29.72 15.03 46.91
C LYS E 156 -30.20 16.34 46.31
N LEU E 157 -31.25 16.91 46.91
CA LEU E 157 -31.81 18.19 46.51
C LEU E 157 -31.50 19.30 47.51
N ASP E 158 -30.59 19.05 48.46
CA ASP E 158 -30.36 20.00 49.54
C ASP E 158 -29.79 21.31 49.02
N ILE E 159 -28.71 21.24 48.24
CA ILE E 159 -28.07 22.44 47.73
C ILE E 159 -28.97 23.15 46.72
N LEU E 160 -29.76 22.40 45.94
CA LEU E 160 -30.68 23.02 45.01
C LEU E 160 -31.67 23.92 45.74
N LYS E 161 -32.33 23.39 46.78
CA LYS E 161 -33.25 24.22 47.58
C LYS E 161 -32.51 25.37 48.25
N ARG E 162 -31.30 25.10 48.78
CA ARG E 162 -30.54 26.13 49.48
C ARG E 162 -30.26 27.32 48.57
N VAL E 163 -29.86 27.07 47.32
CA VAL E 163 -29.56 28.15 46.40
C VAL E 163 -30.84 28.77 45.86
N CYS E 164 -31.88 27.97 45.64
CA CYS E 164 -33.14 28.49 45.11
C CYS E 164 -33.82 29.43 46.10
N ALA E 165 -33.72 29.15 47.40
CA ALA E 165 -34.41 29.99 48.38
C ALA E 165 -33.91 31.44 48.38
N GLN E 166 -32.64 31.65 48.05
CA GLN E 166 -32.11 33.02 48.08
C GLN E 166 -32.73 33.88 46.99
N ILE E 167 -32.89 33.33 45.78
CA ILE E 167 -33.27 34.14 44.64
C ILE E 167 -34.78 34.35 44.60
N ASN E 168 -35.55 33.27 44.70
CA ASN E 168 -37.00 33.36 44.61
C ASN E 168 -37.59 32.12 45.28
N LYS E 169 -38.85 32.24 45.68
CA LYS E 169 -39.54 31.15 46.34
C LYS E 169 -40.39 30.30 45.40
N SER E 170 -40.71 30.83 44.21
CA SER E 170 -41.51 30.06 43.25
C SER E 170 -40.80 28.81 42.77
N LEU E 171 -39.46 28.79 42.80
CA LEU E 171 -38.72 27.60 42.41
C LEU E 171 -38.93 26.46 43.41
N LEU E 172 -38.97 26.79 44.71
CA LEU E 172 -39.24 25.77 45.72
C LEU E 172 -40.63 25.17 45.55
N LYS E 173 -41.57 25.93 44.99
CA LYS E 173 -42.88 25.37 44.66
C LYS E 173 -42.74 24.19 43.71
N ILE E 174 -42.03 24.39 42.59
CA ILE E 174 -41.80 23.31 41.62
C ILE E 174 -41.04 22.16 42.27
N ILE E 175 -40.03 22.48 43.09
CA ILE E 175 -39.23 21.44 43.73
C ILE E 175 -40.10 20.56 44.61
N ASN E 176 -40.96 21.19 45.43
CA ASN E 176 -41.83 20.42 46.32
C ASN E 176 -42.90 19.68 45.55
N ASP E 177 -43.37 20.22 44.42
CA ASP E 177 -44.32 19.50 43.59
C ASP E 177 -43.68 18.23 43.01
N TYR E 178 -42.44 18.34 42.54
CA TYR E 178 -41.73 17.14 42.08
C TYR E 178 -41.52 16.14 43.22
N GLU E 179 -41.26 16.65 44.43
CA GLU E 179 -40.99 15.77 45.56
C GLU E 179 -42.21 14.93 45.93
N GLU E 180 -43.40 15.53 45.90
CA GLU E 180 -44.61 14.80 46.25
C GLU E 180 -44.90 13.64 45.30
N PHE E 181 -44.22 13.57 44.17
CA PHE E 181 -44.38 12.44 43.24
C PHE E 181 -43.86 11.15 43.86
N SER F 2 -1.65 -34.82 -49.88
CA SER F 2 -0.56 -33.85 -49.95
C SER F 2 0.42 -34.03 -48.80
N ALA F 3 1.72 -34.07 -49.10
CA ALA F 3 2.75 -34.23 -48.09
C ALA F 3 3.54 -32.96 -47.81
N GLU F 4 3.57 -32.02 -48.75
CA GLU F 4 4.25 -30.74 -48.52
C GLU F 4 3.52 -29.90 -47.48
N VAL F 5 2.24 -30.20 -47.23
CA VAL F 5 1.44 -29.45 -46.26
C VAL F 5 1.85 -29.78 -44.84
N ILE F 6 2.21 -31.04 -44.58
CA ILE F 6 2.57 -31.49 -43.23
C ILE F 6 3.77 -30.73 -42.70
N GLY F 7 4.77 -30.48 -43.55
CA GLY F 7 5.93 -29.73 -43.10
C GLY F 7 5.58 -28.31 -42.69
N GLN F 8 4.74 -27.65 -43.49
CA GLN F 8 4.29 -26.30 -43.15
C GLN F 8 3.49 -26.31 -41.84
N VAL F 9 2.63 -27.31 -41.66
CA VAL F 9 1.85 -27.42 -40.43
C VAL F 9 2.77 -27.58 -39.23
N GLU F 10 3.76 -28.46 -39.34
CA GLU F 10 4.67 -28.69 -38.22
C GLU F 10 5.51 -27.45 -37.92
N GLU F 11 5.88 -26.69 -38.95
CA GLU F 11 6.69 -25.50 -38.74
C GLU F 11 5.90 -24.39 -38.05
N ALA F 12 4.61 -24.27 -38.37
CA ALA F 12 3.79 -23.17 -37.87
C ALA F 12 2.93 -23.62 -36.69
N LEU F 13 3.59 -24.13 -35.65
CA LEU F 13 2.91 -24.56 -34.44
C LEU F 13 3.83 -24.33 -33.26
N ASP F 14 3.24 -24.00 -32.11
CA ASP F 14 4.00 -23.83 -30.88
C ASP F 14 4.05 -25.15 -30.10
N THR F 15 4.80 -25.14 -29.01
CA THR F 15 5.03 -26.36 -28.24
C THR F 15 3.74 -26.92 -27.65
N ASP F 16 2.91 -26.05 -27.07
CA ASP F 16 1.66 -26.51 -26.47
C ASP F 16 0.73 -27.14 -27.49
N GLU F 17 0.62 -26.53 -28.68
CA GLU F 17 -0.24 -27.10 -29.71
C GLU F 17 0.31 -28.44 -30.21
N LYS F 18 1.63 -28.56 -30.33
CA LYS F 18 2.22 -29.84 -30.71
C LYS F 18 1.93 -30.91 -29.68
N GLU F 19 2.11 -30.58 -28.39
CA GLU F 19 1.84 -31.54 -27.32
C GLU F 19 0.37 -31.95 -27.30
N MET F 20 -0.53 -31.00 -27.53
CA MET F 20 -1.95 -31.35 -27.59
C MET F 20 -2.26 -32.24 -28.78
N LEU F 21 -1.66 -31.93 -29.93
CA LEU F 21 -1.89 -32.75 -31.13
C LEU F 21 -1.40 -34.18 -30.92
N LEU F 22 -0.25 -34.34 -30.27
CA LEU F 22 0.25 -35.68 -29.95
C LEU F 22 -0.70 -36.42 -29.03
N PHE F 23 -1.31 -35.70 -28.08
CA PHE F 23 -2.23 -36.32 -27.13
C PHE F 23 -3.48 -36.85 -27.81
N LEU F 24 -4.01 -36.09 -28.78
CA LEU F 24 -5.28 -36.48 -29.42
C LEU F 24 -5.14 -37.74 -30.26
N CYS F 25 -3.96 -38.00 -30.81
CA CYS F 25 -3.73 -39.17 -31.65
C CYS F 25 -3.19 -40.37 -30.87
N ARG F 26 -3.26 -40.32 -29.54
CA ARG F 26 -2.79 -41.44 -28.72
C ARG F 26 -3.58 -42.72 -28.95
N ASP F 27 -4.78 -42.63 -29.52
CA ASP F 27 -5.60 -43.82 -29.68
C ASP F 27 -5.35 -44.56 -30.99
N VAL F 28 -4.65 -43.94 -31.94
CA VAL F 28 -4.26 -44.63 -33.17
C VAL F 28 -2.75 -44.91 -33.16
N ASP F 31 -0.06 -47.54 -32.01
CA ASP F 31 1.01 -48.52 -31.83
C ASP F 31 2.26 -47.87 -31.25
N VAL F 32 3.35 -47.89 -32.01
CA VAL F 32 4.58 -47.22 -31.59
C VAL F 32 4.29 -45.75 -31.31
N VAL F 33 5.06 -45.18 -30.36
CA VAL F 33 4.83 -43.82 -29.88
C VAL F 33 5.71 -42.86 -30.68
N PRO F 34 5.14 -42.05 -31.57
CA PRO F 34 5.95 -41.14 -32.39
C PRO F 34 6.61 -40.08 -31.53
N PRO F 35 7.86 -39.73 -31.82
CA PRO F 35 8.55 -38.75 -30.97
C PRO F 35 8.00 -37.34 -31.07
N ASN F 36 7.66 -36.87 -32.27
CA ASN F 36 7.15 -35.51 -32.43
C ASN F 36 5.99 -35.51 -33.42
N VAL F 37 5.51 -34.31 -33.73
CA VAL F 37 4.30 -34.19 -34.54
C VAL F 37 4.57 -34.53 -36.01
N ARG F 38 5.75 -34.14 -36.51
CA ARG F 38 6.08 -34.43 -37.91
C ARG F 38 6.09 -35.93 -38.17
N ASP F 39 6.75 -36.69 -37.31
CA ASP F 39 6.79 -38.14 -37.48
C ASP F 39 5.42 -38.77 -37.31
N LEU F 40 4.61 -38.25 -36.37
CA LEU F 40 3.26 -38.77 -36.18
C LEU F 40 2.42 -38.58 -37.43
N LEU F 41 2.48 -37.37 -38.02
CA LEU F 41 1.70 -37.12 -39.22
C LEU F 41 2.22 -37.92 -40.41
N ASP F 42 3.54 -38.12 -40.49
CA ASP F 42 4.09 -38.96 -41.54
C ASP F 42 3.58 -40.38 -41.43
N ILE F 43 3.59 -40.93 -40.21
CA ILE F 43 3.11 -42.30 -40.00
C ILE F 43 1.61 -42.39 -40.30
N LEU F 44 0.84 -41.39 -39.86
CA LEU F 44 -0.61 -41.43 -40.08
C LEU F 44 -0.95 -41.38 -41.58
N ARG F 45 -0.34 -40.45 -42.32
CA ARG F 45 -0.60 -40.42 -43.76
C ARG F 45 0.05 -41.57 -44.50
N GLU F 46 1.01 -42.25 -43.87
CA GLU F 46 1.54 -43.48 -44.44
C GLU F 46 0.54 -44.63 -44.30
N ARG F 47 -0.10 -44.74 -43.14
CA ARG F 47 -1.10 -45.78 -42.90
C ARG F 47 -2.45 -45.47 -43.52
N GLY F 48 -2.62 -44.30 -44.14
CA GLY F 48 -3.88 -43.96 -44.77
C GLY F 48 -4.98 -43.53 -43.83
N LYS F 49 -4.67 -43.25 -42.56
CA LYS F 49 -5.67 -42.81 -41.61
C LYS F 49 -5.63 -41.30 -41.39
N LEU F 50 -4.88 -40.57 -42.22
CA LEU F 50 -4.77 -39.12 -42.15
C LEU F 50 -5.08 -38.55 -43.54
N SER F 51 -6.37 -38.41 -43.84
CA SER F 51 -6.77 -37.76 -45.08
C SER F 51 -6.71 -36.25 -44.88
N VAL F 52 -7.25 -35.49 -45.84
CA VAL F 52 -7.31 -34.04 -45.68
C VAL F 52 -8.29 -33.68 -44.58
N GLY F 53 -9.42 -34.38 -44.51
CA GLY F 53 -10.40 -34.10 -43.46
C GLY F 53 -9.89 -34.40 -42.07
N ASP F 54 -9.05 -35.42 -41.93
CA ASP F 54 -8.48 -35.75 -40.62
C ASP F 54 -7.54 -34.64 -40.15
N LEU F 55 -6.68 -34.15 -41.05
CA LEU F 55 -5.81 -33.04 -40.68
C LEU F 55 -6.61 -31.77 -40.39
N ALA F 56 -7.71 -31.57 -41.12
CA ALA F 56 -8.59 -30.44 -40.83
C ALA F 56 -9.20 -30.56 -39.45
N GLU F 57 -9.64 -31.76 -39.07
CA GLU F 57 -10.16 -31.99 -37.73
C GLU F 57 -9.09 -31.75 -36.67
N LEU F 58 -7.86 -32.20 -36.93
CA LEU F 58 -6.77 -31.97 -35.98
C LEU F 58 -6.52 -30.48 -35.78
N LEU F 59 -6.44 -29.73 -36.87
CA LEU F 59 -6.25 -28.28 -36.76
C LEU F 59 -7.45 -27.61 -36.08
N TYR F 60 -8.65 -28.17 -36.27
CA TYR F 60 -9.83 -27.63 -35.60
C TYR F 60 -9.76 -27.84 -34.10
N ARG F 61 -9.22 -28.99 -33.66
CA ARG F 61 -9.16 -29.28 -32.24
C ARG F 61 -8.14 -28.41 -31.51
N VAL F 62 -7.08 -27.99 -32.18
CA VAL F 62 -6.08 -27.13 -31.56
C VAL F 62 -6.46 -25.67 -31.78
N ARG F 63 -7.64 -25.44 -32.37
CA ARG F 63 -8.21 -24.10 -32.53
C ARG F 63 -7.27 -23.17 -33.30
N ARG F 64 -6.81 -23.63 -34.45
CA ARG F 64 -5.93 -22.85 -35.32
C ARG F 64 -6.63 -22.63 -36.66
N PHE F 65 -7.69 -21.81 -36.64
CA PHE F 65 -8.50 -21.62 -37.84
C PHE F 65 -7.76 -20.82 -38.90
N ASP F 66 -6.80 -19.98 -38.49
CA ASP F 66 -5.96 -19.29 -39.45
C ASP F 66 -5.21 -20.28 -40.32
N LEU F 67 -4.80 -21.41 -39.75
CA LEU F 67 -4.15 -22.43 -40.54
C LEU F 67 -5.13 -23.08 -41.51
N LEU F 68 -6.38 -23.27 -41.09
CA LEU F 68 -7.40 -23.74 -42.02
C LEU F 68 -7.52 -22.81 -43.22
N LYS F 69 -7.50 -21.50 -42.96
CA LYS F 69 -7.63 -20.55 -44.08
C LYS F 69 -6.39 -20.56 -44.96
N ARG F 70 -5.20 -20.51 -44.36
CA ARG F 70 -3.99 -20.32 -45.16
C ARG F 70 -3.53 -21.60 -45.84
N ILE F 71 -3.59 -22.74 -45.16
CA ILE F 71 -2.97 -23.96 -45.64
C ILE F 71 -3.99 -24.91 -46.27
N LEU F 72 -5.14 -25.10 -45.63
CA LEU F 72 -6.16 -26.00 -46.15
C LEU F 72 -7.31 -25.26 -46.84
N LYS F 73 -7.33 -23.93 -46.77
CA LYS F 73 -8.35 -23.09 -47.41
C LYS F 73 -9.76 -23.53 -47.03
N MET F 74 -9.98 -23.62 -45.71
CA MET F 74 -11.27 -23.99 -45.15
C MET F 74 -11.58 -23.08 -43.98
N ASP F 75 -12.86 -22.94 -43.66
CA ASP F 75 -13.29 -22.16 -42.51
C ASP F 75 -13.86 -23.09 -41.44
N ARG F 76 -14.38 -22.48 -40.36
CA ARG F 76 -14.94 -23.25 -39.25
C ARG F 76 -16.19 -24.01 -39.69
N LYS F 77 -17.03 -23.40 -40.51
CA LYS F 77 -18.30 -23.99 -40.91
C LYS F 77 -18.09 -25.30 -41.69
N ALA F 78 -17.10 -25.32 -42.58
CA ALA F 78 -16.87 -26.51 -43.40
C ALA F 78 -16.44 -27.70 -42.54
N VAL F 79 -15.46 -27.49 -41.67
CA VAL F 79 -15.00 -28.59 -40.81
C VAL F 79 -16.08 -28.97 -39.81
N GLU F 80 -16.90 -28.02 -39.37
CA GLU F 80 -17.98 -28.34 -38.44
C GLU F 80 -19.02 -29.25 -39.10
N THR F 81 -19.43 -28.94 -40.33
CA THR F 81 -20.36 -29.82 -41.02
C THR F 81 -19.72 -31.17 -41.34
N HIS F 82 -18.42 -31.17 -41.66
CA HIS F 82 -17.72 -32.43 -41.89
C HIS F 82 -17.75 -33.31 -40.64
N LEU F 83 -17.50 -32.71 -39.47
CA LEU F 83 -17.56 -33.48 -38.23
C LEU F 83 -18.98 -33.92 -37.93
N LEU F 84 -19.98 -33.14 -38.34
CA LEU F 84 -21.36 -33.56 -38.12
C LEU F 84 -21.77 -34.71 -39.04
N ARG F 85 -21.14 -34.84 -40.20
CA ARG F 85 -21.62 -35.80 -41.19
C ARG F 85 -20.92 -37.15 -41.19
N ASN F 86 -19.65 -37.23 -40.84
CA ASN F 86 -18.92 -38.50 -40.84
C ASN F 86 -18.21 -38.70 -39.52
N PRO F 87 -17.84 -39.94 -39.19
CA PRO F 87 -17.17 -40.21 -37.91
C PRO F 87 -15.81 -39.54 -37.78
N HIS F 88 -15.46 -39.21 -36.54
CA HIS F 88 -14.27 -38.44 -36.21
C HIS F 88 -13.03 -39.34 -36.10
N LEU F 89 -11.87 -38.72 -36.33
CA LEU F 89 -10.60 -39.41 -36.12
C LEU F 89 -10.20 -39.42 -34.65
N VAL F 90 -10.55 -38.37 -33.91
CA VAL F 90 -10.22 -38.23 -32.50
C VAL F 90 -11.51 -38.37 -31.69
N SER F 91 -11.50 -39.28 -30.72
CA SER F 91 -12.69 -39.57 -29.95
C SER F 91 -13.06 -38.37 -29.06
N ASP F 92 -14.32 -38.35 -28.64
CA ASP F 92 -14.81 -37.29 -27.78
C ASP F 92 -14.15 -37.28 -26.41
N TYR F 93 -13.58 -38.42 -25.97
CA TYR F 93 -12.87 -38.45 -24.70
C TYR F 93 -11.64 -37.57 -24.74
N ARG F 94 -10.85 -37.68 -25.82
CA ARG F 94 -9.67 -36.84 -25.97
C ARG F 94 -10.05 -35.37 -26.08
N VAL F 95 -11.14 -35.07 -26.79
CA VAL F 95 -11.60 -33.70 -26.91
C VAL F 95 -12.02 -33.15 -25.55
N LEU F 96 -12.68 -33.98 -24.75
CA LEU F 96 -13.07 -33.57 -23.40
C LEU F 96 -11.85 -33.28 -22.54
N MET F 97 -10.84 -34.16 -22.61
CA MET F 97 -9.62 -33.93 -21.84
C MET F 97 -8.94 -32.63 -22.28
N ALA F 98 -8.87 -32.39 -23.58
CA ALA F 98 -8.24 -31.15 -24.07
C ALA F 98 -9.02 -29.92 -23.64
N GLU F 99 -10.35 -30.00 -23.66
CA GLU F 99 -11.18 -28.88 -23.22
C GLU F 99 -10.95 -28.60 -21.74
N ILE F 100 -10.94 -29.65 -20.92
CA ILE F 100 -10.70 -29.47 -19.49
C ILE F 100 -9.31 -28.87 -19.26
N GLY F 101 -8.32 -29.31 -20.02
CA GLY F 101 -6.99 -28.76 -19.87
C GLY F 101 -6.91 -27.29 -20.25
N GLU F 102 -7.61 -26.89 -21.31
CA GLU F 102 -7.60 -25.50 -21.74
C GLU F 102 -8.36 -24.58 -20.78
N ASP F 103 -9.30 -25.12 -20.00
CA ASP F 103 -10.07 -24.33 -19.06
C ASP F 103 -9.48 -24.34 -17.66
N LEU F 104 -8.19 -24.61 -17.53
CA LEU F 104 -7.52 -24.66 -16.23
C LEU F 104 -6.30 -23.78 -16.24
N ASP F 105 -6.19 -22.91 -15.24
CA ASP F 105 -5.01 -22.08 -15.07
C ASP F 105 -3.95 -22.84 -14.28
N LYS F 106 -2.75 -22.25 -14.21
CA LYS F 106 -1.62 -22.94 -13.60
C LYS F 106 -1.88 -23.28 -12.14
N SER F 107 -2.59 -22.40 -11.42
CA SER F 107 -2.88 -22.69 -10.01
C SER F 107 -3.86 -23.86 -9.88
N ASP F 108 -4.90 -23.89 -10.72
CA ASP F 108 -5.82 -25.01 -10.70
C ASP F 108 -5.14 -26.31 -11.10
N VAL F 109 -4.27 -26.27 -12.11
CA VAL F 109 -3.56 -27.47 -12.52
C VAL F 109 -2.63 -27.95 -11.41
N SER F 110 -1.99 -27.02 -10.70
CA SER F 110 -1.13 -27.39 -9.59
C SER F 110 -1.93 -28.05 -8.47
N SER F 111 -3.06 -27.45 -8.11
CA SER F 111 -3.91 -28.03 -7.07
C SER F 111 -4.46 -29.39 -7.48
N LEU F 112 -4.77 -29.55 -8.77
CA LEU F 112 -5.26 -30.84 -9.26
C LEU F 112 -4.18 -31.91 -9.19
N ILE F 113 -2.95 -31.55 -9.58
CA ILE F 113 -1.83 -32.49 -9.47
C ILE F 113 -1.58 -32.85 -8.01
N PHE F 114 -1.70 -31.86 -7.11
CA PHE F 114 -1.51 -32.13 -5.70
C PHE F 114 -2.51 -33.15 -5.17
N LEU F 115 -3.74 -33.09 -5.67
CA LEU F 115 -4.74 -34.06 -5.23
C LEU F 115 -4.47 -35.44 -5.82
N MET F 116 -3.95 -35.49 -7.05
CA MET F 116 -3.74 -36.77 -7.72
C MET F 116 -2.53 -37.53 -7.19
N LYS F 117 -1.59 -36.84 -6.54
CA LYS F 117 -0.37 -37.50 -6.08
C LYS F 117 -0.64 -38.55 -5.01
N ASP F 118 -1.84 -38.58 -4.43
CA ASP F 118 -2.20 -39.68 -3.55
C ASP F 118 -2.40 -40.97 -4.33
N TYR F 119 -2.93 -40.88 -5.55
CA TYR F 119 -3.22 -42.06 -6.36
C TYR F 119 -2.11 -42.40 -7.36
N MET F 120 -1.14 -41.52 -7.54
CA MET F 120 -0.02 -41.79 -8.45
C MET F 120 1.26 -41.34 -7.78
N GLY F 121 2.37 -41.37 -8.52
CA GLY F 121 3.65 -41.00 -7.96
C GLY F 121 3.95 -39.52 -8.09
N ARG F 122 5.21 -39.20 -8.36
CA ARG F 122 5.65 -37.82 -8.61
C ARG F 122 6.25 -37.80 -10.01
N GLY F 123 5.48 -37.30 -10.98
CA GLY F 123 5.90 -37.29 -12.37
C GLY F 123 7.17 -36.51 -12.64
N LYS F 127 9.26 -31.52 -12.49
CA LYS F 127 9.03 -30.92 -13.80
C LYS F 127 7.61 -30.36 -13.90
N GLU F 128 7.49 -29.14 -14.42
CA GLU F 128 6.21 -28.44 -14.49
C GLU F 128 5.41 -28.98 -15.66
N LYS F 129 4.55 -29.96 -15.40
CA LYS F 129 3.79 -30.61 -16.45
C LYS F 129 2.39 -30.01 -16.57
N SER F 130 1.85 -30.07 -17.78
CA SER F 130 0.51 -29.59 -18.09
C SER F 130 -0.55 -30.61 -17.67
N PHE F 131 -1.82 -30.26 -17.88
CA PHE F 131 -2.92 -31.16 -17.54
C PHE F 131 -2.89 -32.41 -18.42
N LEU F 132 -2.51 -32.27 -19.68
CA LEU F 132 -2.49 -33.43 -20.56
C LEU F 132 -1.41 -34.43 -20.14
N ASP F 133 -0.27 -33.94 -19.64
CA ASP F 133 0.74 -34.84 -19.10
C ASP F 133 0.21 -35.61 -17.90
N LEU F 134 -0.56 -34.93 -17.04
CA LEU F 134 -1.18 -35.60 -15.90
C LEU F 134 -2.16 -36.68 -16.38
N VAL F 135 -2.94 -36.38 -17.42
CA VAL F 135 -3.87 -37.36 -17.96
C VAL F 135 -3.12 -38.56 -18.52
N VAL F 136 -2.00 -38.31 -19.21
CA VAL F 136 -1.20 -39.40 -19.77
C VAL F 136 -0.65 -40.28 -18.65
N GLU F 137 -0.16 -39.66 -17.57
CA GLU F 137 0.34 -40.45 -16.44
C GLU F 137 -0.78 -41.28 -15.80
N LEU F 138 -1.96 -40.67 -15.64
CA LEU F 138 -3.08 -41.39 -15.05
C LEU F 138 -3.52 -42.54 -15.93
N GLU F 139 -3.45 -42.37 -17.25
CA GLU F 139 -3.73 -43.47 -18.17
C GLU F 139 -2.69 -44.58 -18.03
N LYS F 140 -1.41 -44.21 -17.95
CA LYS F 140 -0.35 -45.18 -17.74
C LYS F 140 -0.49 -45.92 -16.42
N LEU F 141 -1.26 -45.38 -15.48
CA LEU F 141 -1.48 -46.04 -14.20
C LEU F 141 -2.88 -46.61 -14.05
N ASN F 142 -3.65 -46.69 -15.14
CA ASN F 142 -5.01 -47.23 -15.12
C ASN F 142 -5.89 -46.50 -14.10
N LEU F 143 -5.74 -45.17 -14.04
CA LEU F 143 -6.54 -44.37 -13.11
C LEU F 143 -7.59 -43.53 -13.80
N VAL F 144 -7.48 -43.28 -15.10
CA VAL F 144 -8.49 -42.56 -15.86
C VAL F 144 -8.68 -43.25 -17.20
N ALA F 145 -9.91 -43.23 -17.69
CA ALA F 145 -10.29 -43.90 -18.92
C ALA F 145 -11.66 -43.38 -19.35
N PRO F 146 -12.02 -43.54 -20.62
CA PRO F 146 -13.36 -43.12 -21.06
C PRO F 146 -14.49 -43.71 -20.24
N ASP F 147 -14.30 -44.90 -19.67
CA ASP F 147 -15.29 -45.52 -18.81
C ASP F 147 -14.96 -45.38 -17.34
N GLN F 148 -13.98 -44.55 -16.99
CA GLN F 148 -13.54 -44.39 -15.60
C GLN F 148 -13.14 -42.92 -15.41
N LEU F 149 -14.14 -42.09 -15.10
CA LEU F 149 -13.91 -40.66 -14.91
C LEU F 149 -14.30 -40.20 -13.51
N ASP F 150 -14.67 -41.13 -12.63
CA ASP F 150 -15.13 -40.75 -11.30
C ASP F 150 -14.02 -40.06 -10.50
N LEU F 151 -12.78 -40.54 -10.64
CA LEU F 151 -11.68 -39.94 -9.90
C LEU F 151 -11.38 -38.53 -10.38
N LEU F 152 -11.27 -38.34 -11.69
CA LEU F 152 -11.03 -37.01 -12.24
C LEU F 152 -12.19 -36.08 -11.92
N GLU F 153 -13.42 -36.60 -11.98
CA GLU F 153 -14.59 -35.79 -11.63
C GLU F 153 -14.55 -35.36 -10.17
N LYS F 154 -14.17 -36.27 -9.28
CA LYS F 154 -14.06 -35.94 -7.86
C LYS F 154 -12.98 -34.90 -7.62
N CYS F 155 -11.83 -35.05 -8.28
CA CYS F 155 -10.74 -34.09 -8.10
C CYS F 155 -11.11 -32.72 -8.65
N LEU F 156 -11.84 -32.68 -9.76
CA LEU F 156 -12.30 -31.40 -10.28
C LEU F 156 -13.35 -30.78 -9.38
N LYS F 157 -14.18 -31.60 -8.73
CA LYS F 157 -15.13 -31.08 -7.76
C LYS F 157 -14.41 -30.50 -6.54
N ASN F 158 -13.29 -31.13 -6.15
CA ASN F 158 -12.59 -30.67 -4.95
C ASN F 158 -11.84 -29.36 -5.18
N ILE F 159 -11.49 -29.04 -6.42
CA ILE F 159 -10.88 -27.76 -6.73
C ILE F 159 -11.92 -26.73 -7.19
N HIS F 160 -13.19 -26.99 -6.93
CA HIS F 160 -14.28 -26.05 -7.20
C HIS F 160 -14.40 -25.74 -8.69
N ARG F 161 -14.16 -26.74 -9.53
CA ARG F 161 -14.35 -26.63 -10.96
C ARG F 161 -15.58 -27.45 -11.35
N ILE F 162 -16.74 -26.95 -10.92
CA ILE F 162 -17.99 -27.66 -11.15
C ILE F 162 -18.38 -27.59 -12.63
N ASP F 163 -17.90 -26.56 -13.35
CA ASP F 163 -18.17 -26.49 -14.78
C ASP F 163 -17.52 -27.64 -15.53
N LEU F 164 -16.29 -28.00 -15.14
CA LEU F 164 -15.63 -29.13 -15.77
C LEU F 164 -16.25 -30.45 -15.33
N LYS F 165 -16.71 -30.53 -14.08
CA LYS F 165 -17.48 -31.70 -13.66
C LYS F 165 -18.75 -31.84 -14.49
N THR F 166 -19.38 -30.71 -14.84
CA THR F 166 -20.56 -30.76 -15.69
C THR F 166 -20.21 -31.17 -17.11
N LYS F 167 -19.04 -30.74 -17.60
CA LYS F 167 -18.57 -31.24 -18.89
C LYS F 167 -18.40 -32.75 -18.87
N ILE F 168 -17.81 -33.29 -17.80
CA ILE F 168 -17.64 -34.72 -17.68
C ILE F 168 -18.99 -35.43 -17.62
N GLN F 169 -19.94 -34.86 -16.87
CA GLN F 169 -21.27 -35.46 -16.78
C GLN F 169 -21.97 -35.44 -18.13
N LYS F 170 -21.82 -34.36 -18.89
CA LYS F 170 -22.42 -34.30 -20.23
C LYS F 170 -21.82 -35.36 -21.15
N TYR F 171 -20.49 -35.53 -21.09
CA TYR F 171 -19.86 -36.60 -21.88
C TYR F 171 -20.38 -37.96 -21.47
N LYS F 172 -20.49 -38.22 -20.16
CA LYS F 172 -20.99 -39.50 -19.69
C LYS F 172 -22.45 -39.71 -20.11
N GLN F 173 -23.21 -38.62 -20.21
CA GLN F 173 -24.59 -38.73 -20.69
C GLN F 173 -24.63 -39.07 -22.18
N SER F 174 -23.69 -38.52 -22.96
CA SER F 174 -23.72 -38.77 -24.40
C SER F 174 -23.35 -40.21 -24.76
N VAL F 175 -22.65 -40.92 -23.89
CA VAL F 175 -22.33 -42.32 -24.15
C VAL F 175 -23.38 -43.24 -23.54
N MET G 1 33.88 -32.72 9.31
CA MET G 1 33.38 -32.29 8.00
C MET G 1 32.93 -33.49 7.17
N SER G 2 31.74 -33.38 6.59
CA SER G 2 31.18 -34.45 5.78
C SER G 2 30.29 -33.84 4.70
N ALA G 3 29.58 -34.70 3.97
CA ALA G 3 28.66 -34.25 2.93
C ALA G 3 27.28 -33.93 3.47
N GLU G 4 26.89 -34.58 4.57
CA GLU G 4 25.64 -34.21 5.23
C GLU G 4 25.66 -32.77 5.70
N VAL G 5 26.83 -32.27 6.10
CA VAL G 5 26.94 -30.87 6.50
C VAL G 5 26.67 -29.96 5.31
N ILE G 6 27.22 -30.30 4.15
CA ILE G 6 27.00 -29.50 2.95
C ILE G 6 25.53 -29.54 2.56
N GLY G 7 24.90 -30.71 2.66
CA GLY G 7 23.48 -30.81 2.34
C GLY G 7 22.61 -29.99 3.27
N GLN G 8 22.90 -30.05 4.58
CA GLN G 8 22.15 -29.25 5.54
C GLN G 8 22.32 -27.76 5.29
N VAL G 9 23.55 -27.33 5.01
CA VAL G 9 23.79 -25.92 4.73
C VAL G 9 23.03 -25.49 3.48
N GLU G 10 23.07 -26.31 2.43
CA GLU G 10 22.39 -25.95 1.18
C GLU G 10 20.88 -25.90 1.37
N GLU G 11 20.33 -26.82 2.16
CA GLU G 11 18.88 -26.85 2.35
C GLU G 11 18.39 -25.86 3.40
N ALA G 12 19.27 -25.27 4.19
CA ALA G 12 18.87 -24.35 5.24
C ALA G 12 19.15 -22.89 4.91
N LEU G 13 19.49 -22.56 3.67
CA LEU G 13 19.71 -21.18 3.24
C LEU G 13 18.59 -20.74 2.32
N ASP G 14 18.25 -19.45 2.40
CA ASP G 14 17.26 -18.86 1.51
C ASP G 14 17.94 -18.28 0.26
N THR G 15 17.12 -17.76 -0.65
CA THR G 15 17.61 -17.35 -1.96
C THR G 15 18.62 -16.22 -1.86
N ASP G 16 18.33 -15.19 -1.06
CA ASP G 16 19.26 -14.07 -0.93
C ASP G 16 20.57 -14.52 -0.31
N GLU G 17 20.52 -15.40 0.69
CA GLU G 17 21.74 -15.89 1.32
C GLU G 17 22.57 -16.72 0.33
N LYS G 18 21.91 -17.53 -0.50
CA LYS G 18 22.63 -18.29 -1.52
C LYS G 18 23.28 -17.36 -2.54
N GLU G 19 22.55 -16.35 -3.00
CA GLU G 19 23.12 -15.40 -3.95
C GLU G 19 24.32 -14.68 -3.37
N MET G 20 24.23 -14.29 -2.10
CA MET G 20 25.36 -13.62 -1.46
C MET G 20 26.55 -14.57 -1.30
N LEU G 21 26.28 -15.83 -0.92
CA LEU G 21 27.35 -16.80 -0.76
C LEU G 21 28.08 -17.05 -2.06
N LEU G 22 27.34 -17.12 -3.17
CA LEU G 22 27.99 -17.27 -4.48
C LEU G 22 28.86 -16.07 -4.80
N PHE G 23 28.40 -14.86 -4.46
CA PHE G 23 29.17 -13.66 -4.75
C PHE G 23 30.46 -13.62 -3.92
N LEU G 24 30.39 -14.00 -2.65
CA LEU G 24 31.56 -13.88 -1.78
C LEU G 24 32.68 -14.83 -2.20
N CYS G 25 32.33 -15.96 -2.81
CA CYS G 25 33.31 -16.95 -3.24
C CYS G 25 33.74 -16.77 -4.69
N ARG G 26 33.44 -15.61 -5.30
CA ARG G 26 33.81 -15.37 -6.68
C ARG G 26 35.33 -15.31 -6.87
N ASP G 27 36.10 -15.05 -5.81
CA ASP G 27 37.55 -14.94 -5.94
C ASP G 27 38.26 -16.26 -5.70
N VAL G 28 37.57 -17.29 -5.23
CA VAL G 28 38.15 -18.62 -5.11
C VAL G 28 37.68 -19.56 -6.21
N ALA G 29 36.51 -19.31 -6.81
CA ALA G 29 36.00 -20.08 -7.94
C ALA G 29 36.03 -19.16 -9.16
N ILE G 30 37.22 -19.02 -9.74
CA ILE G 30 37.44 -18.14 -10.88
C ILE G 30 37.42 -18.92 -12.19
N ASP G 31 38.22 -19.98 -12.28
CA ASP G 31 38.21 -20.83 -13.47
C ASP G 31 36.83 -21.41 -13.73
N VAL G 32 36.14 -21.87 -12.69
CA VAL G 32 34.80 -22.42 -12.83
C VAL G 32 33.79 -21.44 -12.22
N VAL G 33 32.66 -21.29 -12.88
CA VAL G 33 31.54 -20.48 -12.39
C VAL G 33 30.48 -21.44 -11.87
N PRO G 34 30.35 -21.61 -10.56
CA PRO G 34 29.39 -22.59 -10.02
C PRO G 34 27.96 -22.18 -10.33
N PRO G 35 27.12 -23.12 -10.76
CA PRO G 35 25.73 -22.77 -11.05
C PRO G 35 24.91 -22.49 -9.81
N ASN G 36 25.11 -23.27 -8.74
CA ASN G 36 24.36 -23.10 -7.51
C ASN G 36 25.31 -23.24 -6.33
N VAL G 37 24.75 -23.17 -5.12
CA VAL G 37 25.57 -23.15 -3.92
C VAL G 37 26.11 -24.54 -3.59
N ARG G 38 25.30 -25.58 -3.81
CA ARG G 38 25.76 -26.94 -3.53
C ARG G 38 26.97 -27.30 -4.40
N ASP G 39 26.91 -26.96 -5.69
CA ASP G 39 28.05 -27.24 -6.57
C ASP G 39 29.27 -26.43 -6.16
N LEU G 40 29.05 -25.19 -5.71
CA LEU G 40 30.17 -24.38 -5.23
C LEU G 40 30.84 -25.04 -4.03
N LEU G 41 30.04 -25.51 -3.07
CA LEU G 41 30.61 -26.15 -1.89
C LEU G 41 31.30 -27.46 -2.26
N ASP G 42 30.74 -28.20 -3.21
CA ASP G 42 31.37 -29.43 -3.69
C ASP G 42 32.72 -29.13 -4.32
N ILE G 43 32.80 -28.07 -5.13
CA ILE G 43 34.06 -27.69 -5.75
C ILE G 43 35.07 -27.26 -4.69
N LEU G 44 34.62 -26.48 -3.70
CA LEU G 44 35.52 -26.03 -2.65
C LEU G 44 36.08 -27.20 -1.84
N ARG G 45 35.24 -28.20 -1.55
CA ARG G 45 35.73 -29.38 -0.83
C ARG G 45 36.62 -30.23 -1.72
N GLU G 46 36.31 -30.31 -3.01
CA GLU G 46 37.16 -31.05 -3.94
C GLU G 46 38.55 -30.42 -4.03
N ARG G 47 38.62 -29.10 -4.09
CA ARG G 47 39.89 -28.39 -4.12
C ARG G 47 40.52 -28.27 -2.74
N GLY G 48 39.86 -28.78 -1.70
CA GLY G 48 40.39 -28.71 -0.36
C GLY G 48 40.22 -27.37 0.33
N LYS G 49 39.41 -26.48 -0.22
CA LYS G 49 39.20 -25.15 0.33
C LYS G 49 37.92 -25.04 1.14
N LEU G 50 37.29 -26.17 1.48
CA LEU G 50 36.08 -26.17 2.30
C LEU G 50 36.35 -27.06 3.51
N SER G 51 37.11 -26.53 4.46
CA SER G 51 37.32 -27.18 5.75
C SER G 51 36.18 -26.80 6.68
N VAL G 52 36.31 -27.15 7.97
CA VAL G 52 35.32 -26.68 8.94
C VAL G 52 35.46 -25.17 9.13
N GLY G 53 36.68 -24.66 9.19
CA GLY G 53 36.89 -23.23 9.36
C GLY G 53 36.43 -22.43 8.16
N ASP G 54 36.63 -22.97 6.95
CA ASP G 54 36.20 -22.26 5.75
C ASP G 54 34.69 -22.16 5.68
N LEU G 55 33.98 -23.26 5.93
CA LEU G 55 32.52 -23.22 5.95
C LEU G 55 32.02 -22.34 7.08
N ALA G 56 32.72 -22.34 8.22
CA ALA G 56 32.33 -21.46 9.32
C ALA G 56 32.47 -20.00 8.92
N GLU G 57 33.56 -19.65 8.24
CA GLU G 57 33.73 -18.29 7.75
C GLU G 57 32.64 -17.93 6.75
N LEU G 58 32.28 -18.87 5.87
CA LEU G 58 31.22 -18.62 4.90
C LEU G 58 29.89 -18.33 5.61
N LEU G 59 29.53 -19.18 6.58
CA LEU G 59 28.30 -18.95 7.31
C LEU G 59 28.35 -17.66 8.13
N TYR G 60 29.55 -17.27 8.58
CA TYR G 60 29.71 -16.02 9.32
C TYR G 60 29.48 -14.83 8.41
N ARG G 61 29.94 -14.91 7.16
CA ARG G 61 29.78 -13.78 6.25
C ARG G 61 28.33 -13.61 5.83
N VAL G 62 27.57 -14.70 5.73
CA VAL G 62 26.15 -14.64 5.38
C VAL G 62 25.33 -14.46 6.65
N ARG G 63 26.00 -14.25 7.78
CA ARG G 63 25.36 -13.89 9.04
C ARG G 63 24.34 -14.94 9.48
N ARG G 64 24.62 -16.21 9.18
CA ARG G 64 23.75 -17.31 9.61
C ARG G 64 24.34 -17.99 10.84
N PHE G 65 24.29 -17.26 11.96
CA PHE G 65 24.90 -17.74 13.19
C PHE G 65 24.14 -18.93 13.77
N ASP G 66 22.83 -19.01 13.49
CA ASP G 66 22.06 -20.18 13.90
C ASP G 66 22.61 -21.47 13.30
N LEU G 67 23.04 -21.41 12.04
CA LEU G 67 23.65 -22.59 11.41
C LEU G 67 25.04 -22.87 11.98
N LEU G 68 25.79 -21.81 12.30
CA LEU G 68 27.07 -22.00 12.96
C LEU G 68 26.91 -22.77 14.26
N LYS G 69 25.91 -22.38 15.06
CA LYS G 69 25.69 -23.06 16.34
C LYS G 69 25.13 -24.46 16.15
N ARG G 70 24.14 -24.62 15.27
CA ARG G 70 23.44 -25.90 15.17
C ARG G 70 24.24 -26.95 14.41
N ILE G 71 24.92 -26.56 13.33
CA ILE G 71 25.52 -27.50 12.39
C ILE G 71 27.01 -27.69 12.68
N LEU G 72 27.73 -26.60 12.88
CA LEU G 72 29.16 -26.66 13.13
C LEU G 72 29.50 -26.54 14.62
N LYS G 73 28.50 -26.31 15.47
CA LYS G 73 28.68 -26.23 16.91
C LYS G 73 29.76 -25.21 17.29
N MET G 74 29.59 -23.99 16.80
CA MET G 74 30.51 -22.89 17.05
C MET G 74 29.71 -21.65 17.42
N ASP G 75 30.37 -20.75 18.14
CA ASP G 75 29.79 -19.47 18.52
C ASP G 75 30.47 -18.35 17.74
N ARG G 76 30.09 -17.11 18.04
CA ARG G 76 30.65 -15.98 17.31
C ARG G 76 32.14 -15.81 17.57
N LYS G 77 32.55 -15.91 18.84
CA LYS G 77 33.95 -15.69 19.18
C LYS G 77 34.84 -16.74 18.54
N ALA G 78 34.36 -17.98 18.44
CA ALA G 78 35.17 -19.03 17.83
C ALA G 78 35.49 -18.71 16.37
N VAL G 79 34.48 -18.30 15.61
CA VAL G 79 34.71 -17.96 14.21
C VAL G 79 35.56 -16.70 14.10
N GLU G 80 35.39 -15.75 15.03
CA GLU G 80 36.23 -14.56 15.00
C GLU G 80 37.69 -14.90 15.28
N THR G 81 37.93 -15.81 16.23
CA THR G 81 39.29 -16.24 16.51
C THR G 81 39.88 -17.00 15.33
N HIS G 82 39.06 -17.79 14.65
CA HIS G 82 39.54 -18.47 13.45
C HIS G 82 39.93 -17.47 12.37
N LEU G 83 39.13 -16.42 12.20
CA LEU G 83 39.46 -15.38 11.22
C LEU G 83 40.69 -14.59 11.61
N LEU G 84 40.92 -14.43 12.92
CA LEU G 84 42.12 -13.74 13.38
C LEU G 84 43.36 -14.62 13.22
N ARG G 85 43.18 -15.94 13.27
CA ARG G 85 44.33 -16.85 13.25
C ARG G 85 44.82 -17.12 11.84
N ASN G 86 43.92 -17.51 10.94
CA ASN G 86 44.27 -17.96 9.60
C ASN G 86 43.88 -16.91 8.56
N PRO G 87 44.50 -16.96 7.38
CA PRO G 87 44.08 -16.04 6.32
C PRO G 87 42.65 -16.35 5.89
N HIS G 88 41.96 -15.30 5.44
CA HIS G 88 40.55 -15.43 5.15
C HIS G 88 40.31 -16.05 3.78
N LEU G 89 39.19 -16.75 3.66
CA LEU G 89 38.78 -17.29 2.37
C LEU G 89 38.10 -16.25 1.51
N VAL G 90 37.38 -15.32 2.13
CA VAL G 90 36.68 -14.25 1.43
C VAL G 90 37.37 -12.94 1.78
N SER G 91 37.79 -12.20 0.75
CA SER G 91 38.51 -10.96 0.97
C SER G 91 37.59 -9.89 1.56
N ASP G 92 38.21 -8.88 2.17
CA ASP G 92 37.46 -7.77 2.74
C ASP G 92 36.72 -6.96 1.68
N TYR G 93 37.16 -7.03 0.43
CA TYR G 93 36.47 -6.34 -0.66
C TYR G 93 35.08 -6.92 -0.88
N ARG G 94 34.98 -8.24 -0.92
CA ARG G 94 33.67 -8.88 -1.09
C ARG G 94 32.76 -8.60 0.10
N VAL G 95 33.32 -8.60 1.31
CA VAL G 95 32.52 -8.31 2.49
C VAL G 95 32.01 -6.87 2.45
N LEU G 96 32.86 -5.93 2.01
CA LEU G 96 32.43 -4.54 1.90
C LEU G 96 31.33 -4.40 0.87
N MET G 97 31.47 -5.05 -0.28
CA MET G 97 30.43 -4.99 -1.31
C MET G 97 29.11 -5.54 -0.79
N ALA G 98 29.17 -6.68 -0.09
CA ALA G 98 27.95 -7.28 0.44
C ALA G 98 27.31 -6.40 1.50
N GLU G 99 28.11 -5.78 2.37
CA GLU G 99 27.57 -4.90 3.39
C GLU G 99 26.87 -3.70 2.77
N ILE G 100 27.54 -3.05 1.80
CA ILE G 100 26.95 -1.91 1.12
C ILE G 100 25.66 -2.32 0.43
N GLY G 101 25.64 -3.50 -0.19
CA GLY G 101 24.43 -3.99 -0.80
C GLY G 101 23.32 -4.25 0.20
N GLU G 102 23.68 -4.76 1.37
CA GLU G 102 22.67 -5.05 2.38
C GLU G 102 22.05 -3.77 2.92
N ASP G 103 22.79 -2.66 2.90
CA ASP G 103 22.24 -1.40 3.37
C ASP G 103 21.66 -0.53 2.25
N LEU G 104 21.25 -1.15 1.14
CA LEU G 104 20.65 -0.44 0.02
C LEU G 104 19.29 -1.04 -0.32
N ASP G 105 18.27 -0.18 -0.41
CA ASP G 105 16.94 -0.61 -0.82
C ASP G 105 16.80 -0.56 -2.34
N LYS G 106 15.63 -0.99 -2.84
CA LYS G 106 15.42 -1.08 -4.28
C LYS G 106 15.55 0.28 -4.96
N SER G 107 15.06 1.34 -4.31
CA SER G 107 15.13 2.67 -4.91
C SER G 107 16.57 3.14 -5.02
N ASP G 108 17.37 2.91 -3.97
CA ASP G 108 18.77 3.30 -4.02
C ASP G 108 19.52 2.54 -5.10
N VAL G 109 19.27 1.23 -5.24
CA VAL G 109 19.94 0.45 -6.27
C VAL G 109 19.52 0.92 -7.65
N SER G 110 18.24 1.26 -7.82
CA SER G 110 17.76 1.76 -9.11
C SER G 110 18.45 3.07 -9.47
N SER G 111 18.50 4.01 -8.52
CA SER G 111 19.15 5.29 -8.77
C SER G 111 20.64 5.10 -9.03
N LEU G 112 21.27 4.14 -8.35
CA LEU G 112 22.68 3.88 -8.57
C LEU G 112 22.93 3.32 -9.96
N ILE G 113 22.07 2.42 -10.42
CA ILE G 113 22.18 1.89 -11.78
C ILE G 113 21.99 3.00 -12.79
N PHE G 114 21.09 3.94 -12.52
CA PHE G 114 20.88 5.05 -13.44
C PHE G 114 22.14 5.88 -13.62
N LEU G 115 22.91 6.08 -12.55
CA LEU G 115 24.13 6.86 -12.66
C LEU G 115 25.25 6.10 -13.37
N MET G 116 25.29 4.78 -13.22
CA MET G 116 26.39 3.99 -13.78
C MET G 116 26.27 3.82 -15.30
N LYS G 117 25.08 4.00 -15.86
CA LYS G 117 24.86 3.76 -17.28
C LYS G 117 25.65 4.69 -18.19
N ASP G 118 26.22 5.78 -17.65
CA ASP G 118 27.10 6.62 -18.46
C ASP G 118 28.41 5.92 -18.76
N TYR G 119 28.93 5.15 -17.81
CA TYR G 119 30.23 4.51 -17.95
C TYR G 119 30.14 3.07 -18.45
N MET G 120 28.94 2.51 -18.53
CA MET G 120 28.74 1.15 -19.02
C MET G 120 27.53 1.11 -19.94
N GLY G 121 27.68 0.40 -21.07
CA GLY G 121 26.62 0.32 -22.05
C GLY G 121 25.38 -0.42 -21.57
N SER G 126 18.43 -5.52 -17.87
CA SER G 126 17.26 -4.69 -18.11
C SER G 126 16.17 -4.95 -17.09
N LYS G 127 16.40 -5.95 -16.23
CA LYS G 127 15.48 -6.29 -15.16
C LYS G 127 15.95 -5.67 -13.84
N GLU G 128 15.11 -5.78 -12.82
CA GLU G 128 15.46 -5.28 -11.50
C GLU G 128 16.52 -6.19 -10.89
N LYS G 129 17.76 -5.70 -10.84
CA LYS G 129 18.91 -6.45 -10.35
C LYS G 129 19.32 -5.94 -8.98
N SER G 130 19.94 -6.81 -8.20
CA SER G 130 20.43 -6.41 -6.88
C SER G 130 21.73 -5.62 -7.03
N PHE G 131 22.22 -5.12 -5.89
CA PHE G 131 23.47 -4.37 -5.91
C PHE G 131 24.65 -5.27 -6.26
N LEU G 132 24.61 -6.52 -5.81
CA LEU G 132 25.71 -7.45 -6.12
C LEU G 132 25.76 -7.78 -7.60
N ASP G 133 24.60 -7.86 -8.27
CA ASP G 133 24.60 -8.03 -9.72
C ASP G 133 25.25 -6.84 -10.41
N LEU G 134 24.97 -5.63 -9.92
CA LEU G 134 25.62 -4.44 -10.46
C LEU G 134 27.13 -4.49 -10.24
N VAL G 135 27.56 -4.96 -9.07
CA VAL G 135 28.99 -5.10 -8.81
C VAL G 135 29.62 -6.10 -9.76
N VAL G 136 28.93 -7.22 -10.02
CA VAL G 136 29.44 -8.22 -10.96
C VAL G 136 29.57 -7.62 -12.35
N GLU G 137 28.56 -6.86 -12.78
CA GLU G 137 28.62 -6.23 -14.09
C GLU G 137 29.77 -5.24 -14.18
N LEU G 138 29.98 -4.44 -13.13
CA LEU G 138 31.07 -3.48 -13.12
C LEU G 138 32.43 -4.19 -13.12
N GLU G 139 32.52 -5.34 -12.44
CA GLU G 139 33.75 -6.13 -12.46
C GLU G 139 34.02 -6.67 -13.85
N LYS G 140 32.99 -7.16 -14.54
CA LYS G 140 33.15 -7.64 -15.91
C LYS G 140 33.64 -6.55 -16.85
N LEU G 141 33.50 -5.28 -16.46
CA LEU G 141 33.95 -4.17 -17.28
C LEU G 141 35.17 -3.46 -16.71
N ASN G 142 35.80 -4.02 -15.69
CA ASN G 142 36.99 -3.43 -15.06
C ASN G 142 36.72 -1.99 -14.60
N LEU G 143 35.54 -1.78 -14.03
CA LEU G 143 35.14 -0.48 -13.51
C LEU G 143 35.17 -0.41 -11.99
N VAL G 144 35.19 -1.54 -11.30
CA VAL G 144 35.30 -1.58 -9.85
C VAL G 144 36.28 -2.69 -9.48
N ALA G 145 37.06 -2.45 -8.43
CA ALA G 145 38.11 -3.36 -7.99
C ALA G 145 38.55 -2.94 -6.59
N PRO G 146 39.20 -3.83 -5.84
CA PRO G 146 39.71 -3.42 -4.52
C PRO G 146 40.62 -2.22 -4.58
N ASP G 147 41.33 -2.01 -5.68
CA ASP G 147 42.18 -0.84 -5.89
C ASP G 147 41.53 0.18 -6.81
N GLN G 148 40.22 0.02 -7.10
CA GLN G 148 39.50 0.89 -8.02
C GLN G 148 38.07 1.04 -7.48
N LEU G 149 37.90 1.96 -6.52
CA LEU G 149 36.61 2.22 -5.92
C LEU G 149 36.16 3.66 -6.08
N ASP G 150 36.91 4.49 -6.80
CA ASP G 150 36.58 5.91 -6.91
C ASP G 150 35.25 6.12 -7.60
N LEU G 151 34.95 5.31 -8.62
CA LEU G 151 33.68 5.48 -9.34
C LEU G 151 32.50 5.09 -8.47
N LEU G 152 32.58 3.92 -7.82
CA LEU G 152 31.51 3.51 -6.91
C LEU G 152 31.37 4.49 -5.75
N GLU G 153 32.49 4.99 -5.24
CA GLU G 153 32.46 5.97 -4.15
C GLU G 153 31.76 7.25 -4.59
N LYS G 154 32.10 7.76 -5.77
CA LYS G 154 31.46 8.97 -6.28
C LYS G 154 29.97 8.75 -6.51
N CYS G 155 29.59 7.58 -7.04
CA CYS G 155 28.19 7.31 -7.31
C CYS G 155 27.39 7.18 -6.00
N LEU G 156 28.00 6.58 -4.97
CA LEU G 156 27.33 6.49 -3.68
C LEU G 156 27.21 7.85 -3.03
N LYS G 157 28.21 8.72 -3.22
CA LYS G 157 28.09 10.09 -2.72
C LYS G 157 27.00 10.86 -3.46
N ASN G 158 26.86 10.61 -4.75
CA ASN G 158 25.90 11.36 -5.56
C ASN G 158 24.45 10.95 -5.28
N ILE G 159 24.22 9.75 -4.73
CA ILE G 159 22.88 9.34 -4.35
C ILE G 159 22.61 9.64 -2.86
N HIS G 160 23.40 10.53 -2.27
CA HIS G 160 23.21 11.00 -0.90
C HIS G 160 23.35 9.86 0.10
N ARG G 161 24.24 8.91 -0.18
CA ARG G 161 24.54 7.80 0.72
C ARG G 161 25.97 7.96 1.24
N ILE G 162 26.16 8.94 2.12
CA ILE G 162 27.50 9.26 2.60
C ILE G 162 28.03 8.20 3.56
N ASP G 163 27.15 7.46 4.23
CA ASP G 163 27.60 6.40 5.13
C ASP G 163 28.34 5.29 4.39
N LEU G 164 27.84 4.92 3.20
CA LEU G 164 28.52 3.91 2.40
C LEU G 164 29.83 4.44 1.83
N LYS G 165 29.87 5.72 1.48
CA LYS G 165 31.14 6.34 1.10
C LYS G 165 32.15 6.25 2.23
N THR G 166 31.69 6.43 3.47
CA THR G 166 32.59 6.32 4.62
C THR G 166 33.03 4.88 4.83
N LYS G 167 32.14 3.91 4.57
CA LYS G 167 32.57 2.51 4.60
C LYS G 167 33.68 2.26 3.58
N ILE G 168 33.53 2.80 2.38
CA ILE G 168 34.56 2.64 1.34
C ILE G 168 35.86 3.30 1.77
N GLN G 169 35.76 4.49 2.37
CA GLN G 169 36.96 5.18 2.83
C GLN G 169 37.65 4.40 3.95
N LYS G 170 36.87 3.79 4.86
CA LYS G 170 37.44 2.97 5.91
C LYS G 170 38.17 1.77 5.32
N TYR G 171 37.58 1.14 4.30
CA TYR G 171 38.28 0.04 3.63
C TYR G 171 39.57 0.52 2.99
N LYS G 172 39.53 1.69 2.33
CA LYS G 172 40.73 2.22 1.68
C LYS G 172 41.82 2.56 2.69
N GLN G 173 41.45 3.00 3.88
CA GLN G 173 42.44 3.35 4.89
C GLN G 173 43.00 2.13 5.61
N SER G 174 42.22 1.05 5.71
CA SER G 174 42.69 -0.15 6.38
C SER G 174 43.76 -0.89 5.58
N VAL G 175 43.87 -0.61 4.29
CA VAL G 175 44.90 -1.23 3.46
C VAL G 175 46.15 -0.37 3.45
N MET H 1 -6.75 -38.50 7.34
CA MET H 1 -5.88 -37.49 6.73
C MET H 1 -5.58 -37.83 5.27
N SER H 2 -5.76 -36.84 4.39
CA SER H 2 -5.58 -37.03 2.96
C SER H 2 -5.16 -35.71 2.34
N ALA H 3 -4.92 -35.73 1.03
CA ALA H 3 -4.56 -34.51 0.32
C ALA H 3 -5.74 -33.55 0.22
N GLU H 4 -6.97 -34.07 0.25
CA GLU H 4 -8.14 -33.20 0.20
C GLU H 4 -8.22 -32.33 1.45
N VAL H 5 -7.88 -32.89 2.61
CA VAL H 5 -7.91 -32.10 3.84
C VAL H 5 -6.86 -30.99 3.80
N ILE H 6 -5.66 -31.31 3.32
CA ILE H 6 -4.61 -30.30 3.23
C ILE H 6 -5.02 -29.21 2.25
N GLY H 7 -5.64 -29.59 1.13
CA GLY H 7 -6.11 -28.60 0.17
C GLY H 7 -7.18 -27.70 0.76
N GLN H 8 -8.13 -28.29 1.49
CA GLN H 8 -9.18 -27.50 2.12
C GLN H 8 -8.61 -26.52 3.13
N VAL H 9 -7.64 -26.96 3.93
CA VAL H 9 -7.01 -26.06 4.90
C VAL H 9 -6.26 -24.94 4.18
N GLU H 10 -5.50 -25.29 3.14
CA GLU H 10 -4.70 -24.30 2.43
C GLU H 10 -5.57 -23.27 1.72
N GLU H 11 -6.72 -23.69 1.19
CA GLU H 11 -7.55 -22.77 0.44
C GLU H 11 -8.36 -21.84 1.32
N ALA H 12 -8.52 -22.16 2.60
CA ALA H 12 -9.31 -21.34 3.50
C ALA H 12 -8.45 -20.43 4.36
N LEU H 13 -7.17 -20.27 4.03
CA LEU H 13 -6.28 -19.37 4.76
C LEU H 13 -5.89 -18.19 3.89
N ASP H 14 -5.71 -17.04 4.54
CA ASP H 14 -5.22 -15.84 3.90
C ASP H 14 -3.70 -15.77 4.02
N THR H 15 -3.09 -14.74 3.42
CA THR H 15 -1.64 -14.65 3.37
C THR H 15 -1.04 -14.56 4.76
N ASP H 16 -1.62 -13.74 5.65
CA ASP H 16 -1.10 -13.60 7.00
C ASP H 16 -1.17 -14.91 7.76
N GLU H 17 -2.29 -15.64 7.63
CA GLU H 17 -2.41 -16.93 8.31
C GLU H 17 -1.39 -17.92 7.77
N LYS H 18 -1.14 -17.89 6.46
CA LYS H 18 -0.12 -18.75 5.87
C LYS H 18 1.26 -18.43 6.43
N GLU H 19 1.59 -17.13 6.51
CA GLU H 19 2.87 -16.72 7.05
C GLU H 19 3.03 -17.16 8.50
N MET H 20 1.96 -17.05 9.29
CA MET H 20 2.03 -17.49 10.68
C MET H 20 2.19 -19.00 10.78
N LEU H 21 1.47 -19.74 9.94
CA LEU H 21 1.59 -21.20 9.97
C LEU H 21 3.00 -21.65 9.60
N LEU H 22 3.61 -20.99 8.61
CA LEU H 22 4.99 -21.32 8.27
C LEU H 22 5.94 -21.03 9.42
N PHE H 23 5.70 -19.92 10.14
CA PHE H 23 6.58 -19.55 11.24
C PHE H 23 6.49 -20.55 12.39
N LEU H 24 5.28 -21.02 12.71
CA LEU H 24 5.11 -21.90 13.87
C LEU H 24 5.78 -23.25 13.67
N CYS H 25 5.92 -23.71 12.42
CA CYS H 25 6.52 -24.99 12.12
C CYS H 25 8.01 -24.89 11.81
N ARG H 26 8.64 -23.75 12.10
CA ARG H 26 10.07 -23.59 11.83
C ARG H 26 10.93 -24.52 12.66
N ASP H 27 10.45 -24.96 13.83
CA ASP H 27 11.25 -25.82 14.70
C ASP H 27 10.98 -27.30 14.48
N VAL H 28 9.97 -27.66 13.70
CA VAL H 28 9.71 -29.06 13.35
C VAL H 28 10.20 -29.38 11.95
N ALA H 29 10.61 -28.37 11.19
CA ALA H 29 11.08 -28.56 9.82
C ALA H 29 12.43 -27.89 9.61
N ILE H 30 13.25 -27.80 10.66
CA ILE H 30 14.53 -27.09 10.58
C ILE H 30 15.39 -27.61 9.43
N ASP H 31 15.24 -28.89 9.09
CA ASP H 31 15.98 -29.50 7.98
C ASP H 31 15.37 -29.20 6.61
N VAL H 32 14.51 -28.17 6.50
CA VAL H 32 13.95 -27.76 5.22
C VAL H 32 13.31 -26.38 5.35
N VAL H 33 13.43 -25.57 4.31
CA VAL H 33 12.75 -24.28 4.31
C VAL H 33 11.54 -24.41 3.38
N PRO H 34 10.33 -24.62 3.91
CA PRO H 34 9.18 -24.80 3.02
C PRO H 34 8.83 -23.51 2.31
N PRO H 35 8.57 -23.55 1.00
CA PRO H 35 8.24 -22.31 0.29
C PRO H 35 6.86 -21.78 0.63
N ASN H 36 5.87 -22.66 0.75
CA ASN H 36 4.50 -22.25 1.04
C ASN H 36 3.89 -23.24 2.03
N VAL H 37 2.61 -23.01 2.34
CA VAL H 37 1.95 -23.80 3.38
C VAL H 37 1.63 -25.21 2.87
N ARG H 38 1.22 -25.32 1.61
CA ARG H 38 0.90 -26.63 1.06
C ARG H 38 2.12 -27.55 1.11
N ASP H 39 3.29 -27.04 0.68
CA ASP H 39 4.50 -27.84 0.73
C ASP H 39 4.89 -28.17 2.16
N LEU H 40 4.69 -27.23 3.09
CA LEU H 40 5.00 -27.48 4.49
C LEU H 40 4.15 -28.62 5.04
N LEU H 41 2.84 -28.57 4.79
CA LEU H 41 1.96 -29.61 5.29
C LEU H 41 2.24 -30.95 4.61
N ASP H 42 2.58 -30.92 3.31
CA ASP H 42 2.95 -32.15 2.63
C ASP H 42 4.21 -32.77 3.24
N ILE H 43 5.21 -31.93 3.54
CA ILE H 43 6.44 -32.43 4.15
C ILE H 43 6.14 -33.01 5.53
N LEU H 44 5.31 -32.33 6.31
CA LEU H 44 4.96 -32.82 7.64
C LEU H 44 4.21 -34.15 7.55
N ARG H 45 3.38 -34.31 6.51
CA ARG H 45 2.62 -35.54 6.35
C ARG H 45 3.52 -36.69 5.92
N GLU H 46 4.52 -36.41 5.07
CA GLU H 46 5.43 -37.46 4.64
C GLU H 46 6.26 -37.99 5.80
N ARG H 47 6.73 -37.10 6.68
CA ARG H 47 7.55 -37.46 7.83
C ARG H 47 6.73 -38.04 8.97
N GLY H 48 5.41 -38.13 8.84
CA GLY H 48 4.57 -38.64 9.89
C GLY H 48 4.30 -37.66 11.01
N LYS H 49 4.61 -36.39 10.81
CA LYS H 49 4.39 -35.36 11.82
C LYS H 49 3.14 -34.53 11.56
N LEU H 50 2.29 -34.94 10.61
CA LEU H 50 1.02 -34.27 10.33
C LEU H 50 -0.09 -35.30 10.40
N SER H 51 -0.47 -35.68 11.62
CA SER H 51 -1.64 -36.52 11.82
C SER H 51 -2.87 -35.63 11.86
N VAL H 52 -4.02 -36.17 12.24
CA VAL H 52 -5.20 -35.35 12.45
C VAL H 52 -4.99 -34.43 13.64
N GLY H 53 -4.38 -34.95 14.71
CA GLY H 53 -4.14 -34.13 15.89
C GLY H 53 -3.15 -33.01 15.64
N ASP H 54 -2.15 -33.24 14.81
CA ASP H 54 -1.19 -32.18 14.52
C ASP H 54 -1.83 -31.05 13.73
N LEU H 55 -2.62 -31.38 12.71
CA LEU H 55 -3.34 -30.35 11.96
C LEU H 55 -4.35 -29.64 12.85
N ALA H 56 -4.97 -30.38 13.78
CA ALA H 56 -5.89 -29.76 14.73
C ALA H 56 -5.15 -28.77 15.62
N GLU H 57 -3.96 -29.13 16.09
CA GLU H 57 -3.15 -28.21 16.88
C GLU H 57 -2.78 -26.97 16.08
N LEU H 58 -2.41 -27.14 14.82
CA LEU H 58 -2.08 -25.99 13.98
C LEU H 58 -3.29 -25.07 13.82
N LEU H 59 -4.46 -25.65 13.52
CA LEU H 59 -5.67 -24.84 13.39
C LEU H 59 -6.05 -24.18 14.72
N TYR H 60 -5.74 -24.83 15.85
CA TYR H 60 -6.01 -24.25 17.15
C TYR H 60 -5.12 -23.06 17.41
N ARG H 61 -3.85 -23.13 16.99
CA ARG H 61 -2.94 -22.02 17.23
C ARG H 61 -3.30 -20.80 16.39
N VAL H 62 -3.87 -21.00 15.20
CA VAL H 62 -4.37 -19.88 14.40
C VAL H 62 -5.81 -19.56 14.71
N ARG H 63 -6.42 -20.23 15.69
CA ARG H 63 -7.77 -19.93 16.17
C ARG H 63 -8.79 -20.02 15.04
N ARG H 64 -8.67 -21.06 14.21
CA ARG H 64 -9.63 -21.31 13.13
C ARG H 64 -10.54 -22.47 13.52
N PHE H 65 -11.39 -22.20 14.52
CA PHE H 65 -12.27 -23.25 15.03
C PHE H 65 -13.32 -23.63 14.01
N ASP H 66 -13.68 -22.69 13.12
CA ASP H 66 -14.58 -23.03 12.02
C ASP H 66 -13.97 -24.12 11.15
N LEU H 67 -12.66 -24.07 10.92
CA LEU H 67 -11.99 -25.11 10.15
C LEU H 67 -11.87 -26.40 10.95
N LEU H 68 -11.65 -26.29 12.27
CA LEU H 68 -11.63 -27.47 13.12
C LEU H 68 -12.95 -28.23 13.03
N LYS H 69 -14.07 -27.51 13.13
CA LYS H 69 -15.37 -28.17 13.07
C LYS H 69 -15.69 -28.65 11.65
N ARG H 70 -15.42 -27.82 10.65
CA ARG H 70 -15.85 -28.11 9.29
C ARG H 70 -14.99 -29.18 8.62
N ILE H 71 -13.69 -29.16 8.83
CA ILE H 71 -12.75 -30.01 8.09
C ILE H 71 -12.34 -31.22 8.90
N LEU H 72 -11.96 -31.03 10.16
CA LEU H 72 -11.51 -32.12 11.02
C LEU H 72 -12.60 -32.63 11.94
N LYS H 73 -13.78 -32.00 11.94
CA LYS H 73 -14.91 -32.41 12.77
C LYS H 73 -14.50 -32.47 14.24
N MET H 74 -13.93 -31.38 14.73
CA MET H 74 -13.45 -31.30 16.09
C MET H 74 -13.89 -29.99 16.73
N ASP H 75 -14.04 -30.02 18.04
CA ASP H 75 -14.41 -28.86 18.85
C ASP H 75 -13.25 -28.45 19.74
N ARG H 76 -13.51 -27.49 20.64
CA ARG H 76 -12.46 -27.02 21.53
C ARG H 76 -12.01 -28.12 22.48
N LYS H 77 -12.97 -28.90 23.02
CA LYS H 77 -12.62 -29.93 23.99
C LYS H 77 -11.70 -30.97 23.37
N ALA H 78 -11.96 -31.35 22.11
CA ALA H 78 -11.17 -32.39 21.47
C ALA H 78 -9.71 -31.95 21.29
N VAL H 79 -9.51 -30.75 20.74
CA VAL H 79 -8.14 -30.29 20.50
C VAL H 79 -7.42 -30.01 21.81
N GLU H 80 -8.13 -29.50 22.81
CA GLU H 80 -7.50 -29.23 24.09
C GLU H 80 -7.10 -30.53 24.79
N THR H 81 -7.96 -31.55 24.75
CA THR H 81 -7.61 -32.84 25.33
C THR H 81 -6.47 -33.50 24.57
N HIS H 82 -6.45 -33.35 23.24
CA HIS H 82 -5.35 -33.90 22.45
C HIS H 82 -4.03 -33.23 22.84
N LEU H 83 -4.03 -31.91 23.01
CA LEU H 83 -2.82 -31.22 23.42
C LEU H 83 -2.42 -31.58 24.84
N LEU H 84 -3.39 -31.88 25.70
CA LEU H 84 -3.07 -32.29 27.07
C LEU H 84 -2.52 -33.72 27.12
N ARG H 85 -2.91 -34.57 26.17
CA ARG H 85 -2.53 -35.97 26.22
C ARG H 85 -1.23 -36.29 25.49
N ASN H 86 -0.90 -35.54 24.44
CA ASN H 86 0.22 -35.85 23.58
C ASN H 86 1.21 -34.69 23.54
N PRO H 87 2.47 -34.95 23.16
CA PRO H 87 3.43 -33.86 23.04
C PRO H 87 3.04 -32.92 21.90
N HIS H 88 3.39 -31.65 22.05
CA HIS H 88 2.97 -30.64 21.10
C HIS H 88 3.91 -30.60 19.90
N LEU H 89 3.34 -30.22 18.75
CA LEU H 89 4.14 -30.03 17.56
C LEU H 89 4.82 -28.66 17.55
N VAL H 90 4.16 -27.65 18.11
CA VAL H 90 4.68 -26.29 18.16
C VAL H 90 4.96 -25.94 19.62
N SER H 91 6.18 -25.52 19.91
CA SER H 91 6.57 -25.20 21.27
C SER H 91 5.86 -23.94 21.76
N ASP H 92 5.82 -23.79 23.09
CA ASP H 92 5.20 -22.61 23.67
C ASP H 92 5.95 -21.32 23.32
N TYR H 93 7.24 -21.44 22.98
CA TYR H 93 8.00 -20.26 22.56
C TYR H 93 7.45 -19.68 21.26
N ARG H 94 7.18 -20.55 20.27
CA ARG H 94 6.60 -20.07 19.02
C ARG H 94 5.22 -19.47 19.24
N VAL H 95 4.44 -20.07 20.14
CA VAL H 95 3.11 -19.53 20.45
C VAL H 95 3.24 -18.15 21.10
N LEU H 96 4.24 -17.99 21.98
CA LEU H 96 4.47 -16.69 22.60
C LEU H 96 4.87 -15.65 21.56
N MET H 97 5.76 -16.02 20.63
CA MET H 97 6.15 -15.09 19.58
C MET H 97 4.96 -14.69 18.72
N ALA H 98 4.11 -15.66 18.36
CA ALA H 98 2.94 -15.35 17.56
C ALA H 98 1.97 -14.47 18.32
N GLU H 99 1.82 -14.71 19.63
CA GLU H 99 0.94 -13.88 20.45
C GLU H 99 1.43 -12.45 20.49
N ILE H 100 2.74 -12.27 20.72
CA ILE H 100 3.31 -10.93 20.74
C ILE H 100 3.13 -10.24 19.39
N GLY H 101 3.27 -11.01 18.31
CA GLY H 101 3.05 -10.44 16.98
C GLY H 101 1.61 -10.00 16.78
N GLU H 102 0.66 -10.76 17.32
CA GLU H 102 -0.75 -10.41 17.16
C GLU H 102 -1.11 -9.16 17.96
N ASP H 103 -0.36 -8.87 19.03
CA ASP H 103 -0.63 -7.70 19.86
C ASP H 103 0.23 -6.50 19.47
N LEU H 104 0.74 -6.46 18.24
CA LEU H 104 1.56 -5.35 17.76
C LEU H 104 0.99 -4.85 16.44
N ASP H 105 0.73 -3.54 16.37
CA ASP H 105 0.26 -2.92 15.14
C ASP H 105 1.46 -2.48 14.29
N LYS H 106 1.16 -1.87 13.15
CA LYS H 106 2.20 -1.46 12.20
C LYS H 106 3.20 -0.52 12.86
N SER H 107 2.71 0.54 13.51
CA SER H 107 3.60 1.52 14.12
C SER H 107 4.44 0.89 15.23
N ASP H 108 3.85 -0.01 16.01
CA ASP H 108 4.59 -0.68 17.07
C ASP H 108 5.73 -1.51 16.48
N VAL H 109 5.47 -2.24 15.41
CA VAL H 109 6.51 -3.05 14.78
C VAL H 109 7.59 -2.16 14.16
N SER H 110 7.20 -1.03 13.59
CA SER H 110 8.18 -0.10 13.03
C SER H 110 9.10 0.42 14.13
N SER H 111 8.52 0.85 15.25
CA SER H 111 9.33 1.35 16.37
C SER H 111 10.21 0.25 16.94
N LEU H 112 9.70 -0.99 16.95
CA LEU H 112 10.50 -2.11 17.44
C LEU H 112 11.69 -2.37 16.53
N ILE H 113 11.48 -2.28 15.21
CA ILE H 113 12.58 -2.44 14.26
C ILE H 113 13.61 -1.33 14.44
N PHE H 114 13.14 -0.11 14.72
CA PHE H 114 14.07 1.00 14.92
C PHE H 114 14.99 0.76 16.11
N LEU H 115 14.49 0.10 17.16
CA LEU H 115 15.35 -0.20 18.30
C LEU H 115 16.36 -1.29 17.98
N MET H 116 16.00 -2.24 17.09
CA MET H 116 16.85 -3.37 16.80
C MET H 116 18.05 -3.03 15.92
N LYS H 117 17.98 -1.96 15.13
CA LYS H 117 19.08 -1.68 14.20
C LYS H 117 20.38 -1.33 14.92
N ASP H 118 20.33 -1.02 16.21
CA ASP H 118 21.57 -0.85 16.96
C ASP H 118 22.26 -2.19 17.19
N TYR H 119 21.48 -3.24 17.42
CA TYR H 119 22.03 -4.55 17.76
C TYR H 119 22.13 -5.49 16.57
N MET H 120 21.52 -5.16 15.45
CA MET H 120 21.60 -6.01 14.26
C MET H 120 21.73 -5.25 12.95
N GLY H 121 21.39 -3.96 12.89
CA GLY H 121 21.33 -3.25 11.64
C GLY H 121 19.93 -3.25 11.05
N ARG H 122 19.80 -2.62 9.90
CA ARG H 122 18.51 -2.61 9.22
C ARG H 122 18.11 -4.01 8.77
N GLY H 123 19.06 -4.79 8.27
CA GLY H 123 18.75 -6.15 7.86
C GLY H 123 17.95 -6.18 6.57
N LYS H 124 17.00 -7.10 6.50
CA LYS H 124 16.12 -7.19 5.34
C LYS H 124 15.13 -6.03 5.36
N ILE H 125 15.23 -5.14 4.38
CA ILE H 125 14.47 -3.89 4.38
C ILE H 125 13.82 -3.64 3.03
N SER H 126 13.69 -4.69 2.22
CA SER H 126 13.08 -4.51 0.90
C SER H 126 11.63 -4.07 1.01
N LYS H 127 10.91 -4.58 2.00
CA LYS H 127 9.51 -4.26 2.23
C LYS H 127 9.29 -4.00 3.71
N GLU H 128 8.10 -3.53 4.04
CA GLU H 128 7.70 -3.47 5.45
C GLU H 128 7.47 -4.88 5.98
N LYS H 129 8.26 -5.27 6.96
CA LYS H 129 8.25 -6.64 7.46
C LYS H 129 7.35 -6.75 8.69
N SER H 130 6.79 -7.93 8.88
CA SER H 130 5.97 -8.22 10.04
C SER H 130 6.85 -8.48 11.25
N PHE H 131 6.21 -8.67 12.41
CA PHE H 131 6.97 -8.98 13.62
C PHE H 131 7.63 -10.35 13.51
N LEU H 132 6.98 -11.31 12.85
CA LEU H 132 7.54 -12.63 12.70
C LEU H 132 8.78 -12.63 11.81
N ASP H 133 8.82 -11.76 10.78
CA ASP H 133 10.02 -11.64 9.98
C ASP H 133 11.19 -11.13 10.82
N LEU H 134 10.91 -10.16 11.70
CA LEU H 134 11.94 -9.67 12.60
C LEU H 134 12.40 -10.77 13.55
N VAL H 135 11.48 -11.59 14.03
CA VAL H 135 11.84 -12.71 14.91
C VAL H 135 12.72 -13.70 14.17
N VAL H 136 12.40 -13.98 12.90
CA VAL H 136 13.21 -14.89 12.11
C VAL H 136 14.62 -14.33 11.92
N GLU H 137 14.72 -13.02 11.64
CA GLU H 137 16.04 -12.41 11.48
C GLU H 137 16.84 -12.50 12.79
N LEU H 138 16.19 -12.23 13.92
CA LEU H 138 16.88 -12.30 15.20
C LEU H 138 17.29 -13.73 15.53
N GLU H 139 16.48 -14.71 15.14
CA GLU H 139 16.85 -16.10 15.33
C GLU H 139 18.06 -16.47 14.46
N LYS H 140 18.06 -16.03 13.20
CA LYS H 140 19.21 -16.26 12.33
C LYS H 140 20.46 -15.54 12.83
N LEU H 141 20.30 -14.56 13.74
CA LEU H 141 21.44 -13.86 14.30
C LEU H 141 21.71 -14.26 15.75
N ASN H 142 21.07 -15.32 16.25
CA ASN H 142 21.26 -15.79 17.62
C ASN H 142 21.00 -14.69 18.64
N LEU H 143 19.96 -13.89 18.40
CA LEU H 143 19.57 -12.83 19.30
C LEU H 143 18.31 -13.11 20.09
N VAL H 144 17.50 -14.09 19.67
CA VAL H 144 16.33 -14.50 20.41
C VAL H 144 16.25 -16.03 20.40
N ALA H 145 15.77 -16.60 21.50
CA ALA H 145 15.68 -18.03 21.68
C ALA H 145 14.77 -18.30 22.88
N PRO H 146 14.22 -19.51 23.00
CA PRO H 146 13.37 -19.82 24.16
C PRO H 146 14.06 -19.56 25.50
N ASP H 147 15.38 -19.67 25.56
CA ASP H 147 16.15 -19.35 26.75
C ASP H 147 16.86 -18.01 26.67
N GLN H 148 16.49 -17.16 25.69
CA GLN H 148 17.17 -15.89 25.47
C GLN H 148 16.12 -14.88 25.00
N LEU H 149 15.43 -14.26 25.97
CA LEU H 149 14.37 -13.29 25.69
C LEU H 149 14.63 -11.92 26.30
N ASP H 150 15.80 -11.69 26.90
CA ASP H 150 16.04 -10.42 27.58
C ASP H 150 16.02 -9.25 26.60
N LEU H 151 16.54 -9.45 25.39
CA LEU H 151 16.59 -8.37 24.42
C LEU H 151 15.19 -7.98 23.95
N LEU H 152 14.38 -8.98 23.58
CA LEU H 152 13.01 -8.69 23.16
C LEU H 152 12.22 -8.05 24.29
N GLU H 153 12.44 -8.50 25.52
CA GLU H 153 11.75 -7.92 26.67
C GLU H 153 12.13 -6.46 26.85
N LYS H 154 13.43 -6.15 26.77
CA LYS H 154 13.87 -4.76 26.93
C LYS H 154 13.31 -3.88 25.81
N CYS H 155 13.32 -4.39 24.57
CA CYS H 155 12.85 -3.58 23.45
C CYS H 155 11.34 -3.36 23.53
N LEU H 156 10.59 -4.36 23.99
CA LEU H 156 9.16 -4.17 24.19
C LEU H 156 8.87 -3.21 25.35
N LYS H 157 9.71 -3.23 26.39
CA LYS H 157 9.55 -2.27 27.47
C LYS H 157 9.84 -0.85 27.00
N ASN H 158 10.79 -0.69 26.08
CA ASN H 158 11.17 0.64 25.62
C ASN H 158 10.14 1.26 24.69
N ILE H 159 9.30 0.46 24.05
CA ILE H 159 8.25 0.99 23.18
C ILE H 159 6.93 1.08 23.95
N HIS H 160 7.03 1.09 25.29
CA HIS H 160 5.87 1.27 26.16
C HIS H 160 4.84 0.14 26.01
N ARG H 161 5.33 -1.07 25.78
CA ARG H 161 4.47 -2.26 25.72
C ARG H 161 4.77 -3.15 26.91
N ILE H 162 4.35 -2.70 28.09
CA ILE H 162 4.66 -3.43 29.31
C ILE H 162 3.86 -4.72 29.40
N ASP H 163 2.69 -4.76 28.75
CA ASP H 163 1.88 -5.98 28.76
C ASP H 163 2.59 -7.12 28.05
N LEU H 164 3.29 -6.84 26.95
CA LEU H 164 4.05 -7.88 26.27
C LEU H 164 5.26 -8.31 27.08
N LYS H 165 5.90 -7.37 27.79
CA LYS H 165 6.94 -7.74 28.74
C LYS H 165 6.40 -8.68 29.80
N THR H 166 5.16 -8.44 30.26
CA THR H 166 4.56 -9.32 31.25
C THR H 166 4.25 -10.69 30.66
N LYS H 167 3.84 -10.73 29.38
CA LYS H 167 3.68 -12.02 28.70
C LYS H 167 5.00 -12.78 28.66
N ILE H 168 6.09 -12.09 28.35
CA ILE H 168 7.40 -12.74 28.30
C ILE H 168 7.78 -13.26 29.68
N GLN H 169 7.52 -12.48 30.73
CA GLN H 169 7.83 -12.93 32.09
C GLN H 169 6.97 -14.13 32.47
N LYS H 170 5.70 -14.14 32.06
CA LYS H 170 4.82 -15.27 32.33
C LYS H 170 5.34 -16.53 31.66
N TYR H 171 5.79 -16.42 30.41
CA TYR H 171 6.39 -17.57 29.75
C TYR H 171 7.66 -18.02 30.49
N LYS H 172 8.46 -17.06 30.95
CA LYS H 172 9.69 -17.39 31.66
C LYS H 172 9.40 -18.17 32.93
N GLN H 173 8.36 -17.77 33.67
CA GLN H 173 8.00 -18.48 34.89
C GLN H 173 7.34 -19.82 34.61
N SER H 174 6.79 -20.01 33.41
CA SER H 174 6.15 -21.28 33.07
C SER H 174 7.16 -22.41 32.92
N VAL H 175 8.43 -22.11 32.73
CA VAL H 175 9.45 -23.13 32.61
C VAL H 175 10.03 -23.47 33.98
N MET I 1 -26.06 -20.59 5.44
CA MET I 1 -26.20 -19.53 6.43
C MET I 1 -26.24 -18.16 5.76
N ASP I 2 -26.69 -18.12 4.51
CA ASP I 2 -26.82 -16.86 3.79
C ASP I 2 -27.65 -15.81 4.51
N PRO I 3 -28.76 -16.15 5.19
CA PRO I 3 -29.45 -15.11 5.98
C PRO I 3 -28.59 -14.51 7.08
N PHE I 4 -27.77 -15.31 7.75
CA PHE I 4 -26.89 -14.75 8.78
C PHE I 4 -25.84 -13.84 8.16
N LEU I 5 -25.33 -14.21 6.99
CA LEU I 5 -24.37 -13.35 6.31
C LEU I 5 -25.01 -12.03 5.89
N VAL I 6 -26.25 -12.08 5.40
CA VAL I 6 -26.90 -10.83 5.00
C VAL I 6 -27.25 -9.99 6.23
N LEU I 7 -27.54 -10.63 7.35
CA LEU I 7 -27.76 -9.89 8.60
C LEU I 7 -26.49 -9.18 9.04
N LEU I 8 -25.36 -9.89 9.02
CA LEU I 8 -24.09 -9.27 9.37
C LEU I 8 -23.75 -8.13 8.42
N GLY I 9 -24.03 -8.31 7.12
CA GLY I 9 -23.77 -7.24 6.17
C GLY I 9 -24.64 -6.03 6.40
N SER I 10 -25.92 -6.24 6.74
CA SER I 10 -26.81 -5.13 7.04
C SER I 10 -26.36 -4.38 8.28
N VAL I 11 -25.97 -5.12 9.32
CA VAL I 11 -25.48 -4.48 10.55
C VAL I 11 -24.21 -3.70 10.28
N SER I 12 -23.33 -4.25 9.45
CA SER I 12 -22.08 -3.56 9.11
C SER I 12 -22.34 -2.30 8.31
N SER I 13 -23.31 -2.35 7.39
CA SER I 13 -23.61 -1.18 6.58
C SER I 13 -24.21 -0.05 7.41
N SER I 14 -24.90 -0.38 8.50
CA SER I 14 -25.53 0.60 9.37
C SER I 14 -24.61 1.08 10.49
N LEU I 15 -23.30 1.06 10.28
CA LEU I 15 -22.33 1.47 11.28
C LEU I 15 -21.44 2.57 10.74
N SER I 16 -20.90 3.36 11.65
CA SER I 16 -20.02 4.49 11.32
C SER I 16 -18.58 4.16 11.71
N SER I 17 -17.67 5.01 11.28
CA SER I 17 -16.26 4.82 11.59
C SER I 17 -16.02 4.87 13.10
N SER I 18 -16.66 5.81 13.79
CA SER I 18 -16.53 5.88 15.24
C SER I 18 -17.11 4.64 15.92
N GLU I 19 -18.28 4.20 15.45
CA GLU I 19 -18.84 2.96 15.97
C GLU I 19 -17.93 1.77 15.67
N LEU I 20 -17.25 1.79 14.52
CA LEU I 20 -16.31 0.73 14.20
C LEU I 20 -15.13 0.72 15.16
N THR I 21 -14.59 1.90 15.48
CA THR I 21 -13.50 1.97 16.45
C THR I 21 -13.95 1.53 17.84
N GLU I 22 -15.19 1.87 18.20
CA GLU I 22 -15.72 1.41 19.49
C GLU I 22 -15.85 -0.11 19.53
N LEU I 23 -16.35 -0.71 18.45
CA LEU I 23 -16.44 -2.16 18.38
C LEU I 23 -15.05 -2.80 18.41
N LYS I 24 -14.08 -2.19 17.75
CA LYS I 24 -12.70 -2.69 17.80
C LYS I 24 -12.19 -2.69 19.23
N PHE I 25 -12.39 -1.59 19.95
CA PHE I 25 -11.97 -1.53 21.35
C PHE I 25 -12.67 -2.60 22.17
N LEU I 26 -13.97 -2.82 21.92
CA LEU I 26 -14.71 -3.81 22.69
C LEU I 26 -14.24 -5.22 22.40
N CYS I 27 -13.80 -5.50 21.18
CA CYS I 27 -13.36 -6.83 20.79
C CYS I 27 -11.86 -7.02 20.91
N LEU I 28 -11.16 -6.13 21.63
CA LEU I 28 -9.72 -6.24 21.75
C LEU I 28 -9.32 -7.50 22.53
N GLY I 29 -10.14 -7.92 23.48
CA GLY I 29 -9.84 -9.13 24.23
C GLY I 29 -9.99 -10.40 23.44
N ARG I 30 -10.80 -10.38 22.37
CA ARG I 30 -11.03 -11.56 21.55
C ARG I 30 -10.29 -11.53 20.22
N VAL I 31 -9.90 -10.36 19.75
CA VAL I 31 -9.17 -10.21 18.49
C VAL I 31 -7.93 -9.37 18.76
N GLY I 32 -6.80 -9.80 18.22
CA GLY I 32 -5.54 -9.12 18.46
C GLY I 32 -5.53 -7.69 17.92
N LYS I 33 -4.50 -6.96 18.30
CA LYS I 33 -4.35 -5.58 17.84
C LYS I 33 -4.06 -5.52 16.34
N ARG I 34 -3.21 -6.42 15.83
CA ARG I 34 -2.86 -6.40 14.42
C ARG I 34 -4.07 -6.76 13.56
N LYS I 35 -4.82 -7.80 13.94
CA LYS I 35 -6.01 -8.17 13.19
C LYS I 35 -7.04 -7.06 13.22
N LEU I 36 -7.17 -6.38 14.36
CA LEU I 36 -8.09 -5.26 14.46
C LEU I 36 -7.67 -4.10 13.58
N GLU I 37 -6.36 -3.88 13.43
CA GLU I 37 -5.87 -2.86 12.51
C GLU I 37 -6.22 -3.21 11.06
N ARG I 38 -6.35 -4.50 10.75
CA ARG I 38 -6.72 -4.93 9.41
C ARG I 38 -8.20 -4.77 9.13
N VAL I 39 -9.02 -4.55 10.17
CA VAL I 39 -10.47 -4.45 9.99
C VAL I 39 -10.82 -3.08 9.45
N GLN I 40 -11.59 -3.06 8.35
CA GLN I 40 -12.02 -1.81 7.73
C GLN I 40 -13.53 -1.65 7.71
N SER I 41 -14.29 -2.59 8.25
CA SER I 41 -15.74 -2.50 8.28
C SER I 41 -16.26 -3.45 9.36
N GLY I 42 -17.54 -3.32 9.66
CA GLY I 42 -18.14 -4.23 10.63
C GLY I 42 -18.15 -5.67 10.16
N LEU I 43 -18.29 -5.88 8.85
CA LEU I 43 -18.34 -7.23 8.32
C LEU I 43 -16.99 -7.94 8.48
N ASP I 44 -15.89 -7.20 8.39
CA ASP I 44 -14.57 -7.80 8.60
C ASP I 44 -14.43 -8.32 10.02
N LEU I 45 -14.78 -7.49 11.01
CA LEU I 45 -14.70 -7.92 12.41
C LEU I 45 -15.67 -9.07 12.68
N PHE I 46 -16.87 -9.02 12.10
CA PHE I 46 -17.82 -10.10 12.31
C PHE I 46 -17.32 -11.40 11.69
N SER I 47 -16.64 -11.32 10.54
CA SER I 47 -16.07 -12.51 9.93
C SER I 47 -14.96 -13.09 10.78
N MET I 48 -14.09 -12.22 11.32
CA MET I 48 -13.04 -12.69 12.21
C MET I 48 -13.62 -13.36 13.45
N LEU I 49 -14.70 -12.81 14.00
CA LEU I 49 -15.35 -13.44 15.14
C LEU I 49 -16.03 -14.75 14.76
N LEU I 50 -16.54 -14.84 13.53
CA LEU I 50 -17.17 -16.07 13.07
C LEU I 50 -16.15 -17.19 12.87
N GLU I 51 -14.95 -16.84 12.42
CA GLU I 51 -13.89 -17.83 12.26
C GLU I 51 -13.42 -18.40 13.60
N GLN I 52 -13.65 -17.68 14.69
CA GLN I 52 -13.22 -18.10 16.01
C GLN I 52 -14.35 -18.72 16.83
N ASN I 53 -15.52 -18.93 16.21
CA ASN I 53 -16.72 -19.46 16.86
C ASN I 53 -17.22 -18.60 18.01
N ASP I 54 -16.65 -17.40 18.19
CA ASP I 54 -17.20 -16.46 19.17
C ASP I 54 -18.57 -15.95 18.75
N LEU I 55 -18.90 -16.02 17.46
CA LEU I 55 -20.19 -15.60 16.95
C LEU I 55 -20.67 -16.63 15.93
N GLU I 56 -21.76 -17.30 16.25
CA GLU I 56 -22.37 -18.31 15.39
C GLU I 56 -23.80 -17.91 15.06
N PRO I 57 -24.35 -18.42 13.96
CA PRO I 57 -25.77 -18.14 13.68
C PRO I 57 -26.71 -18.67 14.74
N GLY I 58 -26.32 -19.72 15.45
CA GLY I 58 -27.06 -20.24 16.58
C GLY I 58 -26.57 -19.77 17.93
N HIS I 59 -25.57 -18.87 17.96
CA HIS I 59 -25.03 -18.32 19.19
C HIS I 59 -24.70 -16.84 18.94
N THR I 60 -25.74 -16.02 18.87
CA THR I 60 -25.59 -14.59 18.60
C THR I 60 -25.36 -13.76 19.85
N GLU I 61 -24.96 -14.39 20.96
CA GLU I 61 -24.81 -13.67 22.21
C GLU I 61 -23.79 -12.53 22.10
N LEU I 62 -22.67 -12.79 21.41
CA LEU I 62 -21.64 -11.76 21.29
C LEU I 62 -22.13 -10.59 20.44
N LEU I 63 -22.82 -10.87 19.34
CA LEU I 63 -23.32 -9.80 18.49
C LEU I 63 -24.35 -8.95 19.22
N ARG I 64 -25.29 -9.60 19.91
CA ARG I 64 -26.30 -8.85 20.65
C ARG I 64 -25.66 -8.05 21.78
N GLU I 65 -24.64 -8.61 22.44
CA GLU I 65 -23.96 -7.87 23.50
C GLU I 65 -23.23 -6.65 22.95
N LEU I 66 -22.54 -6.82 21.82
CA LEU I 66 -21.84 -5.69 21.21
C LEU I 66 -22.81 -4.60 20.77
N LEU I 67 -23.96 -4.99 20.20
CA LEU I 67 -24.94 -3.99 19.79
C LEU I 67 -25.62 -3.33 20.98
N ALA I 68 -25.78 -4.07 22.09
CA ALA I 68 -26.36 -3.48 23.30
C ALA I 68 -25.39 -2.49 23.92
N SER I 69 -24.09 -2.77 23.86
CA SER I 69 -23.10 -1.82 24.33
C SER I 69 -23.19 -0.52 23.55
N LEU I 70 -23.21 -0.61 22.22
CA LEU I 70 -23.33 0.56 21.36
C LEU I 70 -24.71 1.20 21.41
N ARG I 71 -25.64 0.66 22.20
CA ARG I 71 -27.00 1.19 22.34
C ARG I 71 -27.74 1.24 21.01
N ARG I 72 -27.32 0.43 20.04
CA ARG I 72 -27.97 0.38 18.73
C ARG I 72 -29.13 -0.61 18.81
N HIS I 73 -30.24 -0.16 19.39
CA HIS I 73 -31.39 -1.03 19.59
C HIS I 73 -32.10 -1.36 18.27
N ASP I 74 -31.94 -0.55 17.24
CA ASP I 74 -32.49 -0.90 15.93
C ASP I 74 -31.77 -2.10 15.33
N LEU I 75 -30.44 -2.13 15.46
CA LEU I 75 -29.70 -3.32 15.02
C LEU I 75 -30.02 -4.53 15.88
N LEU I 76 -30.31 -4.31 17.17
CA LEU I 76 -30.80 -5.40 18.02
C LEU I 76 -32.14 -5.92 17.51
N ARG I 77 -33.01 -5.02 17.04
CA ARG I 77 -34.28 -5.46 16.47
C ARG I 77 -34.05 -6.23 15.16
N ARG I 78 -33.07 -5.82 14.37
CA ARG I 78 -32.70 -6.58 13.19
C ARG I 78 -32.26 -7.99 13.56
N VAL I 79 -31.41 -8.11 14.58
CA VAL I 79 -30.95 -9.41 15.03
C VAL I 79 -32.13 -10.25 15.52
N ASP I 80 -33.05 -9.63 16.26
CA ASP I 80 -34.22 -10.36 16.75
C ASP I 80 -35.11 -10.84 15.61
N ASP I 81 -35.30 -10.00 14.59
CA ASP I 81 -36.05 -10.42 13.41
C ASP I 81 -35.35 -11.57 12.70
N PHE I 82 -34.02 -11.60 12.73
CA PHE I 82 -33.29 -12.76 12.23
C PHE I 82 -33.57 -14.00 13.06
N GLU I 83 -33.65 -13.84 14.39
CA GLU I 83 -33.91 -14.98 15.27
C GLU I 83 -35.28 -15.61 15.01
N ALA I 84 -36.20 -14.87 14.40
CA ALA I 84 -37.54 -15.39 14.12
C ALA I 84 -37.50 -16.52 13.09
N ASP J 2 -0.09 -2.38 -42.97
CA ASP J 2 -0.20 -1.46 -41.84
C ASP J 2 -1.25 -1.94 -40.83
N PHE J 3 -1.86 -3.07 -41.13
CA PHE J 3 -2.80 -3.68 -40.19
C PHE J 3 -2.11 -4.01 -38.87
N SER J 4 -0.93 -4.62 -38.94
CA SER J 4 -0.18 -4.95 -37.73
C SER J 4 0.26 -3.69 -37.01
N ARG J 5 0.64 -2.64 -37.76
CA ARG J 5 0.99 -1.37 -37.13
C ARG J 5 -0.21 -0.76 -36.41
N ASN J 6 -1.40 -0.87 -37.01
CA ASN J 6 -2.60 -0.38 -36.35
C ASN J 6 -2.89 -1.15 -35.07
N LEU J 7 -2.77 -2.48 -35.13
CA LEU J 7 -2.97 -3.29 -33.92
C LEU J 7 -1.96 -2.91 -32.84
N TYR J 8 -0.71 -2.69 -33.22
CA TYR J 8 0.32 -2.32 -32.25
C TYR J 8 0.02 -0.95 -31.63
N ASP J 9 -0.42 0.00 -32.44
CA ASP J 9 -0.75 1.32 -31.91
C ASP J 9 -1.95 1.26 -30.98
N ILE J 10 -2.98 0.48 -31.35
CA ILE J 10 -4.12 0.29 -30.46
C ILE J 10 -3.67 -0.33 -29.14
N GLY J 11 -2.78 -1.32 -29.20
CA GLY J 11 -2.31 -1.95 -27.97
C GLY J 11 -1.48 -1.03 -27.11
N GLU J 12 -0.66 -0.17 -27.73
CA GLU J 12 0.17 0.74 -26.95
C GLU J 12 -0.67 1.77 -26.20
N GLN J 13 -1.87 2.07 -26.69
CA GLN J 13 -2.78 3.00 -26.03
C GLN J 13 -3.73 2.30 -25.07
N LEU J 14 -3.43 1.06 -24.69
CA LEU J 14 -4.28 0.25 -23.83
C LEU J 14 -3.56 -0.01 -22.52
N ASP J 15 -4.25 0.23 -21.40
CA ASP J 15 -3.68 0.06 -20.08
C ASP J 15 -3.86 -1.38 -19.62
N SER J 16 -3.39 -1.69 -18.42
CA SER J 16 -3.53 -3.05 -17.90
C SER J 16 -4.96 -3.34 -17.48
N GLU J 17 -5.65 -2.31 -16.96
CA GLU J 17 -7.05 -2.46 -16.59
C GLU J 17 -7.91 -2.68 -17.83
N ASP J 18 -7.67 -1.88 -18.87
CA ASP J 18 -8.36 -2.09 -20.14
C ASP J 18 -8.08 -3.48 -20.69
N LEU J 19 -6.86 -3.97 -20.52
CA LEU J 19 -6.51 -5.31 -20.98
C LEU J 19 -7.29 -6.37 -20.21
N ALA J 20 -7.39 -6.21 -18.89
CA ALA J 20 -8.17 -7.16 -18.09
C ALA J 20 -9.64 -7.14 -18.50
N SER J 21 -10.18 -5.95 -18.77
CA SER J 21 -11.56 -5.85 -19.22
C SER J 21 -11.75 -6.55 -20.56
N LEU J 22 -10.81 -6.37 -21.48
CA LEU J 22 -10.91 -7.01 -22.78
C LEU J 22 -10.79 -8.53 -22.65
N LYS J 23 -9.90 -9.01 -21.79
CA LYS J 23 -9.77 -10.44 -21.57
C LYS J 23 -11.05 -11.03 -20.98
N PHE J 24 -11.69 -10.30 -20.06
CA PHE J 24 -12.95 -10.78 -19.51
C PHE J 24 -14.04 -10.83 -20.58
N LEU J 25 -14.14 -9.77 -21.39
CA LEU J 25 -15.16 -9.76 -22.43
C LEU J 25 -14.90 -10.76 -23.54
N SER J 26 -13.69 -11.32 -23.62
CA SER J 26 -13.35 -12.33 -24.60
C SER J 26 -13.29 -13.73 -23.98
N LEU J 27 -13.86 -13.90 -22.79
CA LEU J 27 -13.78 -15.18 -22.08
C LEU J 27 -14.53 -16.28 -22.82
N ASP J 28 -15.64 -15.95 -23.47
CA ASP J 28 -16.42 -16.96 -24.17
C ASP J 28 -15.73 -17.49 -25.42
N TYR J 29 -14.57 -16.92 -25.79
CA TYR J 29 -13.85 -17.34 -26.98
C TYR J 29 -12.41 -17.73 -26.72
N ILE J 30 -11.81 -17.30 -25.61
CA ILE J 30 -10.45 -17.64 -25.25
C ILE J 30 -10.47 -18.28 -23.87
N PRO J 31 -10.10 -19.55 -23.72
CA PRO J 31 -10.19 -20.21 -22.42
C PRO J 31 -9.14 -19.68 -21.45
N GLN J 32 -9.28 -20.11 -20.19
CA GLN J 32 -8.45 -19.57 -19.12
C GLN J 32 -6.96 -19.90 -19.31
N ARG J 33 -6.65 -21.11 -19.75
CA ARG J 33 -5.24 -21.50 -19.88
C ARG J 33 -4.52 -20.62 -20.89
N LYS J 34 -5.16 -20.34 -22.03
CA LYS J 34 -4.56 -19.44 -23.02
C LYS J 34 -4.68 -17.98 -22.62
N GLN J 35 -5.60 -17.65 -21.71
CA GLN J 35 -5.81 -16.27 -21.27
C GLN J 35 -4.82 -15.84 -20.19
N GLU J 36 -4.36 -16.78 -19.37
CA GLU J 36 -3.46 -16.43 -18.26
C GLU J 36 -2.21 -15.69 -18.71
N PRO J 37 -1.47 -16.12 -19.74
CA PRO J 37 -0.25 -15.41 -20.11
C PRO J 37 -0.50 -14.09 -20.84
N ILE J 38 -1.75 -13.73 -21.10
CA ILE J 38 -2.05 -12.50 -21.82
C ILE J 38 -1.76 -11.31 -20.90
N LYS J 39 -0.58 -10.73 -21.06
CA LYS J 39 -0.17 -9.55 -20.32
C LYS J 39 0.06 -8.36 -21.25
N ASP J 40 -0.38 -8.47 -22.50
CA ASP J 40 -0.28 -7.38 -23.45
C ASP J 40 -1.45 -7.48 -24.43
N ALA J 41 -1.78 -6.35 -25.04
CA ALA J 41 -2.90 -6.33 -25.98
C ALA J 41 -2.59 -7.14 -27.23
N LEU J 42 -1.36 -7.00 -27.73
CA LEU J 42 -0.95 -7.71 -28.95
C LEU J 42 -1.15 -9.22 -28.81
N MET J 43 -0.95 -9.77 -27.62
CA MET J 43 -1.14 -11.20 -27.42
C MET J 43 -2.61 -11.59 -27.57
N LEU J 44 -3.51 -10.79 -26.97
CA LEU J 44 -4.94 -11.00 -27.16
C LEU J 44 -5.32 -10.92 -28.63
N PHE J 45 -4.86 -9.86 -29.30
CA PHE J 45 -5.11 -9.70 -30.73
C PHE J 45 -4.65 -10.92 -31.53
N GLN J 46 -3.44 -11.40 -31.25
CA GLN J 46 -2.92 -12.58 -31.94
C GLN J 46 -3.82 -13.79 -31.70
N ARG J 47 -4.20 -14.04 -30.44
CA ARG J 47 -5.07 -15.16 -30.13
C ARG J 47 -6.38 -15.06 -30.91
N LEU J 48 -6.94 -13.84 -31.00
CA LEU J 48 -8.15 -13.64 -31.79
C LEU J 48 -7.90 -13.94 -33.26
N GLN J 49 -6.71 -13.57 -33.76
CA GLN J 49 -6.34 -13.87 -35.15
C GLN J 49 -6.24 -15.36 -35.38
N GLU J 50 -5.93 -16.12 -34.33
CA GLU J 50 -5.82 -17.58 -34.48
C GLU J 50 -7.19 -18.24 -34.58
N LYS J 51 -8.23 -17.60 -34.05
CA LYS J 51 -9.61 -18.08 -34.17
C LYS J 51 -10.36 -17.37 -35.30
N ARG J 52 -9.65 -16.61 -36.14
CA ARG J 52 -10.24 -15.90 -37.27
C ARG J 52 -11.31 -14.89 -36.84
N MET J 53 -11.23 -14.42 -35.60
CA MET J 53 -12.11 -13.37 -35.12
C MET J 53 -11.54 -11.98 -35.35
N LEU J 54 -10.29 -11.89 -35.78
CA LEU J 54 -9.66 -10.61 -36.11
C LEU J 54 -8.80 -10.82 -37.34
N GLU J 55 -9.16 -10.19 -38.45
CA GLU J 55 -8.40 -10.26 -39.69
C GLU J 55 -8.39 -8.87 -40.33
N GLU J 56 -7.60 -8.73 -41.39
CA GLU J 56 -7.48 -7.45 -42.07
C GLU J 56 -8.82 -6.94 -42.59
N SER J 57 -9.78 -7.84 -42.83
CA SER J 57 -11.10 -7.49 -43.32
C SER J 57 -12.19 -7.67 -42.28
N ASN J 58 -11.91 -8.31 -41.15
CA ASN J 58 -12.90 -8.57 -40.11
C ASN J 58 -12.43 -7.87 -38.84
N LEU J 59 -12.88 -6.62 -38.68
CA LEU J 59 -12.61 -5.83 -37.49
C LEU J 59 -13.81 -5.77 -36.55
N SER J 60 -14.86 -6.55 -36.83
CA SER J 60 -16.12 -6.42 -36.10
C SER J 60 -15.92 -6.71 -34.62
N PHE J 61 -15.20 -7.78 -34.29
CA PHE J 61 -15.02 -8.14 -32.89
C PHE J 61 -14.13 -7.13 -32.17
N LEU J 62 -13.10 -6.61 -32.85
CA LEU J 62 -12.26 -5.58 -32.26
C LEU J 62 -13.06 -4.30 -31.99
N LYS J 63 -13.90 -3.91 -32.95
CA LYS J 63 -14.75 -2.74 -32.75
C LYS J 63 -15.71 -2.95 -31.58
N GLU J 64 -16.31 -4.14 -31.50
CA GLU J 64 -17.21 -4.44 -30.39
C GLU J 64 -16.49 -4.38 -29.05
N LEU J 65 -15.28 -4.95 -28.99
CA LEU J 65 -14.50 -4.91 -27.75
C LEU J 65 -14.19 -3.48 -27.35
N LEU J 66 -13.62 -2.70 -28.27
CA LEU J 66 -13.25 -1.33 -27.94
C LEU J 66 -14.46 -0.45 -27.64
N PHE J 67 -15.64 -0.81 -28.17
CA PHE J 67 -16.84 -0.05 -27.84
C PHE J 67 -17.35 -0.40 -26.44
N ARG J 68 -17.27 -1.67 -26.05
CA ARG J 68 -17.79 -2.07 -24.75
C ARG J 68 -16.91 -1.55 -23.61
N ILE J 69 -15.62 -1.32 -23.86
CA ILE J 69 -14.72 -0.79 -22.82
C ILE J 69 -14.76 0.73 -22.88
N ASN J 70 -15.66 1.27 -23.71
CA ASN J 70 -15.86 2.71 -23.82
C ASN J 70 -14.57 3.42 -24.25
N ARG J 71 -13.79 2.76 -25.10
CA ARG J 71 -12.60 3.36 -25.68
C ARG J 71 -12.93 3.91 -27.08
N LEU J 72 -13.87 4.85 -27.08
CA LEU J 72 -14.35 5.42 -28.33
C LEU J 72 -13.27 6.20 -29.06
N ASP J 73 -12.30 6.74 -28.31
CA ASP J 73 -11.20 7.46 -28.96
C ASP J 73 -10.42 6.54 -29.90
N LEU J 74 -10.08 5.35 -29.42
CA LEU J 74 -9.35 4.40 -30.26
C LEU J 74 -10.20 3.95 -31.44
N LEU J 75 -11.49 3.74 -31.19
CA LEU J 75 -12.42 3.37 -32.27
C LEU J 75 -12.41 4.41 -33.38
N ILE J 76 -12.57 5.69 -33.02
CA ILE J 76 -12.68 6.73 -34.03
C ILE J 76 -11.33 6.97 -34.72
N THR J 77 -10.22 6.87 -33.98
CA THR J 77 -8.95 7.22 -34.59
C THR J 77 -8.36 6.08 -35.42
N TYR J 78 -8.32 4.86 -34.88
CA TYR J 78 -7.62 3.77 -35.54
C TYR J 78 -8.55 2.83 -36.31
N LEU J 79 -9.81 2.73 -35.92
CA LEU J 79 -10.77 1.86 -36.59
C LEU J 79 -11.77 2.61 -37.45
N ASN J 80 -11.75 3.94 -37.43
CA ASN J 80 -12.60 4.78 -38.29
C ASN J 80 -14.09 4.46 -38.09
N THR J 81 -14.51 4.36 -36.83
CA THR J 81 -15.90 4.06 -36.52
C THR J 81 -16.38 4.99 -35.42
N ARG J 82 -17.54 5.59 -35.62
CA ARG J 82 -18.13 6.51 -34.65
C ARG J 82 -18.95 5.75 -33.62
N LYS J 83 -19.36 6.46 -32.56
CA LYS J 83 -20.14 5.83 -31.50
C LYS J 83 -21.54 5.47 -31.98
N GLU J 84 -22.20 6.40 -32.69
CA GLU J 84 -23.55 6.13 -33.18
C GLU J 84 -23.57 4.95 -34.13
N GLU J 85 -22.57 4.87 -35.02
CA GLU J 85 -22.46 3.74 -35.92
C GLU J 85 -22.46 2.42 -35.16
N MET J 86 -21.58 2.31 -34.16
CA MET J 86 -21.54 1.11 -33.33
C MET J 86 -22.87 0.83 -32.64
N GLU J 87 -23.49 1.87 -32.07
CA GLU J 87 -24.81 1.68 -31.44
C GLU J 87 -25.80 1.07 -32.43
N ARG J 88 -25.84 1.61 -33.65
CA ARG J 88 -26.75 1.10 -34.66
C ARG J 88 -26.43 -0.35 -35.01
N GLU J 89 -25.15 -0.65 -35.25
CA GLU J 89 -24.78 -2.00 -35.65
C GLU J 89 -25.00 -3.02 -34.54
N LEU J 90 -24.88 -2.60 -33.28
CA LEU J 90 -25.09 -3.49 -32.15
C LEU J 90 -26.53 -3.55 -31.71
N GLN J 91 -27.38 -2.67 -32.24
CA GLN J 91 -28.81 -2.80 -32.00
C GLN J 91 -29.43 -3.86 -32.90
N THR J 92 -28.77 -4.19 -34.01
CA THR J 92 -29.29 -5.24 -34.88
C THR J 92 -29.22 -6.60 -34.19
N PRO J 93 -30.28 -7.42 -34.29
CA PRO J 93 -30.31 -8.71 -33.60
C PRO J 93 -29.42 -9.79 -34.20
N GLY J 94 -28.20 -9.95 -33.68
CA GLY J 94 -27.39 -11.06 -34.13
C GLY J 94 -25.93 -10.76 -34.37
N ARG J 95 -25.63 -9.52 -34.75
CA ARG J 95 -24.27 -9.10 -35.06
C ARG J 95 -23.43 -8.91 -33.81
N ALA J 96 -23.97 -9.20 -32.64
CA ALA J 96 -23.24 -9.08 -31.39
C ALA J 96 -22.48 -10.38 -31.12
N GLN J 97 -21.15 -10.29 -31.04
CA GLN J 97 -20.34 -11.47 -30.77
C GLN J 97 -20.09 -11.65 -29.28
N ILE J 98 -20.11 -10.58 -28.51
CA ILE J 98 -20.03 -10.65 -27.05
C ILE J 98 -21.44 -10.79 -26.51
N SER J 99 -21.66 -11.79 -25.66
CA SER J 99 -22.98 -12.05 -25.12
C SER J 99 -23.44 -10.90 -24.22
N ALA J 100 -24.76 -10.70 -24.17
CA ALA J 100 -25.33 -9.68 -23.30
C ALA J 100 -25.04 -9.99 -21.84
N TYR J 101 -24.86 -11.27 -21.50
CA TYR J 101 -24.48 -11.66 -20.16
C TYR J 101 -23.10 -11.09 -19.79
N ARG J 102 -22.15 -11.18 -20.73
CA ARG J 102 -20.82 -10.63 -20.51
C ARG J 102 -20.89 -9.12 -20.30
N VAL J 103 -21.55 -8.41 -21.22
CA VAL J 103 -21.69 -6.96 -21.11
C VAL J 103 -22.31 -6.58 -19.77
N MET J 104 -23.41 -7.24 -19.40
CA MET J 104 -24.06 -7.00 -18.12
C MET J 104 -23.06 -7.13 -16.96
N LEU J 105 -22.36 -8.26 -16.89
CA LEU J 105 -21.37 -8.46 -15.83
C LEU J 105 -20.33 -7.36 -15.81
N TYR J 106 -19.80 -7.01 -16.99
CA TYR J 106 -18.78 -5.96 -17.07
C TYR J 106 -19.32 -4.62 -16.58
N GLN J 107 -20.57 -4.30 -16.93
CA GLN J 107 -21.15 -3.04 -16.48
C GLN J 107 -21.32 -3.04 -14.96
N ILE J 108 -21.70 -4.18 -14.38
CA ILE J 108 -21.75 -4.28 -12.93
C ILE J 108 -20.37 -4.02 -12.34
N SER J 109 -19.33 -4.61 -12.95
CA SER J 109 -17.97 -4.35 -12.48
C SER J 109 -17.57 -2.89 -12.66
N GLU J 110 -18.18 -2.21 -13.64
CA GLU J 110 -17.94 -0.79 -13.85
C GLU J 110 -18.67 0.08 -12.84
N GLU J 111 -19.70 -0.46 -12.18
CA GLU J 111 -20.51 0.34 -11.26
C GLU J 111 -20.25 0.00 -9.80
N VAL J 112 -19.24 -0.81 -9.52
CA VAL J 112 -18.87 -1.19 -8.17
C VAL J 112 -17.58 -0.46 -7.80
N SER J 113 -17.54 0.11 -6.60
CA SER J 113 -16.36 0.81 -6.11
C SER J 113 -15.50 -0.12 -5.27
N ARG J 114 -14.52 0.44 -4.56
CA ARG J 114 -13.59 -0.37 -3.80
C ARG J 114 -14.24 -0.91 -2.53
N SER J 115 -14.87 -0.03 -1.74
CA SER J 115 -15.59 -0.49 -0.56
C SER J 115 -16.74 -1.41 -0.95
N GLU J 116 -17.39 -1.12 -2.09
CA GLU J 116 -18.43 -2.01 -2.60
C GLU J 116 -17.84 -3.36 -2.98
N LEU J 117 -16.62 -3.38 -3.53
CA LEU J 117 -15.97 -4.64 -3.84
C LEU J 117 -15.63 -5.42 -2.58
N ARG J 118 -15.22 -4.72 -1.52
CA ARG J 118 -14.97 -5.39 -0.25
C ARG J 118 -16.23 -6.01 0.31
N SER J 119 -17.34 -5.27 0.26
CA SER J 119 -18.62 -5.81 0.72
C SER J 119 -19.05 -6.98 -0.15
N PHE J 120 -18.77 -6.92 -1.45
CA PHE J 120 -19.06 -8.03 -2.36
C PHE J 120 -18.30 -9.28 -1.94
N LYS J 121 -16.99 -9.14 -1.68
CA LYS J 121 -16.20 -10.28 -1.25
C LYS J 121 -16.71 -10.83 0.07
N GLY J 122 -17.08 -9.95 1.01
CA GLY J 122 -17.62 -10.42 2.27
C GLY J 122 -18.96 -11.12 2.12
N GLY J 123 -19.75 -10.73 1.12
CA GLY J 123 -21.03 -11.38 0.87
C GLY J 123 -20.93 -12.73 0.20
N LEU J 124 -19.74 -13.12 -0.22
CA LEU J 124 -19.51 -14.39 -0.91
C LEU J 124 -18.53 -15.26 -0.12
N GLN J 125 -18.57 -15.13 1.21
CA GLN J 125 -17.64 -15.87 2.06
C GLN J 125 -17.98 -17.35 2.08
N GLU J 126 -19.26 -17.68 2.21
CA GLU J 126 -19.67 -19.08 2.29
C GLU J 126 -19.58 -19.78 0.94
N GLU J 127 -19.53 -19.03 -0.16
CA GLU J 127 -19.57 -19.62 -1.49
C GLU J 127 -18.20 -19.69 -2.17
N ILE J 128 -17.24 -18.88 -1.75
CA ILE J 128 -15.93 -18.84 -2.37
C ILE J 128 -14.86 -19.01 -1.29
N SER J 129 -13.81 -19.76 -1.61
CA SER J 129 -12.75 -20.01 -0.64
C SER J 129 -12.03 -18.71 -0.32
N LYS J 130 -11.53 -18.62 0.92
CA LYS J 130 -10.97 -17.37 1.41
C LYS J 130 -9.75 -16.93 0.60
N CYS J 131 -8.93 -17.88 0.17
CA CYS J 131 -7.73 -17.54 -0.59
C CYS J 131 -8.06 -16.82 -1.89
N LYS J 132 -9.25 -17.06 -2.44
CA LYS J 132 -9.70 -16.41 -3.66
C LYS J 132 -10.42 -15.09 -3.41
N LEU J 133 -10.60 -14.70 -2.15
CA LEU J 133 -11.22 -13.42 -1.81
C LEU J 133 -10.18 -12.41 -1.33
N ASP J 134 -8.99 -12.46 -1.92
CA ASP J 134 -7.92 -11.56 -1.55
C ASP J 134 -8.22 -10.14 -2.02
N ASP J 135 -7.54 -9.17 -1.41
CA ASP J 135 -7.75 -7.77 -1.75
C ASP J 135 -7.23 -7.42 -3.15
N ASP J 136 -6.47 -8.31 -3.77
CA ASP J 136 -6.00 -8.10 -5.14
C ASP J 136 -6.99 -8.59 -6.19
N MET J 137 -7.95 -9.42 -5.80
CA MET J 137 -8.97 -9.87 -6.74
C MET J 137 -9.89 -8.71 -7.10
N ASN J 138 -10.19 -8.60 -8.39
CA ASN J 138 -11.17 -7.63 -8.85
C ASN J 138 -12.53 -8.32 -8.97
N LEU J 139 -13.56 -7.54 -9.32
CA LEU J 139 -14.90 -8.10 -9.37
C LEU J 139 -15.03 -9.12 -10.50
N LEU J 140 -14.30 -8.92 -11.60
CA LEU J 140 -14.36 -9.87 -12.71
C LEU J 140 -13.74 -11.20 -12.32
N ASP J 141 -12.66 -11.18 -11.55
CA ASP J 141 -12.09 -12.44 -11.06
C ASP J 141 -13.07 -13.16 -10.16
N ILE J 142 -13.83 -12.41 -9.36
CA ILE J 142 -14.85 -13.02 -8.52
C ILE J 142 -15.97 -13.61 -9.37
N PHE J 143 -16.36 -12.91 -10.44
CA PHE J 143 -17.34 -13.46 -11.37
C PHE J 143 -16.83 -14.77 -11.99
N ILE J 144 -15.55 -14.81 -12.34
CA ILE J 144 -14.97 -16.03 -12.91
C ILE J 144 -14.99 -17.15 -11.89
N GLU J 145 -14.67 -16.84 -10.64
CA GLU J 145 -14.71 -17.86 -9.59
C GLU J 145 -16.13 -18.36 -9.37
N MET J 146 -17.11 -17.46 -9.47
CA MET J 146 -18.51 -17.86 -9.36
C MET J 146 -18.92 -18.77 -10.51
N GLU J 147 -18.49 -18.45 -11.73
CA GLU J 147 -18.77 -19.30 -12.88
C GLU J 147 -18.11 -20.67 -12.74
N LYS J 148 -16.91 -20.70 -12.15
CA LYS J 148 -16.23 -21.97 -11.89
C LYS J 148 -17.10 -22.88 -11.03
N ARG J 149 -17.76 -22.31 -10.04
CA ARG J 149 -18.62 -23.05 -9.13
C ARG J 149 -20.06 -23.14 -9.61
N VAL J 150 -20.32 -22.78 -10.87
CA VAL J 150 -21.65 -22.80 -11.49
C VAL J 150 -22.67 -22.17 -10.54
N ILE J 151 -22.30 -21.05 -9.95
CA ILE J 151 -23.24 -20.27 -9.15
C ILE J 151 -23.66 -18.98 -9.86
N LEU J 152 -22.90 -18.54 -10.87
CA LEU J 152 -23.27 -17.40 -11.71
C LEU J 152 -23.36 -17.89 -13.15
N GLY J 153 -24.36 -17.43 -13.88
CA GLY J 153 -24.53 -17.85 -15.26
C GLY J 153 -25.66 -17.10 -15.92
N GLU J 154 -25.88 -17.44 -17.19
CA GLU J 154 -26.93 -16.78 -17.97
C GLU J 154 -28.32 -17.07 -17.41
N GLY J 155 -28.52 -18.27 -16.88
CA GLY J 155 -29.81 -18.61 -16.29
C GLY J 155 -29.79 -18.59 -14.78
N LYS J 156 -28.61 -18.43 -14.21
CA LYS J 156 -28.43 -18.44 -12.76
C LYS J 156 -27.91 -17.07 -12.32
N LEU J 157 -28.82 -16.25 -11.77
CA LEU J 157 -28.48 -14.92 -11.31
C LEU J 157 -28.91 -14.67 -9.87
N ASP J 158 -29.30 -15.73 -9.14
CA ASP J 158 -29.88 -15.54 -7.81
C ASP J 158 -28.86 -14.96 -6.83
N ILE J 159 -27.67 -15.57 -6.76
CA ILE J 159 -26.65 -15.10 -5.82
C ILE J 159 -26.14 -13.72 -6.24
N LEU J 160 -26.02 -13.50 -7.55
CA LEU J 160 -25.62 -12.18 -8.03
C LEU J 160 -26.62 -11.11 -7.60
N LYS J 161 -27.91 -11.38 -7.79
CA LYS J 161 -28.95 -10.46 -7.33
C LYS J 161 -28.89 -10.27 -5.83
N ARG J 162 -28.63 -11.35 -5.09
CA ARG J 162 -28.52 -11.27 -3.63
C ARG J 162 -27.44 -10.28 -3.22
N VAL J 163 -26.22 -10.48 -3.72
CA VAL J 163 -25.12 -9.62 -3.31
C VAL J 163 -25.32 -8.19 -3.79
N CYS J 164 -25.88 -8.03 -5.00
CA CYS J 164 -26.10 -6.68 -5.51
C CYS J 164 -27.14 -5.96 -4.66
N ALA J 165 -28.20 -6.65 -4.27
CA ALA J 165 -29.19 -6.05 -3.38
C ALA J 165 -28.58 -5.72 -2.04
N GLN J 166 -27.60 -6.51 -1.61
CA GLN J 166 -26.86 -6.19 -0.39
C GLN J 166 -26.09 -4.89 -0.53
N ILE J 167 -25.57 -4.59 -1.72
CA ILE J 167 -24.69 -3.43 -1.88
C ILE J 167 -25.41 -2.23 -2.50
N ASN J 168 -26.15 -2.41 -3.60
CA ASN J 168 -26.75 -1.26 -4.26
C ASN J 168 -27.97 -1.69 -5.07
N LYS J 169 -28.82 -0.71 -5.39
CA LYS J 169 -30.03 -0.99 -6.15
C LYS J 169 -29.86 -0.77 -7.64
N SER J 170 -28.91 0.07 -8.05
CA SER J 170 -28.67 0.27 -9.47
C SER J 170 -28.13 -0.99 -10.13
N LEU J 171 -27.42 -1.82 -9.36
CA LEU J 171 -26.96 -3.09 -9.89
C LEU J 171 -28.13 -4.04 -10.13
N LEU J 172 -29.11 -4.04 -9.23
CA LEU J 172 -30.33 -4.81 -9.46
C LEU J 172 -31.06 -4.30 -10.69
N LYS J 173 -31.06 -2.97 -10.89
CA LYS J 173 -31.68 -2.41 -12.09
C LYS J 173 -30.95 -2.87 -13.35
N ILE J 174 -29.62 -2.93 -13.30
CA ILE J 174 -28.85 -3.41 -14.45
C ILE J 174 -29.18 -4.87 -14.74
N ILE J 175 -29.25 -5.69 -13.69
CA ILE J 175 -29.59 -7.11 -13.86
C ILE J 175 -30.98 -7.26 -14.46
N ASN J 176 -31.94 -6.48 -13.97
CA ASN J 176 -33.31 -6.59 -14.48
C ASN J 176 -33.41 -6.07 -15.91
N ASP J 177 -32.62 -5.07 -16.28
CA ASP J 177 -32.58 -4.62 -17.67
C ASP J 177 -32.02 -5.70 -18.58
N TYR J 178 -30.96 -6.38 -18.13
CA TYR J 178 -30.44 -7.51 -18.91
C TYR J 178 -31.48 -8.62 -19.01
N GLU J 179 -32.24 -8.85 -17.93
CA GLU J 179 -33.23 -9.93 -17.93
C GLU J 179 -34.38 -9.64 -18.88
N GLU J 180 -34.90 -8.41 -18.87
CA GLU J 180 -36.00 -8.06 -19.76
C GLU J 180 -35.58 -8.13 -21.22
N PHE J 181 -34.28 -8.01 -21.50
CA PHE J 181 -33.78 -8.24 -22.85
C PHE J 181 -33.92 -9.70 -23.26
N SER J 182 -34.08 -10.62 -22.31
CA SER J 182 -34.26 -12.03 -22.60
C SER J 182 -35.69 -12.46 -22.28
#